data_6HZF
#
_entry.id   6HZF
#
_cell.length_a   69.785
_cell.length_b   106.207
_cell.length_c   138.504
_cell.angle_alpha   90.00
_cell.angle_beta   99.44
_cell.angle_gamma   90.00
#
_symmetry.space_group_name_H-M   'P 1 21 1'
#
loop_
_entity.id
_entity.type
_entity.pdbx_description
1 polymer BPa0997
2 polymer BPa0997
3 non-polymer SERINE
4 non-polymer 'SODIUM ION'
5 water water
#
loop_
_entity_poly.entity_id
_entity_poly.type
_entity_poly.pdbx_seq_one_letter_code
_entity_poly.pdbx_strand_id
1 'polypeptide(L)'
;(MSE)RRYNTGLFLLS(MSE)V(MSE)LAGCGKPEVNVV(MSE)TGD(MSE)TTRLAFAGEQLKQALVEKGYEVNQTTDE
KEIGGGKRSIYLNLLNDTTKKNKERFDISTKGKNTYVTGYDGNGIIYGCRELIDQLDQSGT(MSE)DFKPVSDAPE
(MSE)VLRGACIGLQKTTYLPGHAVYEYPYTPESFPWFYDKERWIKYLD(MSE)(MSE)VENR(MSE)NSLYLWNGHPFA
SLVKLKDYPFALEVDEETFKKNEE(MSE)FSFLTTEAEKRGIFVIQ(MSE)FYNIIVSKPFADHYGIKTQDRNRPITPLI
SDYTRKSVAAFIEKYPNVGLLVCLGEAIGTYEEDVEWFTKTIIPGIKDGLKVLGRTDEPPVLVRAHDTDCK(MSE)VIDA
ALPLYKNLYT(MSE)HKYNGESLTTYEPRGPWAKIHKDLSSLGSVHISNVHILANLEPWRWSSPDFIQKSVKA(MSE)HS
VHGANALHIYPQANYWDWPYTADKLANGEREEQVYRDWAWYKAWGRYAWKADRNRLEEIKYWDKQFGDFYGIPAE(MSE)
ADNIRIAYEESGEIAPKLLRRFGITEGNRQTLLLG(MSE)F(MSE)SQFVNPYKYTIHYGFYESCGPGGEKLIEYVEKEW
KKQPHVGELPLDIINQVIEHGDKAVAAIDKVVSSAKKNSDELRRLQND(MSE)HCYREYAYAFYYKVKAAQHVLNYHWGK
N(MSE)DELDKAVPL(MSE)EESLKHYTKLVDLTKDTYLFANS(MSE)QTAQRRIPIGGDDGNNKTWSE(MSE)LVHYKA
ELYNFKENIE(MSE)LKDKKVRKCVEVTPLKEADVKILNNLTKVKIEKGAKIFSNIDGGIDAIAKEITGLTGFVFNGEKQ
RDDATTIEFECSSPVT(MSE)LVAYFKDDHRKFAKAPRLESDASANDYGQAEPVLTNALHVKGVALADIYPYKFKAGRHT
LILPKGYCGVLGFTEDKIKERDVALEGGADAPDWLFY
;
A
2 'polypeptide(L)'
;EVNVV(MSE)TGD(MSE)TTRLAFAGEQLKQALVEKGYEVNQTTDEKEIGGGKRSIYLNLLNDTTKKNKERFDISTKGKN
TYVTGYDGNGIIYGCRELIDQLDQSGT(MSE)DFKPVSDAPE(MSE)VLRGACIGLQKTTYLPGHAVYEYPYTPESFPWF
YDKERWIKYLD(MSE)(MSE)VENR(MSE)NSLYLWNGHPFASLVKLKDYPFALEVDEETFKKNEE(MSE)FSFLTTEAE
KRGIFVIQ(MSE)FYNIIVSKPFADHYGIKTQDRNRPITPLISDYTRKSVAAFIEKYPNVGLLVCLGEAIGTYEEDVEWF
TKTIIPGIKDGLKVLGRTDEPPVLVRAHDTDCK(MSE)VIDAALPLYKNLYT(MSE)HKYNGESLTTYEPRGPWAKIHKD
LSSLGSVHISNVHILANLEPWRWSSPDFIQKSVKA(MSE)HSVHGANALHIYPQANYWDWPYTADKLANGEREEQVYRDW
AWYKAWGRYAWKADRNRLEEIKYWDKQFGDFYGIPAE(MSE)ADNIRIAYEESGEIAPKLLRRFGITEGNRQTLLLG
(MSE)F(MSE)SQFVNPYKYTIHYGFYESCGPGGEKLIEYVEKEWKKQPHVGELPLDIINQVIEHGDKAVAAIDKVVSSA
KKNSDELRRLQND(MSE)HCYREYAYAFYYKVKAAQHVLNYHWGKN(MSE)DELDKAVPL(MSE)EESLKHYTKLVDLTK
DTYLFANS(MSE)QTAQRRIPIGGDDGNNKTWSE(MSE)LVHYKAELYNFKENIE(MSE)LKDKKVRKCVEVTPLKEADV
KILNNLTKVKIEKGAKIFSNIDGGIDAIAKEITGLTGFVFNGEKQRDDATTIEFECSSPVT(MSE)LVAYFKDDHRKFAK
APRLESDASANDYGQAEPVLTNALHVKGVALADIYPYKFKAGRHTLILPKGYCGVLGFTEDKIKERDVALEGGADAPDWL
FY
;
B
#
loop_
_chem_comp.id
_chem_comp.type
_chem_comp.name
_chem_comp.formula
NA non-polymer 'SODIUM ION' 'Na 1'
#
# COMPACT_ATOMS: atom_id res chain seq x y z
N GLU A 23 -17.47 -21.57 44.05
CA GLU A 23 -18.73 -21.58 43.25
C GLU A 23 -18.39 -21.58 41.75
N VAL A 24 -17.78 -20.52 41.17
CA VAL A 24 -17.36 -20.50 39.73
C VAL A 24 -15.95 -19.92 39.53
N ASN A 25 -15.04 -20.69 38.94
CA ASN A 25 -13.72 -20.19 38.45
C ASN A 25 -13.82 -19.72 37.00
N VAL A 26 -13.26 -18.56 36.69
CA VAL A 26 -13.17 -18.04 35.30
C VAL A 26 -11.69 -17.89 34.97
N VAL A 27 -11.23 -18.64 33.98
CA VAL A 27 -9.78 -18.77 33.67
C VAL A 27 -9.60 -18.27 32.25
N MSE A 28 -8.77 -17.24 32.11
CA MSE A 28 -8.41 -16.71 30.82
C MSE A 28 -7.02 -17.20 30.42
O MSE A 28 -6.06 -17.14 31.21
CB MSE A 28 -8.51 -15.19 30.82
CG MSE A 28 -9.94 -14.70 30.99
SE MSE A 28 -9.93 -12.80 31.46
CE MSE A 28 -9.42 -12.84 33.38
N THR A 29 -6.98 -17.64 29.17
CA THR A 29 -5.90 -18.39 28.58
C THR A 29 -5.56 -17.74 27.22
N GLY A 30 -4.29 -17.65 26.86
CA GLY A 30 -3.86 -17.21 25.52
C GLY A 30 -3.35 -15.77 25.49
N ASP A 31 -3.52 -15.11 24.33
CA ASP A 31 -3.16 -13.71 24.03
C ASP A 31 -3.84 -12.80 25.06
N MSE A 32 -3.10 -12.15 25.97
CA MSE A 32 -3.78 -11.40 27.03
C MSE A 32 -4.19 -10.02 26.50
O MSE A 32 -3.60 -9.02 26.85
CB MSE A 32 -2.92 -11.28 28.30
CG MSE A 32 -2.69 -12.60 29.07
SE MSE A 32 -4.18 -13.95 29.34
CE MSE A 32 -3.19 -15.45 30.20
N THR A 33 -5.23 -9.97 25.67
CA THR A 33 -5.57 -8.73 24.98
C THR A 33 -6.63 -7.93 25.75
N THR A 34 -6.91 -6.72 25.32
CA THR A 34 -8.00 -5.91 25.94
C THR A 34 -9.36 -6.61 25.72
N ARG A 35 -9.54 -7.29 24.58
CA ARG A 35 -10.84 -7.96 24.26
C ARG A 35 -11.03 -9.19 25.18
N LEU A 36 -9.98 -9.96 25.43
CA LEU A 36 -10.04 -11.13 26.34
C LEU A 36 -10.41 -10.67 27.76
N ALA A 37 -9.75 -9.59 28.21
CA ALA A 37 -9.96 -9.00 29.55
C ALA A 37 -11.39 -8.45 29.65
N PHE A 38 -11.91 -7.83 28.59
CA PHE A 38 -13.30 -7.31 28.59
C PHE A 38 -14.28 -8.49 28.68
N ALA A 39 -14.05 -9.52 27.86
CA ALA A 39 -14.90 -10.72 27.81
C ALA A 39 -15.03 -11.27 29.24
N GLY A 40 -13.91 -11.43 29.92
CA GLY A 40 -13.83 -11.93 31.30
C GLY A 40 -14.61 -11.09 32.29
N GLU A 41 -14.42 -9.77 32.31
CA GLU A 41 -15.18 -8.85 33.20
C GLU A 41 -16.68 -9.03 32.93
N GLN A 42 -17.10 -9.07 31.66
CA GLN A 42 -18.53 -9.22 31.28
C GLN A 42 -19.08 -10.52 31.88
N LEU A 43 -18.33 -11.62 31.76
CA LEU A 43 -18.86 -12.93 32.20
C LEU A 43 -18.97 -12.89 33.73
N LYS A 44 -17.97 -12.33 34.41
CA LYS A 44 -17.92 -12.24 35.89
C LYS A 44 -19.10 -11.43 36.41
N GLN A 45 -19.36 -10.26 35.86
CA GLN A 45 -20.48 -9.37 36.27
C GLN A 45 -21.81 -10.14 36.08
N ALA A 46 -22.01 -10.76 34.92
CA ALA A 46 -23.20 -11.57 34.59
C ALA A 46 -23.41 -12.66 35.63
N LEU A 47 -22.36 -13.38 36.05
CA LEU A 47 -22.43 -14.49 37.01
C LEU A 47 -22.77 -13.95 38.41
N VAL A 48 -22.17 -12.85 38.87
CA VAL A 48 -22.45 -12.29 40.22
C VAL A 48 -23.85 -11.67 40.22
N GLU A 49 -24.32 -11.11 39.11
CA GLU A 49 -25.71 -10.60 39.01
C GLU A 49 -26.71 -11.77 39.13
N LYS A 50 -26.27 -13.03 38.96
CA LYS A 50 -27.12 -14.25 39.07
C LYS A 50 -26.86 -14.97 40.40
N GLY A 51 -26.05 -14.39 41.28
CA GLY A 51 -25.88 -14.86 42.66
C GLY A 51 -24.70 -15.78 42.84
N TYR A 52 -23.87 -16.02 41.81
CA TYR A 52 -22.67 -16.89 41.93
C TYR A 52 -21.51 -16.11 42.55
N GLU A 53 -20.67 -16.81 43.32
CA GLU A 53 -19.30 -16.38 43.73
C GLU A 53 -18.34 -16.65 42.58
N VAL A 54 -17.58 -15.65 42.15
CA VAL A 54 -16.62 -15.85 41.04
C VAL A 54 -15.17 -15.64 41.50
N ASN A 55 -14.31 -16.63 41.25
CA ASN A 55 -12.82 -16.55 41.32
C ASN A 55 -12.27 -16.29 39.89
N GLN A 56 -11.38 -15.31 39.73
CA GLN A 56 -10.67 -14.99 38.45
C GLN A 56 -9.19 -15.40 38.56
N THR A 57 -8.56 -15.86 37.45
CA THR A 57 -7.08 -16.07 37.29
C THR A 57 -6.70 -16.07 35.80
N THR A 58 -5.40 -16.14 35.49
CA THR A 58 -4.86 -16.11 34.10
C THR A 58 -3.74 -17.16 33.93
N GLY A 66 -11.39 -29.39 42.25
CA GLY A 66 -12.04 -29.36 40.93
C GLY A 66 -13.54 -29.07 41.05
N LYS A 67 -13.92 -27.80 40.88
CA LYS A 67 -15.32 -27.28 40.95
C LYS A 67 -15.64 -26.58 39.64
N ARG A 68 -16.86 -26.05 39.50
CA ARG A 68 -17.38 -25.47 38.24
C ARG A 68 -16.43 -24.39 37.68
N SER A 69 -15.96 -24.57 36.44
CA SER A 69 -14.97 -23.70 35.77
C SER A 69 -15.41 -23.38 34.34
N ILE A 70 -15.21 -22.12 33.93
CA ILE A 70 -15.36 -21.65 32.52
C ILE A 70 -13.97 -21.21 32.05
N TYR A 71 -13.46 -21.80 30.97
CA TYR A 71 -12.13 -21.54 30.36
C TYR A 71 -12.30 -20.70 29.10
N LEU A 72 -11.74 -19.49 29.10
CA LEU A 72 -11.79 -18.54 27.98
C LEU A 72 -10.45 -18.58 27.25
N ASN A 73 -10.41 -19.22 26.08
CA ASN A 73 -9.17 -19.49 25.32
C ASN A 73 -9.13 -18.59 24.09
N LEU A 74 -8.24 -17.60 24.00
CA LEU A 74 -8.15 -16.74 22.79
C LEU A 74 -6.99 -17.25 21.92
N LEU A 75 -7.27 -17.71 20.69
CA LEU A 75 -6.23 -18.16 19.72
C LEU A 75 -5.79 -16.96 18.87
N ASN A 76 -4.76 -17.16 18.04
CA ASN A 76 -4.33 -16.18 16.99
C ASN A 76 -4.61 -16.77 15.61
N ASP A 77 -5.57 -16.22 14.86
CA ASP A 77 -5.68 -16.44 13.40
C ASP A 77 -6.59 -15.39 12.73
N THR A 78 -6.12 -14.90 11.58
CA THR A 78 -6.70 -13.81 10.75
C THR A 78 -7.56 -14.45 9.64
N THR A 79 -7.37 -15.76 9.40
CA THR A 79 -8.19 -16.65 8.53
C THR A 79 -9.59 -16.06 8.35
N LYS A 80 -9.72 -15.14 7.38
CA LYS A 80 -11.00 -14.48 6.98
C LYS A 80 -11.99 -15.58 6.54
N LYS A 81 -12.69 -16.15 7.52
CA LYS A 81 -13.39 -17.47 7.53
C LYS A 81 -13.68 -17.82 9.01
N ASN A 82 -12.68 -17.70 9.90
CA ASN A 82 -12.92 -17.80 11.38
C ASN A 82 -13.09 -16.41 12.05
N LYS A 83 -13.28 -15.32 11.28
CA LYS A 83 -13.40 -13.97 11.89
C LYS A 83 -14.62 -13.96 12.81
N GLU A 84 -14.44 -13.51 14.04
CA GLU A 84 -15.53 -13.31 15.03
C GLU A 84 -16.19 -14.66 15.38
N ARG A 85 -15.52 -15.79 15.08
CA ARG A 85 -16.04 -17.14 15.40
C ARG A 85 -15.70 -17.54 16.85
N PHE A 86 -16.57 -18.35 17.44
CA PHE A 86 -16.28 -19.01 18.73
C PHE A 86 -16.84 -20.45 18.70
N ASP A 87 -16.25 -21.29 19.54
CA ASP A 87 -16.76 -22.63 19.87
C ASP A 87 -16.99 -22.69 21.37
N ILE A 88 -18.12 -23.25 21.78
CA ILE A 88 -18.40 -23.56 23.19
C ILE A 88 -18.56 -25.07 23.29
N SER A 89 -17.80 -25.69 24.17
CA SER A 89 -18.02 -27.12 24.49
C SER A 89 -18.03 -27.29 26.03
N THR A 90 -18.66 -28.37 26.48
CA THR A 90 -18.83 -28.70 27.92
C THR A 90 -18.33 -30.13 28.16
N LYS A 91 -17.60 -30.33 29.24
CA LYS A 91 -17.19 -31.67 29.73
C LYS A 91 -17.35 -31.68 31.25
N GLY A 92 -18.32 -32.44 31.78
CA GLY A 92 -18.66 -32.42 33.21
C GLY A 92 -18.97 -30.99 33.64
N LYS A 93 -18.26 -30.47 34.64
CA LYS A 93 -18.51 -29.14 35.27
C LYS A 93 -17.63 -28.03 34.68
N ASN A 94 -16.81 -28.36 33.68
CA ASN A 94 -15.98 -27.38 32.90
C ASN A 94 -16.69 -27.01 31.59
N THR A 95 -16.71 -25.70 31.28
CA THR A 95 -17.14 -25.16 29.98
C THR A 95 -15.93 -24.54 29.32
N TYR A 96 -15.73 -24.77 28.03
CA TYR A 96 -14.57 -24.25 27.26
C TYR A 96 -15.08 -23.36 26.14
N VAL A 97 -14.66 -22.09 26.16
CA VAL A 97 -14.96 -21.11 25.09
C VAL A 97 -13.67 -20.88 24.30
N THR A 98 -13.70 -21.19 23.01
CA THR A 98 -12.56 -20.93 22.09
C THR A 98 -12.92 -19.74 21.21
N GLY A 99 -12.11 -18.68 21.28
CA GLY A 99 -12.35 -17.49 20.44
C GLY A 99 -11.30 -17.45 19.35
N TYR A 100 -11.70 -17.40 18.08
CA TYR A 100 -10.75 -17.43 16.95
C TYR A 100 -10.06 -16.07 16.82
N ASP A 101 -10.66 -15.04 17.40
CA ASP A 101 -10.05 -13.68 17.51
C ASP A 101 -10.77 -12.95 18.67
N GLY A 102 -10.35 -11.71 18.94
CA GLY A 102 -10.81 -10.93 20.10
C GLY A 102 -12.32 -10.80 20.06
N ASN A 103 -12.89 -10.62 18.88
CA ASN A 103 -14.36 -10.44 18.79
C ASN A 103 -15.00 -11.80 19.08
N GLY A 104 -14.37 -12.89 18.60
CA GLY A 104 -14.89 -14.23 18.85
C GLY A 104 -14.99 -14.52 20.33
N ILE A 105 -13.99 -14.18 21.12
CA ILE A 105 -14.06 -14.50 22.57
C ILE A 105 -15.16 -13.62 23.20
N ILE A 106 -15.33 -12.36 22.76
CA ILE A 106 -16.42 -11.50 23.32
C ILE A 106 -17.76 -12.16 23.02
N TYR A 107 -17.97 -12.59 21.78
CA TYR A 107 -19.27 -13.17 21.36
C TYR A 107 -19.50 -14.54 22.01
N GLY A 108 -18.45 -15.35 22.20
CA GLY A 108 -18.53 -16.57 22.99
C GLY A 108 -19.07 -16.29 24.37
N CYS A 109 -18.52 -15.30 25.07
CA CYS A 109 -18.99 -14.90 26.43
C CYS A 109 -20.42 -14.35 26.35
N ARG A 110 -20.78 -13.58 25.31
CA ARG A 110 -22.16 -13.10 25.10
C ARG A 110 -23.11 -14.29 25.00
N GLU A 111 -22.69 -15.36 24.30
CA GLU A 111 -23.54 -16.57 24.12
C GLU A 111 -23.71 -17.25 25.50
N LEU A 112 -22.67 -17.37 26.32
CA LEU A 112 -22.86 -17.93 27.69
C LEU A 112 -23.88 -17.07 28.48
N ILE A 113 -23.73 -15.75 28.44
CA ILE A 113 -24.61 -14.79 29.19
C ILE A 113 -26.06 -14.90 28.66
N ASP A 114 -26.26 -14.99 27.35
CA ASP A 114 -27.60 -15.10 26.72
C ASP A 114 -28.24 -16.43 27.15
N GLN A 115 -27.45 -17.51 27.29
CA GLN A 115 -27.91 -18.83 27.81
C GLN A 115 -28.32 -18.68 29.30
N LEU A 116 -27.53 -18.01 30.09
CA LEU A 116 -27.77 -17.78 31.54
C LEU A 116 -29.04 -16.93 31.72
N ASP A 117 -29.35 -16.04 30.78
CA ASP A 117 -30.54 -15.15 30.81
C ASP A 117 -31.79 -15.95 30.41
N GLN A 118 -31.69 -16.84 29.40
CA GLN A 118 -32.85 -17.47 28.72
C GLN A 118 -33.36 -18.64 29.57
N SER A 119 -32.46 -19.34 30.27
CA SER A 119 -32.72 -20.20 31.45
C SER A 119 -31.90 -19.66 32.62
N GLY A 120 -32.13 -20.12 33.85
CA GLY A 120 -31.43 -19.59 35.04
C GLY A 120 -30.14 -20.33 35.35
N THR A 121 -29.76 -21.33 34.55
CA THR A 121 -28.78 -22.40 34.94
C THR A 121 -27.43 -22.17 34.26
N MSE A 122 -26.37 -22.75 34.83
CA MSE A 122 -25.04 -22.86 34.19
C MSE A 122 -24.91 -24.24 33.51
O MSE A 122 -23.77 -24.68 33.28
CB MSE A 122 -23.92 -22.67 35.22
CG MSE A 122 -23.58 -21.22 35.43
SE MSE A 122 -22.27 -21.13 36.63
CE MSE A 122 -20.91 -21.86 35.71
N ASP A 123 -26.03 -24.86 33.16
CA ASP A 123 -26.04 -25.98 32.18
C ASP A 123 -25.99 -25.36 30.80
N PHE A 124 -24.83 -25.34 30.14
CA PHE A 124 -24.62 -24.65 28.86
C PHE A 124 -24.75 -25.66 27.72
N LYS A 125 -25.40 -25.27 26.65
CA LYS A 125 -25.47 -25.99 25.37
C LYS A 125 -24.23 -25.67 24.55
N PRO A 126 -23.54 -26.68 23.99
CA PRO A 126 -22.45 -26.45 23.06
C PRO A 126 -22.94 -25.75 21.78
N VAL A 127 -22.10 -24.86 21.25
CA VAL A 127 -22.44 -23.89 20.15
C VAL A 127 -21.12 -23.63 19.44
N SER A 128 -21.12 -23.70 18.11
CA SER A 128 -20.08 -23.07 17.28
C SER A 128 -20.80 -22.06 16.40
N ASP A 129 -20.35 -20.81 16.41
CA ASP A 129 -21.11 -19.75 15.70
C ASP A 129 -20.15 -18.64 15.27
N ALA A 130 -20.62 -17.89 14.28
CA ALA A 130 -19.97 -16.70 13.69
C ALA A 130 -21.09 -15.91 13.00
N PRO A 131 -20.96 -14.57 12.94
CA PRO A 131 -21.93 -13.72 12.24
C PRO A 131 -21.92 -13.91 10.71
N GLU A 132 -23.06 -13.76 10.05
CA GLU A 132 -23.23 -13.87 8.58
C GLU A 132 -22.73 -12.57 7.95
N MSE A 133 -23.13 -11.44 8.47
CA MSE A 133 -22.66 -10.16 7.96
C MSE A 133 -21.38 -9.76 8.69
O MSE A 133 -21.29 -9.95 9.89
CB MSE A 133 -23.79 -9.16 8.11
CG MSE A 133 -24.92 -9.39 7.11
SE MSE A 133 -26.21 -7.99 7.20
CE MSE A 133 -26.82 -7.95 5.30
N VAL A 134 -20.41 -9.18 8.00
CA VAL A 134 -19.09 -9.01 8.58
C VAL A 134 -18.93 -7.67 9.31
N LEU A 135 -19.67 -6.63 8.94
CA LEU A 135 -19.72 -5.36 9.69
C LEU A 135 -21.19 -5.10 9.99
N ARG A 136 -21.47 -4.78 11.24
CA ARG A 136 -22.86 -4.72 11.74
C ARG A 136 -22.89 -3.52 12.67
N GLY A 137 -23.56 -2.47 12.25
CA GLY A 137 -23.36 -1.24 13.03
C GLY A 137 -24.45 -0.20 12.86
N ALA A 138 -24.26 0.89 13.59
CA ALA A 138 -25.22 2.02 13.66
C ALA A 138 -24.47 3.35 13.59
N CYS A 139 -25.21 4.39 13.27
CA CYS A 139 -24.68 5.75 13.18
C CYS A 139 -25.32 6.65 14.23
N ILE A 140 -24.55 7.63 14.65
CA ILE A 140 -25.02 8.83 15.38
C ILE A 140 -24.64 10.04 14.56
N GLY A 141 -25.56 10.99 14.37
CA GLY A 141 -25.28 12.25 13.66
C GLY A 141 -24.84 13.32 14.62
N LEU A 142 -23.65 13.90 14.42
CA LEU A 142 -23.32 15.20 15.04
C LEU A 142 -23.86 16.27 14.08
N GLN A 143 -25.20 16.29 14.08
CA GLN A 143 -26.09 17.00 13.13
C GLN A 143 -27.25 17.59 13.93
N LYS A 144 -27.93 18.66 13.47
CA LYS A 144 -29.12 19.23 14.19
C LYS A 144 -30.38 19.42 13.30
N THR A 145 -31.56 19.69 13.90
CA THR A 145 -32.89 19.77 13.20
C THR A 145 -32.87 20.88 12.14
N THR A 146 -31.95 21.86 12.31
CA THR A 146 -31.74 23.09 11.49
C THR A 146 -30.27 23.54 11.49
N TYR A 147 -29.96 24.47 10.59
CA TYR A 147 -28.57 24.96 10.31
C TYR A 147 -28.04 25.63 11.56
N LEU A 148 -26.72 25.60 11.75
CA LEU A 148 -26.02 26.39 12.79
C LEU A 148 -25.86 27.80 12.25
N PRO A 149 -26.30 28.84 13.02
CA PRO A 149 -26.08 30.23 12.60
C PRO A 149 -24.60 30.40 12.22
N GLY A 150 -24.31 31.04 11.07
CA GLY A 150 -22.96 31.24 10.49
C GLY A 150 -22.55 30.13 9.52
N HIS A 151 -23.25 28.99 9.51
CA HIS A 151 -22.76 27.75 8.83
C HIS A 151 -23.82 27.29 7.82
N ALA A 152 -23.40 26.52 6.82
CA ALA A 152 -24.25 25.90 5.79
C ALA A 152 -24.61 24.48 6.24
N VAL A 153 -25.33 23.79 5.38
CA VAL A 153 -25.91 22.45 5.67
C VAL A 153 -24.81 21.44 6.02
N TYR A 154 -25.10 20.60 7.04
CA TYR A 154 -24.25 19.49 7.55
C TYR A 154 -23.07 20.00 8.39
N GLU A 155 -22.83 21.30 8.50
CA GLU A 155 -21.64 21.88 9.19
C GLU A 155 -21.92 22.11 10.67
N TYR A 156 -21.24 21.38 11.56
CA TYR A 156 -21.37 21.53 13.03
C TYR A 156 -20.05 21.18 13.66
N PRO A 157 -19.28 22.17 14.14
CA PRO A 157 -18.08 21.87 14.90
C PRO A 157 -18.47 21.02 16.12
N TYR A 158 -17.56 20.15 16.56
CA TYR A 158 -17.77 19.29 17.77
C TYR A 158 -17.53 20.22 18.98
N THR A 159 -18.59 20.66 19.64
CA THR A 159 -18.49 21.53 20.85
C THR A 159 -19.51 21.04 21.86
N PRO A 160 -19.25 21.25 23.17
CA PRO A 160 -20.23 20.91 24.20
C PRO A 160 -21.50 21.79 24.14
N GLU A 161 -21.38 22.98 23.57
CA GLU A 161 -22.54 23.91 23.42
C GLU A 161 -23.51 23.27 22.43
N SER A 162 -23.02 22.73 21.31
CA SER A 162 -23.87 22.06 20.29
C SER A 162 -24.25 20.66 20.74
N PHE A 163 -23.33 19.86 21.29
CA PHE A 163 -23.53 18.42 21.50
C PHE A 163 -23.11 18.02 22.93
N PRO A 164 -23.79 18.42 24.02
CA PRO A 164 -23.26 18.12 25.36
C PRO A 164 -23.24 16.59 25.63
N TRP A 165 -24.14 15.85 25.00
CA TRP A 165 -24.19 14.37 25.06
C TRP A 165 -22.90 13.70 24.52
N PHE A 166 -22.17 14.34 23.60
CA PHE A 166 -20.91 13.79 23.02
C PHE A 166 -19.84 13.67 24.11
N TYR A 167 -19.96 14.45 25.18
CA TYR A 167 -18.93 14.58 26.25
C TYR A 167 -19.35 13.77 27.49
N ASP A 168 -20.42 12.98 27.40
CA ASP A 168 -20.99 12.23 28.54
C ASP A 168 -20.50 10.77 28.50
N LYS A 169 -19.45 10.49 29.28
CA LYS A 169 -18.80 9.16 29.35
C LYS A 169 -19.82 8.08 29.74
N GLU A 170 -20.68 8.31 30.74
CA GLU A 170 -21.69 7.29 31.16
C GLU A 170 -22.59 6.94 29.99
N ARG A 171 -23.03 7.94 29.22
CA ARG A 171 -23.94 7.75 28.06
C ARG A 171 -23.22 6.89 26.98
N TRP A 172 -21.95 7.19 26.69
CA TRP A 172 -21.10 6.39 25.79
C TRP A 172 -20.97 4.94 26.26
N ILE A 173 -20.72 4.69 27.53
CA ILE A 173 -20.57 3.30 28.08
C ILE A 173 -21.89 2.56 27.83
N LYS A 174 -23.02 3.18 28.12
CA LYS A 174 -24.34 2.51 27.91
C LYS A 174 -24.52 2.18 26.44
N TYR A 175 -24.26 3.12 25.55
CA TYR A 175 -24.41 2.92 24.09
C TYR A 175 -23.51 1.74 23.65
N LEU A 176 -22.25 1.73 24.07
CA LEU A 176 -21.27 0.71 23.59
C LEU A 176 -21.62 -0.66 24.18
N ASP A 177 -22.07 -0.70 25.45
CA ASP A 177 -22.55 -1.95 26.12
C ASP A 177 -23.77 -2.52 25.36
N MSE A 178 -24.73 -1.68 24.96
CA MSE A 178 -25.86 -2.11 24.14
C MSE A 178 -25.38 -2.68 22.79
O MSE A 178 -25.90 -3.68 22.30
CB MSE A 178 -26.83 -0.96 23.92
CG MSE A 178 -28.02 -1.28 23.03
SE MSE A 178 -29.27 0.30 22.87
CE MSE A 178 -29.69 0.49 24.75
N MSE A 179 -24.48 -2.00 22.10
CA MSE A 179 -23.89 -2.55 20.89
C MSE A 179 -23.31 -3.96 21.10
O MSE A 179 -23.55 -4.81 20.23
CB MSE A 179 -22.76 -1.67 20.34
CG MSE A 179 -23.21 -0.35 19.80
SE MSE A 179 -21.90 0.27 18.41
CE MSE A 179 -23.41 0.68 17.12
N VAL A 180 -22.59 -4.21 22.21
CA VAL A 180 -21.99 -5.52 22.45
C VAL A 180 -23.12 -6.55 22.66
N GLU A 181 -24.14 -6.20 23.42
CA GLU A 181 -25.31 -7.08 23.65
C GLU A 181 -25.95 -7.48 22.30
N ASN A 182 -25.97 -6.60 21.31
CA ASN A 182 -26.57 -6.83 19.96
C ASN A 182 -25.50 -7.34 18.97
N ARG A 183 -24.29 -7.60 19.44
CA ARG A 183 -23.12 -8.12 18.66
C ARG A 183 -22.79 -7.26 17.44
N MSE A 184 -22.97 -5.95 17.60
CA MSE A 184 -22.60 -4.97 16.60
C MSE A 184 -21.14 -4.56 16.85
O MSE A 184 -20.68 -4.49 17.98
CB MSE A 184 -23.56 -3.76 16.66
CG MSE A 184 -24.93 -4.04 16.00
SE MSE A 184 -25.91 -2.32 16.25
CE MSE A 184 -27.67 -2.98 15.68
N ASN A 185 -20.41 -4.39 15.73
CA ASN A 185 -18.97 -4.27 15.77
C ASN A 185 -18.55 -2.97 15.05
N SER A 186 -19.44 -2.03 14.81
CA SER A 186 -19.06 -0.79 14.08
C SER A 186 -19.93 0.38 14.53
N LEU A 187 -19.32 1.53 14.74
CA LEU A 187 -20.04 2.77 15.12
C LEU A 187 -19.56 3.87 14.19
N TYR A 188 -20.52 4.57 13.62
CA TYR A 188 -20.28 5.63 12.61
C TYR A 188 -20.72 6.98 13.17
N LEU A 189 -19.84 7.98 13.14
CA LEU A 189 -20.17 9.39 13.46
C LEU A 189 -20.33 10.20 12.16
N TRP A 190 -21.52 10.76 11.91
CA TRP A 190 -21.80 11.49 10.65
C TRP A 190 -21.63 12.97 10.95
N ASN A 191 -20.79 13.66 10.18
CA ASN A 191 -20.57 15.12 10.33
C ASN A 191 -20.16 15.69 8.96
N GLY A 192 -20.40 16.99 8.71
CA GLY A 192 -20.04 17.62 7.42
C GLY A 192 -18.52 17.70 7.25
N HIS A 193 -17.86 18.38 8.19
CA HIS A 193 -16.40 18.68 8.16
C HIS A 193 -15.84 18.53 9.57
N PRO A 194 -15.58 17.30 10.03
CA PRO A 194 -15.07 17.07 11.39
C PRO A 194 -13.63 17.48 11.65
N PHE A 195 -12.81 17.58 10.60
CA PHE A 195 -11.34 17.70 10.74
C PHE A 195 -11.00 18.95 11.54
N ALA A 196 -11.73 20.05 11.33
CA ALA A 196 -11.43 21.37 11.94
C ALA A 196 -11.73 21.38 13.45
N SER A 197 -12.31 20.30 13.98
CA SER A 197 -12.62 20.14 15.43
C SER A 197 -11.59 19.18 16.04
N LEU A 198 -10.77 18.51 15.23
CA LEU A 198 -10.02 17.29 15.66
C LEU A 198 -8.52 17.34 15.36
N VAL A 199 -8.08 18.20 14.41
CA VAL A 199 -6.64 18.27 14.04
C VAL A 199 -6.23 19.72 13.89
N LYS A 200 -4.93 19.95 14.01
CA LYS A 200 -4.28 21.26 13.78
C LYS A 200 -3.30 21.11 12.63
N LEU A 201 -3.36 22.04 11.69
CA LEU A 201 -2.40 22.05 10.57
C LEU A 201 -1.41 23.21 10.72
N LYS A 202 -0.11 22.90 10.61
CA LYS A 202 0.94 23.94 10.68
C LYS A 202 0.80 24.93 9.51
N ASP A 203 0.30 24.54 8.34
CA ASP A 203 0.20 25.48 7.19
C ASP A 203 -1.11 26.27 7.28
N TYR A 204 -2.11 25.82 8.06
CA TYR A 204 -3.43 26.49 8.16
C TYR A 204 -3.86 26.54 9.62
N PRO A 205 -3.12 27.20 10.52
CA PRO A 205 -3.46 27.16 11.95
C PRO A 205 -4.79 27.87 12.25
N PHE A 206 -5.16 28.84 11.40
CA PHE A 206 -6.42 29.62 11.47
C PHE A 206 -7.64 28.74 11.10
N ALA A 207 -7.43 27.52 10.61
CA ALA A 207 -8.57 26.69 10.14
C ALA A 207 -9.38 26.16 11.33
N LEU A 208 -8.79 26.10 12.52
CA LEU A 208 -9.41 25.43 13.71
C LEU A 208 -10.77 26.07 14.00
N GLU A 209 -11.83 25.26 14.10
CA GLU A 209 -13.23 25.73 14.28
C GLU A 209 -13.61 25.74 15.76
N VAL A 210 -12.72 25.40 16.69
CA VAL A 210 -13.06 25.30 18.14
C VAL A 210 -11.94 25.95 18.94
N ASP A 211 -12.25 26.43 20.14
CA ASP A 211 -11.24 27.05 21.02
C ASP A 211 -10.34 25.93 21.58
N GLU A 212 -9.26 26.32 22.22
CA GLU A 212 -8.19 25.37 22.66
C GLU A 212 -8.76 24.36 23.69
N GLU A 213 -9.56 24.82 24.66
CA GLU A 213 -10.14 23.96 25.73
C GLU A 213 -11.07 22.91 25.09
N THR A 214 -11.88 23.30 24.13
CA THR A 214 -12.76 22.35 23.41
C THR A 214 -11.91 21.37 22.58
N PHE A 215 -10.84 21.84 21.96
CA PHE A 215 -9.96 20.99 21.13
C PHE A 215 -9.40 19.89 22.05
N LYS A 216 -8.98 20.24 23.26
CA LYS A 216 -8.47 19.27 24.27
C LYS A 216 -9.59 18.29 24.68
N LYS A 217 -10.80 18.79 24.98
CA LYS A 217 -11.94 17.89 25.28
C LYS A 217 -12.21 16.93 24.12
N ASN A 218 -12.10 17.38 22.87
CA ASN A 218 -12.39 16.54 21.67
C ASN A 218 -11.33 15.44 21.56
N GLU A 219 -10.06 15.77 21.72
CA GLU A 219 -8.96 14.79 21.76
C GLU A 219 -9.24 13.76 22.87
N GLU A 220 -9.66 14.21 24.07
CA GLU A 220 -9.94 13.36 25.26
C GLU A 220 -11.08 12.41 24.93
N MSE A 221 -12.16 12.91 24.28
CA MSE A 221 -13.31 12.09 23.99
C MSE A 221 -12.99 11.05 22.92
O MSE A 221 -13.47 9.93 22.98
CB MSE A 221 -14.51 12.95 23.61
CG MSE A 221 -15.08 13.76 24.73
SE MSE A 221 -15.46 12.74 26.39
CE MSE A 221 -16.47 11.27 25.74
N PHE A 222 -12.23 11.43 21.89
CA PHE A 222 -11.90 10.47 20.85
C PHE A 222 -11.00 9.37 21.45
N SER A 223 -10.13 9.74 22.39
CA SER A 223 -9.25 8.77 23.10
C SER A 223 -10.12 7.81 23.94
N PHE A 224 -11.09 8.36 24.68
CA PHE A 224 -12.01 7.56 25.52
C PHE A 224 -12.83 6.67 24.59
N LEU A 225 -13.39 7.25 23.52
CA LEU A 225 -14.30 6.48 22.64
C LEU A 225 -13.53 5.36 21.92
N THR A 226 -12.34 5.61 21.40
CA THR A 226 -11.57 4.55 20.67
C THR A 226 -11.15 3.44 21.65
N THR A 227 -10.68 3.78 22.85
CA THR A 227 -10.26 2.82 23.89
C THR A 227 -11.43 1.92 24.28
N GLU A 228 -12.56 2.54 24.62
CA GLU A 228 -13.77 1.83 25.12
C GLU A 228 -14.35 0.95 24.00
N ALA A 229 -14.28 1.40 22.77
CA ALA A 229 -14.84 0.68 21.58
C ALA A 229 -13.91 -0.49 21.23
N GLU A 230 -12.61 -0.24 21.21
CA GLU A 230 -11.58 -1.25 20.87
C GLU A 230 -11.75 -2.46 21.80
N LYS A 231 -11.91 -2.29 23.13
CA LYS A 231 -11.95 -3.47 24.04
C LYS A 231 -13.26 -4.24 23.86
N ARG A 232 -14.24 -3.64 23.17
CA ARG A 232 -15.56 -4.21 22.92
C ARG A 232 -15.66 -4.79 21.50
N GLY A 233 -14.57 -4.74 20.75
CA GLY A 233 -14.49 -5.23 19.36
C GLY A 233 -15.30 -4.37 18.41
N ILE A 234 -15.39 -3.07 18.71
CA ILE A 234 -16.13 -2.06 17.90
C ILE A 234 -15.14 -1.16 17.14
N PHE A 235 -15.28 -1.13 15.81
CA PHE A 235 -14.56 -0.25 14.85
C PHE A 235 -15.30 1.10 14.82
N VAL A 236 -14.64 2.18 15.22
CA VAL A 236 -15.19 3.57 15.14
C VAL A 236 -14.83 4.13 13.75
N ILE A 237 -15.82 4.68 13.07
CA ILE A 237 -15.69 5.20 11.68
C ILE A 237 -16.15 6.65 11.67
N GLN A 238 -15.31 7.56 11.17
CA GLN A 238 -15.71 8.99 11.00
C GLN A 238 -16.15 9.19 9.55
N MSE A 239 -17.43 9.56 9.39
CA MSE A 239 -18.01 9.95 8.11
C MSE A 239 -17.81 11.45 7.85
O MSE A 239 -17.81 12.28 8.78
CB MSE A 239 -19.50 9.59 8.13
CG MSE A 239 -20.25 9.82 6.87
SE MSE A 239 -20.84 11.69 6.66
CE MSE A 239 -21.29 11.29 4.79
N PHE A 240 -17.56 11.80 6.59
CA PHE A 240 -17.45 13.19 6.18
C PHE A 240 -18.02 13.40 4.79
N TYR A 241 -18.59 14.59 4.58
CA TYR A 241 -19.08 15.07 3.26
C TYR A 241 -17.94 15.83 2.54
N ASN A 242 -18.12 16.07 1.22
CA ASN A 242 -17.13 16.77 0.36
C ASN A 242 -17.88 17.62 -0.67
N ILE A 243 -17.34 18.76 -1.08
CA ILE A 243 -16.14 19.40 -0.59
C ILE A 243 -16.58 20.47 0.38
N ILE A 244 -16.09 20.41 1.62
CA ILE A 244 -16.46 21.36 2.70
C ILE A 244 -15.17 21.79 3.38
N VAL A 245 -14.96 23.09 3.51
CA VAL A 245 -13.83 23.65 4.30
C VAL A 245 -14.35 24.36 5.57
N SER A 246 -13.45 24.64 6.51
CA SER A 246 -13.83 25.24 7.81
C SER A 246 -14.28 26.68 7.56
N LYS A 247 -15.18 27.15 8.42
CA LYS A 247 -15.65 28.56 8.48
C LYS A 247 -14.49 29.55 8.60
N PRO A 248 -13.55 29.44 9.57
CA PRO A 248 -12.39 30.36 9.62
C PRO A 248 -11.40 30.24 8.44
N PHE A 249 -11.20 29.05 7.87
CA PHE A 249 -10.42 28.87 6.62
C PHE A 249 -11.11 29.61 5.47
N ALA A 250 -12.38 29.35 5.26
CA ALA A 250 -13.24 30.08 4.29
C ALA A 250 -13.14 31.62 4.46
N ASP A 251 -13.42 32.17 5.66
CA ASP A 251 -13.36 33.62 5.98
C ASP A 251 -11.98 34.23 5.68
N HIS A 252 -10.87 33.64 6.10
CA HIS A 252 -9.48 34.03 5.76
C HIS A 252 -9.29 34.18 4.23
N TYR A 253 -9.74 33.23 3.40
CA TYR A 253 -9.48 33.24 1.93
C TYR A 253 -10.60 33.95 1.16
N GLY A 254 -11.66 34.40 1.85
CA GLY A 254 -12.81 35.06 1.23
C GLY A 254 -13.57 34.14 0.27
N ILE A 255 -13.70 32.85 0.61
CA ILE A 255 -14.46 31.85 -0.19
C ILE A 255 -15.59 31.31 0.67
N LYS A 256 -16.48 30.51 0.07
CA LYS A 256 -17.58 29.82 0.79
C LYS A 256 -17.04 28.53 1.40
N THR A 257 -17.71 28.09 2.45
CA THR A 257 -17.37 26.80 3.12
C THR A 257 -17.69 25.66 2.17
N GLN A 258 -18.73 25.80 1.38
CA GLN A 258 -19.12 24.75 0.41
C GLN A 258 -19.88 25.42 -0.73
N ASP A 259 -19.72 24.90 -1.95
CA ASP A 259 -20.46 25.43 -3.12
C ASP A 259 -20.46 24.30 -4.14
N ARG A 260 -21.64 23.72 -4.39
CA ARG A 260 -21.69 22.41 -5.07
C ARG A 260 -20.96 22.52 -6.41
N ASN A 261 -21.17 23.62 -7.14
CA ASN A 261 -20.72 23.76 -8.54
C ASN A 261 -19.37 24.46 -8.67
N ARG A 262 -18.75 24.86 -7.57
CA ARG A 262 -17.40 25.44 -7.53
C ARG A 262 -16.39 24.39 -7.96
N PRO A 263 -15.42 24.76 -8.81
CA PRO A 263 -14.34 23.84 -9.19
C PRO A 263 -13.46 23.43 -7.99
N ILE A 264 -12.71 22.35 -8.15
CA ILE A 264 -11.56 21.98 -7.29
C ILE A 264 -10.46 23.03 -7.53
N THR A 265 -9.82 23.49 -6.46
CA THR A 265 -8.64 24.39 -6.53
C THR A 265 -7.46 23.77 -5.79
N PRO A 266 -6.20 24.07 -6.16
CA PRO A 266 -5.04 23.57 -5.43
C PRO A 266 -5.11 23.90 -3.92
N LEU A 267 -5.59 25.08 -3.57
CA LEU A 267 -5.70 25.53 -2.17
C LEU A 267 -6.66 24.59 -1.42
N ILE A 268 -7.86 24.38 -1.92
CA ILE A 268 -8.85 23.55 -1.18
C ILE A 268 -8.36 22.09 -1.15
N SER A 269 -7.74 21.61 -2.21
CA SER A 269 -7.15 20.25 -2.26
C SER A 269 -6.02 20.14 -1.23
N ASP A 270 -5.16 21.16 -1.10
CA ASP A 270 -4.01 21.12 -0.16
C ASP A 270 -4.52 21.01 1.29
N TYR A 271 -5.49 21.85 1.62
CA TYR A 271 -6.12 21.90 2.96
C TYR A 271 -6.75 20.53 3.28
N THR A 272 -7.46 19.94 2.32
CA THR A 272 -8.19 18.66 2.60
C THR A 272 -7.17 17.54 2.70
N ARG A 273 -6.12 17.52 1.90
CA ARG A 273 -5.21 16.36 1.87
C ARG A 273 -4.47 16.30 3.21
N LYS A 274 -4.03 17.47 3.69
CA LYS A 274 -3.28 17.67 4.95
C LYS A 274 -4.18 17.37 6.14
N SER A 275 -5.44 17.81 6.10
CA SER A 275 -6.48 17.48 7.11
C SER A 275 -6.63 15.96 7.19
N VAL A 276 -6.82 15.31 6.05
CA VAL A 276 -7.02 13.84 6.04
C VAL A 276 -5.76 13.16 6.56
N ALA A 277 -4.57 13.57 6.13
CA ALA A 277 -3.30 12.95 6.57
C ALA A 277 -3.10 13.11 8.10
N ALA A 278 -3.43 14.29 8.64
CA ALA A 278 -3.31 14.63 10.07
C ALA A 278 -4.23 13.69 10.87
N PHE A 279 -5.41 13.41 10.30
CA PHE A 279 -6.46 12.62 10.98
C PHE A 279 -5.96 11.17 11.09
N ILE A 280 -5.49 10.59 9.98
CA ILE A 280 -4.96 9.20 9.94
C ILE A 280 -3.82 9.09 10.98
N GLU A 281 -2.91 10.06 11.00
CA GLU A 281 -1.75 10.03 11.92
C GLU A 281 -2.25 10.05 13.37
N LYS A 282 -3.18 10.93 13.67
CA LYS A 282 -3.55 11.23 15.06
C LYS A 282 -4.53 10.20 15.64
N TYR A 283 -5.41 9.63 14.83
CA TYR A 283 -6.47 8.69 15.30
C TYR A 283 -6.34 7.43 14.45
N PRO A 284 -5.23 6.68 14.61
CA PRO A 284 -4.83 5.66 13.65
C PRO A 284 -5.77 4.44 13.56
N ASN A 285 -6.64 4.25 14.55
CA ASN A 285 -7.57 3.10 14.56
C ASN A 285 -8.96 3.52 14.10
N VAL A 286 -9.18 4.80 13.74
CA VAL A 286 -10.53 5.30 13.31
C VAL A 286 -10.65 5.22 11.77
N GLY A 287 -11.69 4.56 11.29
CA GLY A 287 -11.96 4.46 9.85
C GLY A 287 -12.58 5.70 9.27
N LEU A 288 -12.63 5.79 7.94
CA LEU A 288 -13.23 6.90 7.21
C LEU A 288 -14.35 6.34 6.32
N LEU A 289 -15.51 6.98 6.39
CA LEU A 289 -16.62 6.79 5.45
C LEU A 289 -16.72 8.05 4.57
N VAL A 290 -16.45 7.91 3.28
CA VAL A 290 -16.35 9.08 2.38
C VAL A 290 -17.65 9.23 1.62
N CYS A 291 -18.27 10.41 1.66
CA CYS A 291 -19.36 10.74 0.70
C CYS A 291 -18.75 11.67 -0.35
N LEU A 292 -18.79 11.28 -1.62
CA LEU A 292 -18.27 12.15 -2.70
C LEU A 292 -19.40 13.07 -3.11
N GLY A 293 -19.81 13.88 -2.15
CA GLY A 293 -20.97 14.77 -2.21
C GLY A 293 -21.24 15.31 -0.80
N GLU A 294 -22.22 16.20 -0.67
CA GLU A 294 -23.08 16.64 -1.78
C GLU A 294 -22.62 17.97 -2.41
N ALA A 295 -21.41 18.42 -2.13
CA ALA A 295 -20.87 19.68 -2.67
C ALA A 295 -19.77 19.41 -3.69
N ILE A 296 -20.03 18.50 -4.64
CA ILE A 296 -19.15 18.24 -5.81
C ILE A 296 -20.04 18.21 -7.06
N GLY A 297 -19.66 18.92 -8.10
CA GLY A 297 -20.63 19.26 -9.17
C GLY A 297 -20.80 18.17 -10.21
N THR A 298 -19.74 17.41 -10.53
CA THR A 298 -19.81 16.37 -11.56
C THR A 298 -19.11 15.10 -11.09
N TYR A 299 -19.43 13.97 -11.74
CA TYR A 299 -18.83 12.65 -11.44
C TYR A 299 -17.31 12.69 -11.72
N GLU A 300 -16.90 13.49 -12.69
CA GLU A 300 -15.47 13.65 -13.08
C GLU A 300 -14.71 14.31 -11.92
N GLU A 301 -15.31 15.31 -11.30
CA GLU A 301 -14.71 16.00 -10.12
C GLU A 301 -14.73 15.01 -8.94
N ASP A 302 -15.77 14.16 -8.80
CA ASP A 302 -15.82 13.11 -7.74
C ASP A 302 -14.54 12.25 -7.84
N VAL A 303 -14.26 11.70 -9.01
CA VAL A 303 -13.11 10.80 -9.26
C VAL A 303 -11.80 11.53 -8.93
N GLU A 304 -11.64 12.74 -9.48
CA GLU A 304 -10.46 13.63 -9.25
C GLU A 304 -10.29 13.88 -7.74
N TRP A 305 -11.34 14.27 -7.03
CA TRP A 305 -11.24 14.55 -5.56
C TRP A 305 -10.79 13.29 -4.83
N PHE A 306 -11.40 12.13 -5.09
CA PHE A 306 -11.12 10.88 -4.34
C PHE A 306 -9.70 10.41 -4.66
N THR A 307 -9.32 10.41 -5.94
CA THR A 307 -8.07 9.74 -6.36
C THR A 307 -6.88 10.68 -6.18
N LYS A 308 -7.07 12.01 -6.22
CA LYS A 308 -5.93 12.95 -6.24
C LYS A 308 -5.83 13.76 -4.96
N THR A 309 -6.87 13.80 -4.11
CA THR A 309 -6.85 14.53 -2.81
C THR A 309 -6.99 13.54 -1.63
N ILE A 310 -8.08 12.77 -1.56
CA ILE A 310 -8.39 11.91 -0.36
C ILE A 310 -7.42 10.74 -0.25
N ILE A 311 -7.30 9.93 -1.31
CA ILE A 311 -6.45 8.71 -1.25
C ILE A 311 -4.99 9.07 -0.97
N PRO A 312 -4.39 10.07 -1.63
CA PRO A 312 -3.03 10.49 -1.28
C PRO A 312 -2.89 11.01 0.16
N GLY A 313 -3.89 11.68 0.70
CA GLY A 313 -3.91 12.11 2.11
C GLY A 313 -3.90 10.91 3.05
N ILE A 314 -4.66 9.86 2.75
CA ILE A 314 -4.63 8.63 3.59
C ILE A 314 -3.23 8.00 3.49
N LYS A 315 -2.66 7.87 2.29
CA LYS A 315 -1.33 7.23 2.15
C LYS A 315 -0.26 8.08 2.87
N ASP A 316 -0.43 9.41 2.91
CA ASP A 316 0.52 10.33 3.61
C ASP A 316 0.55 9.96 5.10
N GLY A 317 -0.62 9.85 5.71
CA GLY A 317 -0.76 9.49 7.15
C GLY A 317 -0.22 8.10 7.43
N LEU A 318 -0.60 7.11 6.61
CA LEU A 318 -0.05 5.73 6.70
C LEU A 318 1.48 5.74 6.62
N LYS A 319 2.06 6.47 5.68
CA LYS A 319 3.54 6.51 5.52
C LYS A 319 4.15 7.04 6.83
N VAL A 320 3.55 8.08 7.40
CA VAL A 320 4.05 8.71 8.65
C VAL A 320 4.01 7.70 9.80
N LEU A 321 2.98 6.86 9.88
CA LEU A 321 2.89 5.85 10.97
C LEU A 321 3.82 4.64 10.72
N GLY A 322 4.44 4.52 9.54
CA GLY A 322 5.22 3.34 9.15
C GLY A 322 4.37 2.15 8.77
N ARG A 323 3.11 2.36 8.38
CA ARG A 323 2.19 1.26 7.97
C ARG A 323 2.43 0.87 6.51
N THR A 324 2.49 -0.44 6.25
CA THR A 324 2.67 -1.03 4.90
C THR A 324 1.33 -1.58 4.41
N ASP A 325 0.37 -1.73 5.32
CA ASP A 325 -0.97 -2.29 5.01
C ASP A 325 -1.89 -1.14 4.58
N GLU A 326 -3.03 -1.47 3.98
CA GLU A 326 -4.00 -0.44 3.52
C GLU A 326 -5.30 -0.73 4.27
N PRO A 327 -5.57 -0.08 5.42
CA PRO A 327 -6.79 -0.36 6.16
C PRO A 327 -7.98 0.05 5.28
N PRO A 328 -9.14 -0.60 5.46
CA PRO A 328 -10.28 -0.33 4.59
C PRO A 328 -10.75 1.13 4.65
N VAL A 329 -11.02 1.67 3.48
CA VAL A 329 -11.67 3.00 3.32
C VAL A 329 -13.06 2.70 2.79
N LEU A 330 -14.09 3.25 3.42
CA LEU A 330 -15.51 3.04 3.03
C LEU A 330 -15.96 4.19 2.15
N VAL A 331 -16.61 3.90 1.04
CA VAL A 331 -17.09 4.94 0.08
C VAL A 331 -18.59 4.72 -0.17
N ARG A 332 -19.37 5.77 0.04
CA ARG A 332 -20.83 5.78 -0.21
C ARG A 332 -21.06 5.81 -1.72
N ALA A 333 -22.06 5.09 -2.23
CA ALA A 333 -22.48 5.23 -3.63
C ALA A 333 -23.32 6.50 -3.81
N HIS A 334 -23.69 7.19 -2.74
CA HIS A 334 -24.57 8.38 -2.75
C HIS A 334 -24.00 9.53 -3.60
N ASP A 335 -24.80 10.00 -4.56
CA ASP A 335 -24.54 11.25 -5.34
C ASP A 335 -23.23 11.10 -6.11
N THR A 336 -22.90 9.92 -6.64
CA THR A 336 -21.66 9.71 -7.45
C THR A 336 -21.89 8.58 -8.45
N ASP A 337 -20.87 8.27 -9.22
CA ASP A 337 -20.89 7.15 -10.18
C ASP A 337 -19.92 6.10 -9.63
N CYS A 338 -20.47 5.12 -8.92
CA CYS A 338 -19.68 4.11 -8.18
C CYS A 338 -18.60 3.49 -9.04
N LYS A 339 -18.94 3.21 -10.31
CA LYS A 339 -18.15 2.39 -11.25
C LYS A 339 -16.93 3.19 -11.69
N MSE A 340 -17.13 4.44 -12.10
CA MSE A 340 -16.01 5.34 -12.35
CA MSE A 340 -15.96 5.26 -12.39
C MSE A 340 -15.14 5.42 -11.11
O MSE A 340 -13.91 5.43 -11.19
CB MSE A 340 -16.50 6.76 -12.69
CB MSE A 340 -16.35 6.60 -13.03
CG MSE A 340 -16.63 7.08 -14.15
CG MSE A 340 -16.25 6.59 -14.57
SE MSE A 340 -17.67 8.74 -14.34
SE MSE A 340 -18.02 6.48 -15.43
CE MSE A 340 -16.36 10.17 -14.01
CE MSE A 340 -18.98 4.77 -15.27
N VAL A 341 -15.77 5.55 -9.92
CA VAL A 341 -15.00 5.84 -8.73
C VAL A 341 -14.16 4.60 -8.38
N ILE A 342 -14.79 3.44 -8.24
CA ILE A 342 -14.07 2.23 -7.76
C ILE A 342 -13.03 1.83 -8.81
N ASP A 343 -13.40 1.87 -10.09
CA ASP A 343 -12.48 1.54 -11.19
C ASP A 343 -11.25 2.47 -11.15
N ALA A 344 -11.43 3.76 -10.92
CA ALA A 344 -10.29 4.71 -10.92
C ALA A 344 -9.48 4.51 -9.63
N ALA A 345 -10.13 4.14 -8.51
CA ALA A 345 -9.48 4.14 -7.18
C ALA A 345 -8.70 2.84 -6.94
N LEU A 346 -9.18 1.68 -7.39
CA LEU A 346 -8.64 0.35 -6.97
C LEU A 346 -7.17 0.22 -7.34
N PRO A 347 -6.70 0.73 -8.50
CA PRO A 347 -5.28 0.71 -8.79
C PRO A 347 -4.44 1.51 -7.78
N LEU A 348 -5.05 2.45 -7.06
CA LEU A 348 -4.33 3.38 -6.16
C LEU A 348 -4.47 2.91 -4.71
N TYR A 349 -5.57 2.25 -4.37
CA TYR A 349 -5.88 1.81 -3.00
C TYR A 349 -6.74 0.57 -3.08
N LYS A 350 -6.24 -0.56 -2.64
CA LYS A 350 -6.82 -1.89 -2.96
C LYS A 350 -8.01 -2.20 -2.04
N ASN A 351 -8.06 -1.63 -0.84
CA ASN A 351 -9.01 -2.03 0.23
C ASN A 351 -10.17 -1.02 0.35
N LEU A 352 -11.15 -1.09 -0.54
CA LEU A 352 -12.31 -0.17 -0.56
C LEU A 352 -13.55 -0.99 -0.23
N TYR A 353 -14.34 -0.51 0.70
CA TYR A 353 -15.68 -1.03 1.00
C TYR A 353 -16.70 -0.05 0.38
N THR A 354 -17.88 -0.56 0.02
CA THR A 354 -18.94 0.28 -0.58
C THR A 354 -20.12 0.23 0.36
N MSE A 355 -20.93 1.27 0.24
CA MSE A 355 -22.16 1.48 1.00
C MSE A 355 -23.22 2.01 0.04
O MSE A 355 -22.90 2.90 -0.76
CB MSE A 355 -21.95 2.49 2.13
CG MSE A 355 -23.19 2.71 2.93
SE MSE A 355 -23.07 3.85 4.49
CE MSE A 355 -21.84 2.72 5.59
N HIS A 356 -24.45 1.57 0.19
CA HIS A 356 -25.55 2.08 -0.63
C HIS A 356 -26.87 1.90 0.14
N LYS A 357 -27.78 2.87 -0.02
CA LYS A 357 -29.09 2.89 0.69
C LYS A 357 -29.88 1.63 0.35
N TYR A 358 -30.48 1.01 1.37
CA TYR A 358 -31.37 -0.18 1.25
C TYR A 358 -32.64 0.18 0.47
N ASN A 359 -33.42 1.16 0.95
CA ASN A 359 -34.68 1.58 0.25
C ASN A 359 -34.69 3.12 0.10
N GLY A 360 -33.67 3.70 -0.52
CA GLY A 360 -33.43 5.16 -0.44
C GLY A 360 -33.40 5.65 1.00
N GLU A 361 -34.16 6.70 1.35
CA GLU A 361 -34.14 7.30 2.70
C GLU A 361 -35.35 6.86 3.51
N SER A 362 -35.88 5.70 3.18
CA SER A 362 -37.12 5.13 3.76
C SER A 362 -36.96 3.64 4.06
N LEU A 363 -37.99 3.03 4.62
CA LEU A 363 -38.07 1.57 4.70
C LEU A 363 -39.43 1.19 4.09
N THR A 364 -39.40 0.60 2.90
CA THR A 364 -40.59 0.36 2.06
C THR A 364 -40.89 -1.11 1.83
N THR A 365 -39.90 -2.00 1.80
CA THR A 365 -40.16 -3.35 1.28
C THR A 365 -39.11 -4.35 1.78
N TYR A 366 -39.50 -5.61 1.82
CA TYR A 366 -38.55 -6.75 1.88
C TYR A 366 -38.58 -7.51 0.55
N GLU A 367 -39.14 -6.92 -0.50
CA GLU A 367 -39.12 -7.49 -1.87
C GLU A 367 -38.59 -6.45 -2.86
N PRO A 368 -37.35 -5.96 -2.61
CA PRO A 368 -36.74 -4.92 -3.43
C PRO A 368 -36.45 -5.50 -4.81
N ARG A 369 -36.39 -4.68 -5.86
CA ARG A 369 -36.16 -5.17 -7.25
C ARG A 369 -35.64 -4.00 -8.10
N GLY A 370 -35.61 -4.14 -9.42
CA GLY A 370 -35.54 -3.01 -10.34
C GLY A 370 -34.14 -2.44 -10.47
N PRO A 371 -33.99 -1.22 -11.02
CA PRO A 371 -32.67 -0.66 -11.31
C PRO A 371 -31.85 -0.44 -10.04
N TRP A 372 -32.49 -0.17 -8.90
CA TRP A 372 -31.69 0.08 -7.68
C TRP A 372 -31.12 -1.23 -7.13
N ALA A 373 -31.86 -2.34 -7.22
CA ALA A 373 -31.34 -3.69 -6.87
C ALA A 373 -30.13 -4.03 -7.74
N LYS A 374 -30.19 -3.71 -9.04
CA LYS A 374 -29.05 -3.89 -9.96
C LYS A 374 -27.83 -3.10 -9.45
N ILE A 375 -27.98 -1.87 -9.01
CA ILE A 375 -26.79 -1.09 -8.50
C ILE A 375 -26.15 -1.82 -7.30
N HIS A 376 -26.93 -2.24 -6.31
CA HIS A 376 -26.43 -3.08 -5.19
C HIS A 376 -25.73 -4.34 -5.71
N LYS A 377 -26.33 -5.07 -6.67
CA LYS A 377 -25.75 -6.35 -7.17
C LYS A 377 -24.41 -6.08 -7.83
N ASP A 378 -24.29 -4.96 -8.55
CA ASP A 378 -23.04 -4.58 -9.24
C ASP A 378 -21.96 -4.26 -8.20
N LEU A 379 -22.29 -3.57 -7.12
CA LEU A 379 -21.31 -3.20 -6.05
C LEU A 379 -20.90 -4.44 -5.28
N SER A 380 -21.84 -5.32 -4.94
CA SER A 380 -21.56 -6.63 -4.29
C SER A 380 -20.65 -7.46 -5.19
N SER A 381 -20.71 -7.24 -6.51
CA SER A 381 -19.93 -8.00 -7.53
C SER A 381 -18.41 -7.84 -7.32
N LEU A 382 -17.97 -6.75 -6.69
CA LEU A 382 -16.54 -6.39 -6.51
C LEU A 382 -15.87 -7.39 -5.58
N GLY A 383 -16.63 -8.21 -4.85
CA GLY A 383 -16.06 -9.34 -4.07
C GLY A 383 -15.41 -8.86 -2.79
N SER A 384 -15.88 -7.76 -2.24
CA SER A 384 -15.28 -7.15 -1.03
C SER A 384 -16.40 -7.02 0.01
N VAL A 385 -16.50 -5.90 0.70
CA VAL A 385 -17.58 -5.65 1.68
C VAL A 385 -18.50 -4.61 1.05
N HIS A 386 -19.79 -4.94 0.93
CA HIS A 386 -20.89 -4.06 0.46
C HIS A 386 -21.89 -3.93 1.59
N ILE A 387 -21.99 -2.71 2.12
CA ILE A 387 -22.78 -2.33 3.32
C ILE A 387 -24.12 -1.80 2.86
N SER A 388 -25.18 -2.48 3.28
CA SER A 388 -26.57 -2.00 3.20
C SER A 388 -26.83 -0.91 4.23
N ASN A 389 -27.21 0.29 3.78
CA ASN A 389 -27.49 1.43 4.66
C ASN A 389 -29.01 1.62 4.79
N VAL A 390 -29.54 1.37 5.98
CA VAL A 390 -30.97 1.68 6.31
C VAL A 390 -30.97 3.14 6.74
N HIS A 391 -31.30 4.00 5.80
CA HIS A 391 -30.94 5.43 5.78
C HIS A 391 -32.17 6.29 6.13
N ILE A 392 -32.12 7.04 7.21
CA ILE A 392 -32.90 8.26 7.61
C ILE A 392 -34.31 7.86 8.13
N LEU A 393 -35.00 6.95 7.47
CA LEU A 393 -36.34 6.42 7.86
C LEU A 393 -37.38 7.57 7.86
N ALA A 394 -37.41 8.32 6.76
CA ALA A 394 -38.30 9.49 6.58
C ALA A 394 -39.76 9.06 6.76
N ASN A 395 -40.16 7.93 6.18
CA ASN A 395 -41.56 7.46 6.21
C ASN A 395 -41.94 6.91 7.58
N LEU A 396 -41.01 6.64 8.51
CA LEU A 396 -41.40 6.14 9.85
C LEU A 396 -41.48 7.23 10.91
N GLU A 397 -41.03 8.45 10.64
CA GLU A 397 -40.93 9.49 11.67
C GLU A 397 -42.32 9.99 12.01
N PRO A 398 -42.69 10.16 13.29
CA PRO A 398 -41.83 9.87 14.44
C PRO A 398 -42.20 8.70 15.37
N TRP A 399 -43.23 7.94 14.97
CA TRP A 399 -43.87 6.90 15.82
C TRP A 399 -42.94 5.71 15.93
N ARG A 400 -43.24 4.91 16.93
CA ARG A 400 -42.52 3.66 17.23
C ARG A 400 -42.65 2.70 16.05
N TRP A 401 -41.56 2.04 15.71
CA TRP A 401 -41.51 1.02 14.64
C TRP A 401 -40.43 0.02 15.03
N SER A 402 -40.73 -1.27 15.02
CA SER A 402 -39.73 -2.34 15.24
C SER A 402 -40.42 -3.69 15.06
N SER A 403 -40.75 -4.00 13.83
CA SER A 403 -41.30 -5.28 13.39
C SER A 403 -40.18 -6.32 13.21
N PRO A 404 -40.09 -7.34 14.09
CA PRO A 404 -39.10 -8.41 13.88
C PRO A 404 -39.30 -9.06 12.51
N ASP A 405 -40.53 -9.40 12.13
CA ASP A 405 -40.81 -10.07 10.83
C ASP A 405 -40.27 -9.24 9.67
N PHE A 406 -40.60 -7.96 9.63
CA PHE A 406 -40.27 -7.02 8.54
C PHE A 406 -38.73 -6.88 8.48
N ILE A 407 -38.11 -6.77 9.64
CA ILE A 407 -36.63 -6.63 9.71
C ILE A 407 -35.99 -7.93 9.24
N GLN A 408 -36.45 -9.09 9.74
CA GLN A 408 -35.88 -10.38 9.32
C GLN A 408 -35.98 -10.51 7.79
N LYS A 409 -37.15 -10.24 7.24
CA LYS A 409 -37.36 -10.42 5.78
C LYS A 409 -36.48 -9.45 5.00
N SER A 410 -36.24 -8.25 5.54
CA SER A 410 -35.41 -7.21 4.87
C SER A 410 -33.94 -7.67 4.80
N VAL A 411 -33.40 -8.19 5.91
CA VAL A 411 -32.01 -8.75 5.90
C VAL A 411 -31.97 -9.92 4.91
N LYS A 412 -33.00 -10.78 4.82
CA LYS A 412 -32.94 -11.90 3.85
C LYS A 412 -32.85 -11.33 2.45
N ALA A 413 -33.56 -10.24 2.17
CA ALA A 413 -33.52 -9.55 0.85
C ALA A 413 -32.16 -8.91 0.59
N MSE A 414 -31.56 -8.31 1.61
CA MSE A 414 -30.22 -7.74 1.47
C MSE A 414 -29.28 -8.81 0.95
O MSE A 414 -28.46 -8.51 0.10
CB MSE A 414 -29.70 -7.16 2.79
CG MSE A 414 -30.38 -5.89 3.19
SE MSE A 414 -30.00 -5.42 5.05
CE MSE A 414 -31.20 -3.99 5.30
N HIS A 415 -29.36 -10.02 1.50
CA HIS A 415 -28.52 -11.10 1.00
C HIS A 415 -28.96 -11.53 -0.41
N SER A 416 -30.23 -11.91 -0.59
CA SER A 416 -30.71 -12.68 -1.77
C SER A 416 -30.84 -11.76 -2.99
N VAL A 417 -31.27 -10.53 -2.82
CA VAL A 417 -31.52 -9.59 -3.94
C VAL A 417 -30.32 -8.65 -4.11
N HIS A 418 -29.76 -8.11 -3.03
CA HIS A 418 -28.74 -7.03 -3.11
C HIS A 418 -27.31 -7.59 -3.08
N GLY A 419 -27.07 -8.78 -2.52
CA GLY A 419 -25.70 -9.33 -2.35
C GLY A 419 -24.94 -8.60 -1.24
N ALA A 420 -25.59 -7.89 -0.33
CA ALA A 420 -24.92 -7.14 0.76
C ALA A 420 -24.37 -8.12 1.81
N ASN A 421 -23.20 -7.83 2.39
CA ASN A 421 -22.64 -8.73 3.44
C ASN A 421 -22.37 -7.93 4.72
N ALA A 422 -22.97 -6.75 4.86
CA ALA A 422 -22.74 -5.81 5.97
C ALA A 422 -23.94 -4.87 6.10
N LEU A 423 -24.09 -4.29 7.29
CA LEU A 423 -25.27 -3.47 7.65
C LEU A 423 -24.84 -2.22 8.43
N HIS A 424 -25.39 -1.09 8.00
CA HIS A 424 -25.34 0.22 8.65
C HIS A 424 -26.76 0.70 8.85
N ILE A 425 -27.17 0.89 10.09
CA ILE A 425 -28.54 1.36 10.41
C ILE A 425 -28.51 2.76 11.04
N TYR A 426 -29.44 3.57 10.57
CA TYR A 426 -29.82 4.84 11.22
C TYR A 426 -30.60 4.58 12.50
N PRO A 427 -30.70 5.58 13.38
CA PRO A 427 -31.75 5.59 14.39
C PRO A 427 -33.13 5.40 13.74
N GLN A 428 -34.07 4.84 14.51
CA GLN A 428 -35.37 4.43 13.93
C GLN A 428 -36.14 5.68 13.46
N ALA A 429 -35.97 6.79 14.15
CA ALA A 429 -36.64 8.10 13.91
C ALA A 429 -35.78 9.17 14.57
N ASN A 430 -35.93 10.43 14.15
CA ASN A 430 -35.40 11.61 14.86
C ASN A 430 -33.86 11.67 14.80
N TYR A 431 -33.27 11.21 13.70
CA TYR A 431 -31.78 11.25 13.46
C TYR A 431 -31.18 12.62 13.76
N TRP A 432 -31.84 13.71 13.37
CA TRP A 432 -31.30 15.09 13.45
C TRP A 432 -31.34 15.59 14.90
N ASP A 433 -31.96 14.85 15.85
CA ASP A 433 -32.23 15.36 17.21
C ASP A 433 -31.70 14.35 18.25
N TRP A 434 -30.61 13.65 17.93
CA TRP A 434 -29.90 12.78 18.90
C TRP A 434 -29.63 13.60 20.15
N PRO A 435 -29.78 13.06 21.38
CA PRO A 435 -30.10 11.64 21.61
C PRO A 435 -31.57 11.34 21.95
N TYR A 436 -32.49 12.22 21.54
CA TYR A 436 -33.90 12.23 21.96
C TYR A 436 -34.85 11.80 20.85
N THR A 437 -35.98 11.22 21.26
CA THR A 437 -37.14 10.95 20.37
C THR A 437 -37.96 12.23 20.23
N ALA A 438 -38.95 12.22 19.35
CA ALA A 438 -39.89 13.35 19.17
C ALA A 438 -40.98 13.32 20.25
N ASP A 439 -41.01 12.32 21.13
CA ASP A 439 -42.10 12.17 22.16
C ASP A 439 -42.15 13.41 23.05
N LYS A 440 -43.36 13.88 23.36
CA LYS A 440 -43.59 14.95 24.33
C LYS A 440 -44.06 14.29 25.63
N LEU A 441 -43.21 14.29 26.66
CA LEU A 441 -43.57 13.75 28.00
C LEU A 441 -43.99 14.93 28.89
N ALA A 442 -44.63 14.65 30.02
CA ALA A 442 -45.08 15.64 31.02
C ALA A 442 -43.93 16.59 31.36
N ASN A 443 -44.23 17.89 31.42
CA ASN A 443 -43.38 18.91 32.06
C ASN A 443 -42.02 19.01 31.37
N GLY A 444 -41.96 18.89 30.04
CA GLY A 444 -40.75 19.15 29.25
C GLY A 444 -39.75 17.99 29.24
N GLU A 445 -40.03 16.84 29.84
CA GLU A 445 -39.04 15.72 29.86
C GLU A 445 -38.81 15.21 28.43
N ARG A 446 -37.57 14.84 28.06
CA ARG A 446 -37.25 14.27 26.73
C ARG A 446 -37.01 12.76 26.87
N GLU A 447 -37.46 11.96 25.89
CA GLU A 447 -37.34 10.49 25.93
C GLU A 447 -36.05 10.17 25.17
N GLU A 448 -35.25 9.25 25.65
CA GLU A 448 -33.98 8.80 25.02
C GLU A 448 -34.26 7.81 23.91
N GLN A 449 -33.62 7.96 22.73
CA GLN A 449 -33.74 7.00 21.62
C GLN A 449 -33.23 5.61 22.03
N VAL A 450 -32.17 5.51 22.81
CA VAL A 450 -31.62 4.18 23.23
C VAL A 450 -32.62 3.47 24.15
N TYR A 451 -33.46 4.19 24.86
CA TYR A 451 -34.53 3.58 25.67
C TYR A 451 -35.68 3.13 24.76
N ARG A 452 -36.31 4.06 24.06
CA ARG A 452 -37.50 3.78 23.25
C ARG A 452 -37.23 2.71 22.18
N ASP A 453 -36.10 2.79 21.51
CA ASP A 453 -35.91 2.05 20.24
C ASP A 453 -35.00 0.84 20.47
N TRP A 454 -34.96 0.30 21.70
CA TRP A 454 -34.16 -0.91 22.04
C TRP A 454 -34.47 -2.06 21.07
N ALA A 455 -35.71 -2.32 20.73
CA ALA A 455 -36.04 -3.50 19.90
C ALA A 455 -35.59 -3.30 18.44
N TRP A 456 -35.56 -2.06 17.95
CA TRP A 456 -34.98 -1.75 16.62
C TRP A 456 -33.51 -2.19 16.57
N TYR A 457 -32.67 -1.71 17.47
CA TYR A 457 -31.24 -2.07 17.47
C TYR A 457 -31.09 -3.58 17.64
N LYS A 458 -31.88 -4.17 18.53
CA LYS A 458 -31.74 -5.60 18.87
C LYS A 458 -32.14 -6.46 17.65
N ALA A 459 -33.25 -6.09 16.99
CA ALA A 459 -33.73 -6.82 15.79
C ALA A 459 -32.71 -6.76 14.63
N TRP A 460 -32.26 -5.55 14.22
CA TRP A 460 -31.23 -5.41 13.17
C TRP A 460 -29.95 -6.19 13.55
N GLY A 461 -29.46 -6.08 14.78
CA GLY A 461 -28.30 -6.88 15.23
C GLY A 461 -28.55 -8.37 15.13
N ARG A 462 -29.73 -8.84 15.56
CA ARG A 462 -30.02 -10.30 15.59
C ARG A 462 -30.05 -10.88 14.17
N TYR A 463 -30.72 -10.21 13.23
CA TYR A 463 -30.85 -10.74 11.85
C TYR A 463 -29.56 -10.50 11.02
N ALA A 464 -28.74 -9.49 11.33
CA ALA A 464 -27.40 -9.27 10.75
C ALA A 464 -26.46 -10.41 11.18
N TRP A 465 -26.62 -10.89 12.41
CA TRP A 465 -25.88 -12.06 12.94
C TRP A 465 -26.28 -13.31 12.15
N LYS A 466 -27.59 -13.54 12.02
CA LYS A 466 -28.15 -14.75 11.37
C LYS A 466 -29.56 -14.45 10.88
N ALA A 467 -29.79 -14.54 9.57
CA ALA A 467 -31.06 -14.10 8.94
C ALA A 467 -32.07 -15.23 8.99
N ASP A 468 -31.61 -16.43 8.72
CA ASP A 468 -32.47 -17.64 8.64
C ASP A 468 -32.64 -18.24 10.05
N ARG A 469 -33.77 -17.93 10.68
CA ARG A 469 -34.15 -18.42 12.03
C ARG A 469 -35.65 -18.77 11.95
N ASN A 470 -36.00 -19.94 12.44
CA ASN A 470 -37.38 -20.49 12.44
C ASN A 470 -38.33 -19.44 13.01
N ARG A 471 -39.37 -19.10 12.25
CA ARG A 471 -40.24 -17.97 12.62
C ARG A 471 -40.97 -18.25 13.93
N LEU A 472 -41.48 -19.47 14.15
CA LEU A 472 -42.13 -19.76 15.44
C LEU A 472 -41.13 -19.56 16.59
N GLU A 473 -39.89 -20.05 16.47
CA GLU A 473 -38.86 -19.83 17.54
C GLU A 473 -38.60 -18.32 17.73
N GLU A 474 -38.59 -17.53 16.66
CA GLU A 474 -38.37 -16.06 16.77
C GLU A 474 -39.53 -15.41 17.54
N ILE A 475 -40.77 -15.82 17.26
CA ILE A 475 -41.96 -15.25 17.96
C ILE A 475 -41.76 -15.52 19.47
N LYS A 476 -41.35 -16.73 19.86
CA LYS A 476 -41.13 -17.08 21.29
C LYS A 476 -40.00 -16.23 21.89
N TYR A 477 -38.92 -16.01 21.13
CA TYR A 477 -37.78 -15.12 21.54
C TYR A 477 -38.32 -13.71 21.77
N TRP A 478 -39.07 -13.17 20.82
CA TRP A 478 -39.56 -11.77 20.95
C TRP A 478 -40.63 -11.68 22.03
N ASP A 479 -41.49 -12.69 22.14
CA ASP A 479 -42.52 -12.65 23.22
C ASP A 479 -41.82 -12.54 24.58
N LYS A 480 -40.71 -13.23 24.78
CA LYS A 480 -39.98 -13.18 26.07
C LYS A 480 -39.26 -11.83 26.24
N GLN A 481 -38.65 -11.28 25.19
CA GLN A 481 -37.98 -9.94 25.22
C GLN A 481 -39.00 -8.86 25.65
N PHE A 482 -40.18 -8.83 25.02
CA PHE A 482 -41.24 -7.83 25.31
C PHE A 482 -41.82 -8.09 26.68
N GLY A 483 -42.01 -9.36 27.04
CA GLY A 483 -42.54 -9.74 28.35
C GLY A 483 -41.62 -9.27 29.46
N ASP A 484 -40.33 -9.55 29.31
CA ASP A 484 -39.31 -9.18 30.32
C ASP A 484 -39.27 -7.65 30.44
N PHE A 485 -39.32 -6.89 29.33
CA PHE A 485 -39.19 -5.41 29.40
C PHE A 485 -40.42 -4.81 30.13
N TYR A 486 -41.62 -5.37 29.91
CA TYR A 486 -42.91 -4.84 30.45
C TYR A 486 -43.35 -5.60 31.70
N GLY A 487 -42.57 -6.59 32.13
CA GLY A 487 -42.88 -7.43 33.30
C GLY A 487 -44.19 -8.19 33.15
N ILE A 488 -44.44 -8.78 31.99
CA ILE A 488 -45.70 -9.47 31.57
C ILE A 488 -45.33 -10.90 31.17
N PRO A 489 -46.12 -11.94 31.48
CA PRO A 489 -45.84 -13.28 30.95
C PRO A 489 -45.65 -13.21 29.43
N ALA A 490 -44.78 -14.04 28.88
CA ALA A 490 -44.49 -14.14 27.42
C ALA A 490 -45.77 -14.33 26.59
N GLU A 491 -46.69 -15.22 26.98
CA GLU A 491 -47.97 -15.50 26.24
C GLU A 491 -48.81 -14.23 26.08
N MSE A 492 -48.92 -13.45 27.16
CA MSE A 492 -49.62 -12.18 27.18
C MSE A 492 -48.91 -11.13 26.32
O MSE A 492 -49.53 -10.33 25.60
CB MSE A 492 -49.67 -11.76 28.66
CG MSE A 492 -50.66 -12.55 29.47
SE MSE A 492 -52.43 -11.88 28.89
CE MSE A 492 -52.46 -9.91 29.15
N ALA A 493 -47.57 -11.16 26.38
CA ALA A 493 -46.73 -10.22 25.66
C ALA A 493 -46.76 -10.45 24.15
N ASP A 494 -47.24 -11.59 23.65
CA ASP A 494 -47.36 -11.80 22.19
C ASP A 494 -48.20 -10.67 21.56
N ASN A 495 -49.15 -10.09 22.28
CA ASN A 495 -50.01 -8.99 21.74
C ASN A 495 -49.17 -7.75 21.45
N ILE A 496 -48.05 -7.57 22.15
CA ILE A 496 -47.12 -6.44 21.87
C ILE A 496 -46.45 -6.73 20.53
N ARG A 497 -45.93 -7.92 20.37
CA ARG A 497 -45.32 -8.35 19.09
C ARG A 497 -46.29 -8.17 17.92
N ILE A 498 -47.54 -8.60 18.08
CA ILE A 498 -48.60 -8.43 17.03
C ILE A 498 -48.75 -6.96 16.68
N ALA A 499 -48.81 -6.09 17.68
CA ALA A 499 -49.02 -4.64 17.50
C ALA A 499 -47.89 -4.12 16.61
N TYR A 500 -46.65 -4.52 16.88
CA TYR A 500 -45.47 -4.02 16.11
C TYR A 500 -45.52 -4.57 14.69
N GLU A 501 -45.90 -5.83 14.50
CA GLU A 501 -45.82 -6.51 13.18
C GLU A 501 -46.98 -6.05 12.30
N GLU A 502 -48.15 -5.79 12.87
CA GLU A 502 -49.30 -5.27 12.06
C GLU A 502 -49.05 -3.79 11.72
N SER A 503 -48.80 -2.94 12.70
CA SER A 503 -48.57 -1.50 12.44
C SER A 503 -47.33 -1.32 11.54
N GLY A 504 -46.36 -2.25 11.59
CA GLY A 504 -45.08 -2.13 10.88
C GLY A 504 -45.23 -2.11 9.37
N GLU A 505 -46.28 -2.71 8.84
CA GLU A 505 -46.52 -2.77 7.38
C GLU A 505 -47.15 -1.46 6.87
N ILE A 506 -47.68 -0.59 7.74
CA ILE A 506 -48.53 0.55 7.24
C ILE A 506 -47.67 1.59 6.48
N ALA A 507 -46.64 2.16 7.09
CA ALA A 507 -45.85 3.23 6.46
C ALA A 507 -45.09 2.68 5.24
N PRO A 508 -44.49 1.49 5.27
CA PRO A 508 -43.86 0.94 4.07
C PRO A 508 -44.83 0.81 2.90
N LYS A 509 -46.00 0.25 3.18
CA LYS A 509 -46.96 -0.03 2.08
C LYS A 509 -47.46 1.29 1.47
N LEU A 510 -47.90 2.22 2.32
CA LEU A 510 -48.47 3.50 1.82
C LEU A 510 -47.38 4.28 1.05
N LEU A 511 -46.13 4.32 1.50
CA LEU A 511 -45.11 5.12 0.77
C LEU A 511 -44.89 4.52 -0.62
N ARG A 512 -44.72 3.22 -0.73
CA ARG A 512 -44.32 2.62 -2.03
C ARG A 512 -45.50 2.70 -2.99
N ARG A 513 -46.75 2.75 -2.51
CA ARG A 513 -47.93 2.71 -3.45
C ARG A 513 -48.39 4.14 -3.82
N PHE A 514 -48.16 5.14 -2.97
CA PHE A 514 -48.73 6.49 -3.10
C PHE A 514 -47.72 7.61 -2.89
N GLY A 515 -46.49 7.28 -2.46
CA GLY A 515 -45.52 8.34 -2.11
C GLY A 515 -45.02 9.11 -3.34
N ILE A 516 -44.53 10.32 -3.11
CA ILE A 516 -43.83 11.13 -4.13
C ILE A 516 -42.37 10.67 -4.18
N THR A 517 -41.80 10.37 -3.02
CA THR A 517 -40.35 10.10 -2.93
C THR A 517 -40.07 9.27 -1.67
N GLU A 518 -38.99 8.51 -1.72
CA GLU A 518 -38.40 7.83 -0.53
C GLU A 518 -37.45 8.77 0.22
N GLY A 519 -37.17 9.98 -0.29
CA GLY A 519 -36.34 11.00 0.37
C GLY A 519 -37.00 11.65 1.57
N ASN A 520 -36.22 12.28 2.45
CA ASN A 520 -36.86 13.04 3.57
C ASN A 520 -37.42 14.39 3.06
N ARG A 521 -37.31 14.65 1.76
CA ARG A 521 -38.12 15.70 1.08
C ARG A 521 -39.59 15.47 1.45
N GLN A 522 -40.00 14.21 1.67
CA GLN A 522 -41.38 13.85 2.10
C GLN A 522 -41.41 13.40 3.57
N THR A 523 -42.45 13.81 4.31
CA THR A 523 -42.75 13.32 5.70
C THR A 523 -44.10 12.59 5.60
N LEU A 524 -44.09 11.29 5.26
CA LEU A 524 -45.33 10.55 4.97
C LEU A 524 -46.38 10.74 6.08
N LEU A 525 -45.99 10.65 7.35
CA LEU A 525 -46.99 10.45 8.44
C LEU A 525 -47.72 11.76 8.81
N LEU A 526 -47.41 12.87 8.17
CA LEU A 526 -48.23 14.12 8.24
C LEU A 526 -49.37 14.07 7.20
N GLY A 527 -49.35 13.10 6.28
CA GLY A 527 -50.39 12.92 5.23
C GLY A 527 -50.02 13.56 3.91
N MSE A 528 -51.01 13.54 2.99
CA MSE A 528 -50.80 14.08 1.66
C MSE A 528 -52.04 14.86 1.21
O MSE A 528 -53.17 14.53 1.64
CB MSE A 528 -50.48 12.93 0.70
CG MSE A 528 -49.16 12.22 1.03
SE MSE A 528 -48.77 10.75 -0.29
CE MSE A 528 -48.57 11.92 -1.67
N PHE A 529 -51.83 15.83 0.33
CA PHE A 529 -52.94 16.60 -0.27
C PHE A 529 -53.58 15.82 -1.43
N MSE A 530 -54.86 16.14 -1.71
CA MSE A 530 -55.54 15.58 -2.88
C MSE A 530 -54.70 15.75 -4.15
O MSE A 530 -54.67 14.84 -4.96
CB MSE A 530 -56.91 16.24 -3.06
CG MSE A 530 -57.87 15.93 -1.93
SE MSE A 530 -58.50 14.05 -1.99
CE MSE A 530 -59.69 14.06 -3.51
N SER A 531 -54.10 16.93 -4.34
CA SER A 531 -53.31 17.24 -5.52
C SER A 531 -52.21 16.18 -5.70
N GLN A 532 -51.59 15.74 -4.60
CA GLN A 532 -50.46 14.77 -4.60
C GLN A 532 -50.95 13.37 -4.98
N PHE A 533 -52.24 13.06 -4.78
CA PHE A 533 -52.87 11.79 -5.20
C PHE A 533 -53.31 11.86 -6.66
N VAL A 534 -53.87 12.98 -7.09
CA VAL A 534 -54.52 12.99 -8.46
C VAL A 534 -53.54 13.52 -9.52
N ASN A 535 -52.43 14.14 -9.09
CA ASN A 535 -51.45 14.75 -10.02
C ASN A 535 -50.07 14.55 -9.43
N PRO A 536 -49.68 13.32 -9.10
CA PRO A 536 -48.43 13.07 -8.38
C PRO A 536 -47.18 13.53 -9.18
N TYR A 537 -47.19 13.45 -10.51
CA TYR A 537 -45.99 13.79 -11.32
C TYR A 537 -45.69 15.30 -11.25
N LYS A 538 -46.65 16.15 -10.86
CA LYS A 538 -46.38 17.58 -10.61
C LYS A 538 -45.32 17.75 -9.51
N TYR A 539 -45.22 16.83 -8.57
CA TYR A 539 -44.37 16.99 -7.34
C TYR A 539 -42.98 16.35 -7.55
N THR A 540 -42.70 15.91 -8.78
CA THR A 540 -41.39 15.39 -9.27
C THR A 540 -41.20 13.98 -8.70
N ILE A 541 -41.51 12.97 -9.48
CA ILE A 541 -41.23 11.57 -9.08
C ILE A 541 -40.04 11.13 -9.89
N HIS A 542 -39.01 10.64 -9.23
CA HIS A 542 -37.74 10.20 -9.89
C HIS A 542 -37.86 8.76 -10.41
N TYR A 543 -37.36 8.51 -11.61
CA TYR A 543 -37.21 7.14 -12.16
C TYR A 543 -36.41 6.32 -11.14
N GLY A 544 -36.83 5.08 -10.89
CA GLY A 544 -36.14 4.20 -9.93
C GLY A 544 -36.97 3.88 -8.68
N PHE A 545 -37.69 4.85 -8.15
CA PHE A 545 -38.43 4.69 -6.86
C PHE A 545 -39.54 3.63 -7.03
N TYR A 546 -40.58 3.95 -7.83
CA TYR A 546 -41.69 2.98 -8.09
C TYR A 546 -41.12 1.70 -8.72
N GLU A 547 -40.02 1.78 -9.46
CA GLU A 547 -39.50 0.60 -10.20
C GLU A 547 -38.70 -0.32 -9.25
N SER A 548 -38.30 0.11 -8.06
CA SER A 548 -37.37 -0.68 -7.19
C SER A 548 -37.97 -1.04 -5.82
N CYS A 549 -38.84 -0.20 -5.26
CA CYS A 549 -39.01 -0.07 -3.78
C CYS A 549 -40.17 -0.93 -3.29
N GLY A 550 -40.51 -1.98 -4.03
CA GLY A 550 -41.44 -3.05 -3.64
C GLY A 550 -41.98 -3.80 -4.84
N PRO A 551 -42.99 -4.68 -4.68
CA PRO A 551 -43.61 -5.33 -5.82
C PRO A 551 -44.14 -4.32 -6.87
N GLY A 552 -44.01 -4.69 -8.15
CA GLY A 552 -44.55 -3.95 -9.28
C GLY A 552 -46.04 -3.76 -9.12
N GLY A 553 -46.54 -2.59 -9.44
CA GLY A 553 -47.98 -2.31 -9.34
C GLY A 553 -48.36 -1.03 -10.04
N GLU A 554 -49.50 -0.49 -9.67
CA GLU A 554 -50.10 0.68 -10.34
C GLU A 554 -50.18 1.81 -9.33
N LYS A 555 -49.90 3.02 -9.77
CA LYS A 555 -50.33 4.24 -9.02
C LYS A 555 -51.86 4.34 -9.10
N LEU A 556 -52.45 5.10 -8.18
CA LEU A 556 -53.90 5.43 -8.30
C LEU A 556 -54.21 6.02 -9.69
N ILE A 557 -53.43 6.98 -10.20
CA ILE A 557 -53.75 7.58 -11.55
C ILE A 557 -53.73 6.50 -12.63
N GLU A 558 -52.82 5.55 -12.54
CA GLU A 558 -52.71 4.45 -13.54
C GLU A 558 -53.91 3.51 -13.42
N TYR A 559 -54.30 3.17 -12.19
CA TYR A 559 -55.43 2.25 -11.93
C TYR A 559 -56.72 2.81 -12.55
N VAL A 560 -56.97 4.11 -12.32
CA VAL A 560 -58.24 4.76 -12.77
C VAL A 560 -58.22 4.91 -14.29
N GLU A 561 -57.09 5.28 -14.88
CA GLU A 561 -56.91 5.35 -16.36
C GLU A 561 -57.25 3.98 -16.97
N LYS A 562 -56.79 2.88 -16.38
CA LYS A 562 -57.01 1.54 -16.94
C LYS A 562 -58.48 1.15 -16.77
N GLU A 563 -59.15 1.63 -15.71
CA GLU A 563 -60.62 1.39 -15.52
C GLU A 563 -61.34 2.05 -16.69
N TRP A 564 -61.00 3.30 -17.01
CA TRP A 564 -61.70 4.10 -18.06
C TRP A 564 -61.37 3.53 -19.44
N LYS A 565 -60.16 2.99 -19.64
CA LYS A 565 -59.72 2.45 -20.96
C LYS A 565 -59.97 0.96 -21.07
N LYS A 566 -60.62 0.36 -20.06
CA LYS A 566 -61.00 -1.07 -20.02
C LYS A 566 -59.75 -1.94 -20.23
N GLN A 567 -58.66 -1.58 -19.56
CA GLN A 567 -57.37 -2.31 -19.67
C GLN A 567 -57.15 -3.12 -18.41
N PRO A 568 -56.55 -4.32 -18.51
CA PRO A 568 -56.32 -5.19 -17.34
C PRO A 568 -55.33 -4.57 -16.35
N HIS A 569 -55.51 -4.88 -15.08
CA HIS A 569 -54.68 -4.38 -13.95
C HIS A 569 -53.59 -5.41 -13.65
N VAL A 570 -52.42 -4.96 -13.23
CA VAL A 570 -51.21 -5.82 -13.07
C VAL A 570 -50.59 -5.50 -11.73
N GLY A 571 -50.32 -6.51 -10.89
CA GLY A 571 -49.49 -6.31 -9.68
C GLY A 571 -50.24 -5.69 -8.50
N GLU A 572 -49.51 -5.01 -7.63
CA GLU A 572 -50.01 -4.45 -6.35
C GLU A 572 -50.94 -3.26 -6.64
N LEU A 573 -52.22 -3.34 -6.23
CA LEU A 573 -53.23 -2.32 -6.61
C LEU A 573 -53.53 -1.39 -5.43
N PRO A 574 -53.71 -0.09 -5.72
CA PRO A 574 -53.81 0.93 -4.68
C PRO A 574 -55.03 0.72 -3.77
N LEU A 575 -56.16 0.24 -4.30
CA LEU A 575 -57.36 -0.03 -3.47
C LEU A 575 -57.12 -1.25 -2.60
N ASP A 576 -56.36 -2.24 -3.09
CA ASP A 576 -56.00 -3.42 -2.26
C ASP A 576 -55.14 -2.91 -1.10
N ILE A 577 -54.18 -2.01 -1.35
CA ILE A 577 -53.25 -1.57 -0.28
C ILE A 577 -54.03 -0.79 0.82
N ILE A 578 -54.95 0.12 0.46
CA ILE A 578 -55.68 0.87 1.54
C ILE A 578 -56.54 -0.10 2.35
N ASN A 579 -57.12 -1.13 1.76
CA ASN A 579 -57.89 -2.16 2.52
C ASN A 579 -56.93 -2.85 3.49
N GLN A 580 -55.76 -3.27 3.01
CA GLN A 580 -54.78 -3.98 3.86
C GLN A 580 -54.37 -3.07 5.02
N VAL A 581 -54.15 -1.78 4.79
CA VAL A 581 -53.61 -0.87 5.83
C VAL A 581 -54.68 -0.59 6.91
N ILE A 582 -55.95 -0.52 6.57
CA ILE A 582 -56.96 -0.31 7.66
C ILE A 582 -57.02 -1.60 8.49
N GLU A 583 -56.88 -2.75 7.88
CA GLU A 583 -56.84 -4.03 8.61
C GLU A 583 -55.61 -4.07 9.56
N HIS A 584 -54.42 -3.70 9.08
CA HIS A 584 -53.21 -3.59 9.96
C HIS A 584 -53.50 -2.68 11.17
N GLY A 585 -54.07 -1.51 10.92
CA GLY A 585 -54.40 -0.50 11.93
C GLY A 585 -55.36 -1.06 12.98
N ASP A 586 -56.43 -1.69 12.54
CA ASP A 586 -57.44 -2.30 13.45
C ASP A 586 -56.80 -3.40 14.28
N LYS A 587 -56.00 -4.28 13.67
CA LYS A 587 -55.39 -5.42 14.38
C LYS A 587 -54.36 -4.91 15.40
N ALA A 588 -53.58 -3.89 15.08
CA ALA A 588 -52.56 -3.37 16.01
C ALA A 588 -53.24 -2.79 17.25
N VAL A 589 -54.31 -2.02 17.04
CA VAL A 589 -55.06 -1.43 18.15
C VAL A 589 -55.69 -2.54 19.01
N ALA A 590 -56.33 -3.54 18.39
CA ALA A 590 -57.04 -4.60 19.14
C ALA A 590 -56.04 -5.38 20.01
N ALA A 591 -54.85 -5.66 19.46
CA ALA A 591 -53.75 -6.36 20.17
C ALA A 591 -53.26 -5.55 21.37
N ILE A 592 -52.91 -4.27 21.18
CA ILE A 592 -52.21 -3.48 22.23
C ILE A 592 -53.20 -3.16 23.35
N ASP A 593 -54.45 -2.89 23.00
CA ASP A 593 -55.53 -2.58 23.99
C ASP A 593 -55.70 -3.76 24.97
N LYS A 594 -55.46 -5.00 24.58
CA LYS A 594 -55.68 -6.16 25.48
C LYS A 594 -54.61 -6.21 26.57
N VAL A 595 -53.41 -5.68 26.31
CA VAL A 595 -52.23 -5.99 27.16
C VAL A 595 -51.83 -4.74 27.94
N VAL A 596 -52.30 -3.55 27.53
CA VAL A 596 -51.72 -2.26 28.00
C VAL A 596 -51.85 -2.15 29.53
N SER A 597 -52.92 -2.68 30.15
CA SER A 597 -53.20 -2.61 31.61
C SER A 597 -52.31 -3.56 32.42
N SER A 598 -51.64 -4.51 31.81
CA SER A 598 -50.91 -5.65 32.43
C SER A 598 -49.52 -5.22 32.95
N ALA A 599 -48.92 -4.17 32.40
CA ALA A 599 -47.46 -3.92 32.52
C ALA A 599 -47.10 -3.82 34.00
N LYS A 600 -46.10 -4.55 34.49
CA LYS A 600 -45.59 -4.40 35.89
C LYS A 600 -44.33 -3.53 35.86
N LYS A 601 -43.77 -3.25 34.68
CA LYS A 601 -42.59 -2.36 34.47
C LYS A 601 -42.80 -1.55 33.20
N ASN A 602 -42.22 -0.36 33.13
CA ASN A 602 -42.17 0.48 31.89
C ASN A 602 -43.60 0.74 31.43
N SER A 603 -44.50 0.92 32.38
CA SER A 603 -45.96 1.05 32.13
C SER A 603 -46.25 2.31 31.30
N ASP A 604 -45.60 3.43 31.57
CA ASP A 604 -45.81 4.70 30.83
C ASP A 604 -45.43 4.52 29.36
N GLU A 605 -44.36 3.75 29.12
CA GLU A 605 -43.82 3.45 27.79
C GLU A 605 -44.85 2.59 27.03
N LEU A 606 -45.44 1.58 27.69
CA LEU A 606 -46.46 0.78 27.02
C LEU A 606 -47.70 1.64 26.68
N ARG A 607 -48.08 2.60 27.52
CA ARG A 607 -49.21 3.54 27.19
C ARG A 607 -48.85 4.42 25.98
N ARG A 608 -47.57 4.79 25.78
CA ARG A 608 -47.12 5.56 24.58
C ARG A 608 -47.21 4.63 23.36
N LEU A 609 -46.83 3.36 23.48
CA LEU A 609 -46.91 2.41 22.35
C LEU A 609 -48.39 2.28 22.00
N GLN A 610 -49.27 2.18 22.97
CA GLN A 610 -50.72 2.08 22.68
C GLN A 610 -51.16 3.33 21.90
N ASN A 611 -50.77 4.51 22.37
CA ASN A 611 -51.09 5.82 21.73
C ASN A 611 -50.59 5.82 20.28
N ASP A 612 -49.36 5.31 20.04
CA ASP A 612 -48.79 5.21 18.68
C ASP A 612 -49.62 4.30 17.78
N MSE A 613 -50.09 3.17 18.30
CA MSE A 613 -50.96 2.29 17.52
C MSE A 613 -52.29 2.99 17.19
O MSE A 613 -52.75 2.85 16.06
CB MSE A 613 -51.20 0.95 18.24
CG MSE A 613 -49.96 0.22 18.72
SE MSE A 613 -48.85 -0.32 17.22
CE MSE A 613 -47.68 1.26 17.23
N HIS A 614 -52.93 3.69 18.14
CA HIS A 614 -54.11 4.48 17.82
C HIS A 614 -53.80 5.55 16.77
N CYS A 615 -52.62 6.20 16.81
CA CYS A 615 -52.17 7.17 15.80
C CYS A 615 -52.14 6.50 14.42
N TYR A 616 -51.50 5.36 14.33
CA TYR A 616 -51.36 4.60 13.06
C TYR A 616 -52.74 4.22 12.54
N ARG A 617 -53.64 3.81 13.40
CA ARG A 617 -55.02 3.46 12.96
C ARG A 617 -55.78 4.70 12.42
N GLU A 618 -55.80 5.84 13.12
CA GLU A 618 -56.47 7.08 12.63
C GLU A 618 -55.80 7.54 11.33
N TYR A 619 -54.48 7.43 11.24
CA TYR A 619 -53.74 7.78 10.01
C TYR A 619 -54.20 6.90 8.83
N ALA A 620 -54.27 5.59 9.03
CA ALA A 620 -54.70 4.57 8.06
C ALA A 620 -56.11 4.88 7.54
N TYR A 621 -57.05 5.20 8.43
CA TYR A 621 -58.45 5.52 8.03
C TYR A 621 -58.51 6.87 7.30
N ALA A 622 -57.79 7.89 7.78
CA ALA A 622 -57.70 9.21 7.10
C ALA A 622 -57.21 8.99 5.65
N PHE A 623 -56.19 8.17 5.49
CA PHE A 623 -55.57 7.87 4.18
C PHE A 623 -56.53 7.11 3.27
N TYR A 624 -57.18 6.07 3.79
CA TYR A 624 -58.20 5.25 3.11
C TYR A 624 -59.26 6.17 2.50
N TYR A 625 -59.88 7.02 3.29
CA TYR A 625 -61.00 7.85 2.80
C TYR A 625 -60.51 8.88 1.76
N LYS A 626 -59.33 9.46 1.97
CA LYS A 626 -58.75 10.45 1.03
C LYS A 626 -58.46 9.77 -0.30
N VAL A 627 -57.96 8.54 -0.29
CA VAL A 627 -57.66 7.79 -1.54
C VAL A 627 -59.00 7.53 -2.25
N LYS A 628 -60.04 7.14 -1.50
CA LYS A 628 -61.37 6.89 -2.10
C LYS A 628 -61.89 8.18 -2.75
N ALA A 629 -61.72 9.34 -2.11
CA ALA A 629 -62.10 10.67 -2.63
C ALA A 629 -61.30 10.96 -3.92
N ALA A 630 -60.01 10.69 -3.93
CA ALA A 630 -59.11 10.96 -5.07
C ALA A 630 -59.54 10.10 -6.26
N GLN A 631 -60.01 8.87 -6.01
CA GLN A 631 -60.49 8.00 -7.11
C GLN A 631 -61.70 8.67 -7.78
N HIS A 632 -62.63 9.25 -7.01
CA HIS A 632 -63.82 9.95 -7.61
C HIS A 632 -63.38 11.20 -8.36
N VAL A 633 -62.44 11.97 -7.82
CA VAL A 633 -61.96 13.19 -8.53
C VAL A 633 -61.33 12.78 -9.88
N LEU A 634 -60.63 11.65 -9.92
CA LEU A 634 -60.02 11.12 -11.16
C LEU A 634 -61.12 10.58 -12.09
N ASN A 635 -62.21 10.03 -11.54
CA ASN A 635 -63.38 9.64 -12.36
C ASN A 635 -63.96 10.89 -13.04
N TYR A 636 -63.98 12.03 -12.35
CA TYR A 636 -64.46 13.31 -12.92
C TYR A 636 -63.54 13.71 -14.07
N HIS A 637 -62.23 13.66 -13.85
CA HIS A 637 -61.23 13.98 -14.90
C HIS A 637 -61.55 13.20 -16.18
N TRP A 638 -61.83 11.91 -16.12
CA TRP A 638 -62.01 11.04 -17.31
C TRP A 638 -63.42 11.15 -17.90
N GLY A 639 -64.45 11.28 -17.08
CA GLY A 639 -65.86 11.26 -17.52
C GLY A 639 -66.57 12.61 -17.41
N LYS A 640 -66.10 13.53 -16.57
CA LYS A 640 -66.74 14.86 -16.35
C LYS A 640 -68.20 14.73 -15.89
N ASN A 641 -68.52 13.65 -15.14
CA ASN A 641 -69.80 13.49 -14.41
C ASN A 641 -69.66 14.16 -13.04
N MSE A 642 -70.35 15.28 -12.85
CA MSE A 642 -70.24 16.05 -11.63
C MSE A 642 -70.72 15.29 -10.37
O MSE A 642 -70.31 15.65 -9.26
CB MSE A 642 -71.02 17.34 -11.80
CG MSE A 642 -70.32 18.32 -12.75
SE MSE A 642 -71.37 19.96 -12.71
CE MSE A 642 -70.64 20.51 -10.94
N ASP A 643 -71.53 14.24 -10.52
CA ASP A 643 -71.91 13.39 -9.41
C ASP A 643 -70.67 12.73 -8.76
N GLU A 644 -69.55 12.59 -9.49
CA GLU A 644 -68.27 12.07 -8.96
C GLU A 644 -67.70 13.04 -7.93
N LEU A 645 -67.79 14.34 -8.19
CA LEU A 645 -67.33 15.37 -7.23
C LEU A 645 -68.24 15.39 -5.99
N ASP A 646 -69.53 15.20 -6.15
CA ASP A 646 -70.47 15.13 -4.99
C ASP A 646 -70.06 13.96 -4.06
N LYS A 647 -69.68 12.80 -4.63
CA LYS A 647 -69.29 11.62 -3.82
C LYS A 647 -67.96 11.88 -3.10
N ALA A 648 -67.05 12.64 -3.70
CA ALA A 648 -65.73 12.99 -3.11
C ALA A 648 -65.91 13.71 -1.77
N VAL A 649 -66.88 14.62 -1.64
CA VAL A 649 -67.01 15.53 -0.46
C VAL A 649 -67.16 14.73 0.85
N PRO A 650 -68.18 13.84 1.03
CA PRO A 650 -68.34 13.12 2.30
C PRO A 650 -67.16 12.21 2.61
N LEU A 651 -66.43 11.75 1.59
CA LEU A 651 -65.23 10.93 1.86
C LEU A 651 -64.14 11.83 2.41
N MSE A 652 -63.98 13.04 1.84
CA MSE A 652 -63.02 14.00 2.37
C MSE A 652 -63.38 14.43 3.80
O MSE A 652 -62.51 14.68 4.64
CB MSE A 652 -62.93 15.20 1.43
CG MSE A 652 -62.23 14.81 0.14
SE MSE A 652 -62.03 16.31 -1.07
CE MSE A 652 -60.86 17.59 -0.18
N GLU A 653 -64.67 14.59 4.06
CA GLU A 653 -65.11 14.95 5.39
C GLU A 653 -64.74 13.84 6.38
N GLU A 654 -64.97 12.58 5.98
CA GLU A 654 -64.67 11.41 6.83
C GLU A 654 -63.16 11.37 7.07
N SER A 655 -62.36 11.65 6.05
CA SER A 655 -60.88 11.68 6.19
C SER A 655 -60.54 12.72 7.26
N LEU A 656 -61.14 13.92 7.18
CA LEU A 656 -60.88 15.02 8.14
C LEU A 656 -61.27 14.61 9.57
N LYS A 657 -62.35 13.84 9.78
CA LYS A 657 -62.77 13.35 11.12
C LYS A 657 -61.65 12.49 11.74
N HIS A 658 -61.06 11.62 10.93
CA HIS A 658 -59.93 10.77 11.36
C HIS A 658 -58.71 11.64 11.60
N TYR A 659 -58.45 12.61 10.74
CA TYR A 659 -57.23 13.45 10.92
C TYR A 659 -57.39 14.31 12.17
N THR A 660 -58.60 14.80 12.50
CA THR A 660 -58.87 15.59 13.73
C THR A 660 -58.57 14.72 14.96
N LYS A 661 -58.99 13.46 14.92
CA LYS A 661 -58.71 12.51 16.01
C LYS A 661 -57.18 12.31 16.09
N LEU A 662 -56.47 12.19 14.98
CA LEU A 662 -54.98 12.09 14.99
C LEU A 662 -54.36 13.32 15.69
N VAL A 663 -54.89 14.52 15.45
CA VAL A 663 -54.43 15.77 16.12
C VAL A 663 -54.63 15.66 17.63
N ASP A 664 -55.80 15.19 18.07
CA ASP A 664 -56.14 15.02 19.50
C ASP A 664 -55.17 14.01 20.14
N LEU A 665 -54.75 12.99 19.39
CA LEU A 665 -53.82 11.93 19.88
C LEU A 665 -52.38 12.44 19.89
N THR A 666 -51.99 13.37 19.01
CA THR A 666 -50.58 13.80 18.94
C THR A 666 -50.28 15.14 19.62
N LYS A 667 -51.27 16.01 19.84
CA LYS A 667 -50.97 17.43 20.19
C LYS A 667 -50.31 17.53 21.58
N ASP A 668 -50.56 16.59 22.48
CA ASP A 668 -49.94 16.51 23.84
C ASP A 668 -48.91 15.37 23.95
N THR A 669 -48.62 14.62 22.87
CA THR A 669 -47.79 13.38 22.95
C THR A 669 -46.55 13.47 22.04
N TYR A 670 -46.51 14.39 21.08
CA TYR A 670 -45.37 14.56 20.14
C TYR A 670 -45.04 16.02 19.97
N LEU A 671 -43.76 16.32 19.90
CA LEU A 671 -43.26 17.71 19.68
C LEU A 671 -43.43 18.05 18.19
N PHE A 672 -43.31 17.07 17.31
CA PHE A 672 -43.29 17.25 15.83
C PHE A 672 -43.19 15.86 15.19
N ALA A 673 -43.35 15.79 13.88
CA ALA A 673 -43.21 14.58 13.04
C ALA A 673 -41.78 14.52 12.48
N ASN A 674 -41.45 15.42 11.55
CA ASN A 674 -40.15 15.47 10.85
C ASN A 674 -39.10 16.07 11.79
N SER A 675 -37.93 15.42 11.88
CA SER A 675 -36.74 15.94 12.61
C SER A 675 -35.93 16.90 11.74
N MSE A 676 -35.99 16.75 10.40
N MSE A 676 -36.05 16.78 10.41
CA MSE A 676 -35.39 17.73 9.49
CA MSE A 676 -35.45 17.71 9.47
C MSE A 676 -36.42 18.83 9.23
C MSE A 676 -36.43 18.84 9.22
O MSE A 676 -37.37 18.60 8.49
O MSE A 676 -37.37 18.65 8.44
CB MSE A 676 -34.94 17.10 8.17
CB MSE A 676 -35.08 16.98 8.17
CG MSE A 676 -34.21 18.09 7.25
CG MSE A 676 -34.00 17.64 7.38
SE MSE A 676 -33.71 17.43 5.46
SE MSE A 676 -34.75 18.95 6.11
CE MSE A 676 -35.52 17.23 4.70
CE MSE A 676 -36.60 19.25 6.30
N GLN A 677 -36.18 20.01 9.81
CA GLN A 677 -37.18 21.05 9.98
C GLN A 677 -36.78 22.31 9.18
N THR A 678 -36.52 22.14 7.89
CA THR A 678 -36.08 23.22 6.98
C THR A 678 -36.87 23.13 5.67
N ALA A 679 -36.52 24.03 4.75
CA ALA A 679 -37.15 24.18 3.43
C ALA A 679 -36.75 23.05 2.47
N GLN A 680 -35.83 22.14 2.86
CA GLN A 680 -35.53 20.91 2.10
C GLN A 680 -36.73 19.94 2.20
N ARG A 681 -37.60 20.09 3.19
CA ARG A 681 -38.83 19.24 3.28
C ARG A 681 -39.92 19.88 2.41
N ARG A 682 -40.39 19.21 1.37
CA ARG A 682 -41.38 19.80 0.44
C ARG A 682 -42.76 19.15 0.55
N ILE A 683 -42.86 17.87 0.91
CA ILE A 683 -44.13 17.09 0.84
C ILE A 683 -44.48 16.72 2.29
N PRO A 684 -45.69 17.00 2.81
CA PRO A 684 -46.82 17.47 2.00
C PRO A 684 -46.80 18.95 1.61
N ILE A 685 -46.04 19.76 2.35
CA ILE A 685 -45.86 21.21 2.13
C ILE A 685 -44.48 21.63 2.66
N GLY A 686 -44.02 22.82 2.29
CA GLY A 686 -42.70 23.27 2.74
C GLY A 686 -42.57 23.22 4.26
N GLY A 687 -41.40 22.75 4.75
CA GLY A 687 -41.02 22.81 6.16
C GLY A 687 -40.16 24.03 6.52
N ASP A 688 -40.13 25.05 5.68
CA ASP A 688 -39.31 26.29 5.83
C ASP A 688 -39.37 26.82 7.26
N ASP A 689 -38.21 27.08 7.86
CA ASP A 689 -38.05 27.70 9.22
C ASP A 689 -38.75 26.91 10.31
N GLY A 690 -38.89 25.59 10.17
CA GLY A 690 -39.54 24.75 11.18
C GLY A 690 -41.05 24.85 11.17
N ASN A 691 -41.67 25.40 10.12
CA ASN A 691 -43.15 25.46 9.96
C ASN A 691 -43.65 24.08 9.49
N ASN A 692 -44.91 23.78 9.75
CA ASN A 692 -45.61 22.63 9.11
C ASN A 692 -44.94 21.32 9.59
N LYS A 693 -44.57 21.24 10.87
CA LYS A 693 -43.92 20.02 11.40
C LYS A 693 -44.87 19.27 12.36
N THR A 694 -46.12 19.73 12.53
CA THR A 694 -47.10 19.07 13.45
C THR A 694 -48.40 18.80 12.70
N TRP A 695 -49.15 17.79 13.17
CA TRP A 695 -50.48 17.40 12.63
C TRP A 695 -51.47 18.57 12.82
N SER A 696 -51.34 19.29 13.94
CA SER A 696 -52.17 20.49 14.27
C SER A 696 -52.03 21.53 13.15
N GLU A 697 -50.80 21.84 12.79
CA GLU A 697 -50.51 22.76 11.67
C GLU A 697 -51.11 22.23 10.37
N MSE A 698 -50.94 20.93 10.10
CA MSE A 698 -51.38 20.38 8.83
C MSE A 698 -52.91 20.39 8.74
O MSE A 698 -53.48 20.60 7.69
CB MSE A 698 -50.84 18.97 8.58
CG MSE A 698 -49.33 18.89 8.39
SE MSE A 698 -48.63 20.08 7.05
CE MSE A 698 -49.83 19.63 5.54
N LEU A 699 -53.60 20.20 9.86
CA LEU A 699 -55.06 20.15 9.81
C LEU A 699 -55.65 21.45 9.24
N VAL A 700 -55.06 22.60 9.60
CA VAL A 700 -55.45 23.93 9.07
C VAL A 700 -55.43 23.85 7.55
N HIS A 701 -54.35 23.30 6.98
CA HIS A 701 -54.23 23.20 5.51
C HIS A 701 -55.30 22.24 5.00
N TYR A 702 -55.52 21.10 5.63
CA TYR A 702 -56.46 20.11 5.01
C TYR A 702 -57.91 20.63 5.10
N LYS A 703 -58.24 21.36 6.16
CA LYS A 703 -59.59 22.01 6.27
C LYS A 703 -59.77 23.03 5.13
N ALA A 704 -58.76 23.87 4.90
CA ALA A 704 -58.77 24.89 3.83
C ALA A 704 -58.91 24.19 2.47
N GLU A 705 -58.32 23.00 2.32
CA GLU A 705 -58.36 22.23 1.04
C GLU A 705 -59.80 21.79 0.78
N LEU A 706 -60.47 21.23 1.77
CA LEU A 706 -61.89 20.83 1.60
C LEU A 706 -62.77 22.06 1.35
N TYR A 707 -62.63 23.09 2.19
CA TYR A 707 -63.42 24.33 2.08
C TYR A 707 -63.32 24.85 0.63
N ASN A 708 -62.08 24.93 0.12
CA ASN A 708 -61.79 25.36 -1.26
C ASN A 708 -62.48 24.51 -2.30
N PHE A 709 -62.27 23.19 -2.19
CA PHE A 709 -62.93 22.18 -3.06
C PHE A 709 -64.44 22.43 -3.15
N LYS A 710 -65.08 22.63 -2.00
CA LYS A 710 -66.55 22.79 -1.93
C LYS A 710 -66.94 24.08 -2.64
N GLU A 711 -66.19 25.16 -2.45
CA GLU A 711 -66.46 26.47 -3.10
C GLU A 711 -66.33 26.26 -4.61
N ASN A 712 -65.31 25.51 -5.05
CA ASN A 712 -65.09 25.28 -6.49
C ASN A 712 -66.26 24.49 -7.08
N ILE A 713 -66.76 23.48 -6.36
CA ILE A 713 -67.93 22.66 -6.82
C ILE A 713 -69.17 23.56 -6.93
N GLU A 714 -69.39 24.42 -5.93
CA GLU A 714 -70.52 25.38 -5.88
C GLU A 714 -70.52 26.28 -7.12
N MSE A 715 -69.31 26.65 -7.58
CA MSE A 715 -69.17 27.53 -8.72
C MSE A 715 -69.39 26.77 -10.02
O MSE A 715 -69.99 27.32 -10.97
CB MSE A 715 -67.81 28.23 -8.75
CG MSE A 715 -67.90 29.72 -8.83
SE MSE A 715 -66.10 30.45 -8.94
CE MSE A 715 -64.97 29.93 -7.40
N LEU A 716 -68.92 25.53 -10.06
CA LEU A 716 -69.18 24.67 -11.20
C LEU A 716 -70.69 24.46 -11.41
N LYS A 717 -71.44 24.17 -10.34
CA LYS A 717 -72.90 23.84 -10.41
C LYS A 717 -73.67 25.05 -10.93
N ASP A 718 -73.36 26.19 -10.32
CA ASP A 718 -74.02 27.51 -10.46
C ASP A 718 -73.65 28.16 -11.80
N LYS A 719 -72.37 28.18 -12.20
CA LYS A 719 -71.89 29.08 -13.29
C LYS A 719 -71.17 28.32 -14.40
N LYS A 720 -70.76 27.06 -14.19
CA LYS A 720 -70.04 26.19 -15.16
C LYS A 720 -68.71 26.88 -15.54
N VAL A 721 -68.08 27.54 -14.56
CA VAL A 721 -66.74 28.18 -14.71
C VAL A 721 -65.83 27.71 -13.59
N ARG A 722 -64.52 27.68 -13.89
CA ARG A 722 -63.43 27.43 -12.94
C ARG A 722 -62.36 28.52 -13.12
N LYS A 723 -61.45 28.64 -12.16
CA LYS A 723 -60.34 29.61 -12.27
C LYS A 723 -59.33 29.01 -13.22
N CYS A 724 -58.73 29.80 -14.09
CA CYS A 724 -57.54 29.38 -14.86
C CYS A 724 -56.57 30.56 -14.92
N VAL A 725 -55.37 30.29 -15.37
CA VAL A 725 -54.28 31.30 -15.40
C VAL A 725 -54.54 32.28 -16.53
N GLU A 726 -54.50 33.59 -16.23
CA GLU A 726 -54.47 34.66 -17.26
C GLU A 726 -52.99 34.82 -17.64
N VAL A 727 -52.66 34.49 -18.87
CA VAL A 727 -51.26 34.37 -19.35
C VAL A 727 -50.80 35.75 -19.83
N THR A 728 -49.83 36.37 -19.14
CA THR A 728 -49.28 37.68 -19.55
C THR A 728 -47.76 37.67 -19.46
N PRO A 729 -47.06 38.42 -20.33
CA PRO A 729 -45.60 38.53 -20.20
C PRO A 729 -45.23 39.12 -18.83
N LEU A 730 -44.26 38.50 -18.18
CA LEU A 730 -43.59 39.01 -16.96
C LEU A 730 -42.81 40.28 -17.31
N LYS A 731 -42.90 41.31 -16.47
CA LYS A 731 -42.12 42.55 -16.70
C LYS A 731 -40.67 42.30 -16.31
N GLU A 732 -39.77 42.72 -17.17
CA GLU A 732 -38.29 42.68 -17.00
C GLU A 732 -37.90 43.55 -15.79
N ALA A 733 -37.14 43.00 -14.86
CA ALA A 733 -36.60 43.73 -13.69
C ALA A 733 -35.37 44.57 -14.12
N ASP A 734 -35.13 45.69 -13.46
CA ASP A 734 -33.92 46.53 -13.62
C ASP A 734 -32.79 45.91 -12.78
N VAL A 735 -31.94 45.12 -13.41
CA VAL A 735 -30.83 44.38 -12.73
C VAL A 735 -29.52 44.89 -13.36
N LYS A 736 -28.43 45.01 -12.61
CA LYS A 736 -27.10 45.26 -13.26
C LYS A 736 -26.29 43.96 -13.23
N ILE A 737 -25.90 43.51 -14.42
CA ILE A 737 -25.00 42.32 -14.59
C ILE A 737 -23.54 42.79 -14.34
N LEU A 738 -22.82 42.11 -13.48
CA LEU A 738 -21.46 42.49 -13.02
C LEU A 738 -20.34 41.73 -13.75
N ASN A 739 -20.59 40.55 -14.31
CA ASN A 739 -19.52 39.70 -14.90
C ASN A 739 -19.64 39.61 -16.44
N ASN A 740 -20.13 40.61 -17.15
CA ASN A 740 -19.85 40.80 -18.60
C ASN A 740 -20.45 39.65 -19.44
N LEU A 741 -21.70 39.33 -19.21
CA LEU A 741 -22.45 38.31 -19.99
C LEU A 741 -23.03 38.96 -21.25
N THR A 742 -23.16 38.18 -22.32
CA THR A 742 -23.80 38.60 -23.60
C THR A 742 -25.34 38.49 -23.47
N LYS A 743 -26.03 39.59 -23.71
CA LYS A 743 -27.49 39.66 -23.50
C LYS A 743 -28.20 39.29 -24.80
N VAL A 744 -29.41 38.76 -24.69
CA VAL A 744 -30.29 38.51 -25.86
C VAL A 744 -31.74 38.72 -25.42
N LYS A 745 -32.54 39.28 -26.30
CA LYS A 745 -34.00 39.36 -26.05
C LYS A 745 -34.61 37.97 -26.23
N ILE A 746 -35.43 37.54 -25.27
CA ILE A 746 -36.07 36.19 -25.29
C ILE A 746 -37.36 36.28 -26.11
N GLU A 747 -37.33 35.69 -27.30
CA GLU A 747 -38.45 35.65 -28.28
C GLU A 747 -38.19 34.49 -29.27
N LYS A 748 -39.22 34.06 -30.02
CA LYS A 748 -39.02 33.08 -31.11
C LYS A 748 -37.84 33.55 -31.94
N GLY A 749 -36.88 32.67 -32.23
CA GLY A 749 -35.73 33.03 -33.11
C GLY A 749 -34.44 33.26 -32.35
N ALA A 750 -34.52 33.67 -31.10
CA ALA A 750 -33.37 33.99 -30.23
C ALA A 750 -32.44 32.77 -30.09
N LYS A 751 -31.15 33.02 -30.27
CA LYS A 751 -30.08 32.01 -30.16
C LYS A 751 -29.53 32.13 -28.76
N ILE A 752 -29.96 31.29 -27.85
CA ILE A 752 -29.43 31.34 -26.46
C ILE A 752 -28.15 30.50 -26.30
N PHE A 753 -27.81 29.74 -27.34
CA PHE A 753 -26.56 28.94 -27.42
C PHE A 753 -25.78 29.41 -28.64
N SER A 754 -24.64 30.07 -28.43
CA SER A 754 -23.85 30.66 -29.54
C SER A 754 -23.25 29.56 -30.44
N ASN A 755 -23.21 28.31 -30.00
CA ASN A 755 -22.42 27.23 -30.65
C ASN A 755 -23.34 26.37 -31.50
N ILE A 756 -24.64 26.64 -31.51
CA ILE A 756 -25.59 25.85 -32.33
C ILE A 756 -26.37 26.80 -33.25
N ASP A 757 -26.95 26.24 -34.30
CA ASP A 757 -27.58 26.96 -35.44
C ASP A 757 -29.02 27.37 -35.13
N GLY A 758 -29.70 26.58 -34.31
CA GLY A 758 -31.14 26.71 -34.09
C GLY A 758 -31.48 27.73 -33.01
N GLY A 759 -32.62 28.39 -33.20
CA GLY A 759 -33.14 29.34 -32.20
C GLY A 759 -34.32 28.78 -31.43
N ILE A 760 -34.79 29.54 -30.46
CA ILE A 760 -36.09 29.27 -29.81
C ILE A 760 -37.15 29.09 -30.89
N ASP A 761 -37.92 28.00 -30.86
CA ASP A 761 -39.01 27.79 -31.84
C ASP A 761 -40.35 27.59 -31.13
N ALA A 762 -40.39 27.51 -29.81
CA ALA A 762 -41.67 27.63 -29.05
C ALA A 762 -41.37 28.27 -27.72
N ILE A 763 -42.27 29.12 -27.24
CA ILE A 763 -41.97 29.79 -25.94
C ILE A 763 -43.26 30.23 -25.24
N ALA A 764 -43.37 29.94 -23.96
CA ALA A 764 -44.43 30.48 -23.05
C ALA A 764 -44.46 32.00 -23.19
N LYS A 765 -45.65 32.55 -23.41
CA LYS A 765 -45.87 34.01 -23.44
C LYS A 765 -45.27 34.70 -22.19
N GLU A 766 -45.29 34.10 -21.03
CA GLU A 766 -44.81 34.69 -19.75
C GLU A 766 -43.36 35.18 -19.90
N ILE A 767 -42.56 34.45 -20.68
CA ILE A 767 -41.09 34.69 -20.82
C ILE A 767 -40.75 35.66 -21.96
N THR A 768 -41.65 35.89 -22.91
CA THR A 768 -41.36 36.70 -24.11
C THR A 768 -41.10 38.14 -23.67
N GLY A 769 -40.11 38.77 -24.26
CA GLY A 769 -39.73 40.16 -23.96
C GLY A 769 -38.74 40.30 -22.81
N LEU A 770 -38.41 39.25 -22.05
CA LEU A 770 -37.34 39.28 -21.00
C LEU A 770 -35.97 39.39 -21.66
N THR A 771 -34.97 39.85 -20.92
CA THR A 771 -33.58 39.91 -21.43
C THR A 771 -32.83 38.79 -20.75
N GLY A 772 -32.46 37.77 -21.52
CA GLY A 772 -31.67 36.65 -21.03
C GLY A 772 -30.25 36.73 -21.53
N PHE A 773 -29.55 35.60 -21.53
CA PHE A 773 -28.12 35.54 -21.91
C PHE A 773 -27.89 34.48 -22.97
N VAL A 774 -26.79 34.66 -23.69
CA VAL A 774 -26.27 33.72 -24.69
C VAL A 774 -25.00 33.12 -24.12
N PHE A 775 -24.97 31.79 -24.05
CA PHE A 775 -23.78 31.02 -23.64
C PHE A 775 -23.38 30.04 -24.74
N ASN A 776 -22.14 29.61 -24.63
CA ASN A 776 -21.58 28.50 -25.42
C ASN A 776 -21.79 27.22 -24.61
N GLY A 777 -22.65 26.31 -25.09
CA GLY A 777 -23.01 25.06 -24.40
C GLY A 777 -21.77 24.24 -24.06
N GLU A 778 -20.77 24.27 -24.95
CA GLU A 778 -19.46 23.60 -24.73
C GLU A 778 -18.75 24.19 -23.52
N LYS A 779 -18.64 25.52 -23.44
CA LYS A 779 -18.01 26.21 -22.30
C LYS A 779 -18.81 25.87 -21.04
N GLN A 780 -20.14 25.77 -21.16
CA GLN A 780 -21.02 25.41 -20.03
C GLN A 780 -20.66 24.00 -19.52
N ARG A 781 -20.28 23.06 -20.40
CA ARG A 781 -19.93 21.68 -19.96
C ARG A 781 -18.63 21.72 -19.15
N ASP A 782 -17.70 22.56 -19.56
CA ASP A 782 -16.32 22.66 -19.01
C ASP A 782 -16.30 23.54 -17.76
N ASP A 783 -17.04 24.65 -17.72
CA ASP A 783 -16.81 25.75 -16.74
C ASP A 783 -18.06 25.98 -15.85
N ALA A 784 -19.22 25.51 -16.21
CA ALA A 784 -20.46 25.80 -15.44
C ALA A 784 -20.90 27.19 -15.88
N THR A 785 -21.89 27.75 -15.22
CA THR A 785 -22.41 29.08 -15.61
C THR A 785 -22.44 29.94 -14.35
N THR A 786 -21.65 31.00 -14.33
CA THR A 786 -21.62 31.95 -13.18
C THR A 786 -22.36 33.23 -13.55
N ILE A 787 -23.32 33.61 -12.73
CA ILE A 787 -24.06 34.90 -12.96
C ILE A 787 -23.76 35.78 -11.76
N GLU A 788 -23.30 37.01 -11.99
CA GLU A 788 -23.09 37.98 -10.90
C GLU A 788 -23.90 39.23 -11.21
N PHE A 789 -24.71 39.69 -10.27
CA PHE A 789 -25.64 40.82 -10.53
C PHE A 789 -26.01 41.53 -9.24
N GLU A 790 -26.56 42.72 -9.38
CA GLU A 790 -27.15 43.49 -8.26
C GLU A 790 -28.56 43.92 -8.66
N CYS A 791 -29.40 44.03 -7.65
CA CYS A 791 -30.82 44.41 -7.77
C CYS A 791 -31.14 45.30 -6.58
N SER A 792 -31.97 46.28 -6.80
CA SER A 792 -32.45 47.18 -5.74
C SER A 792 -33.83 46.72 -5.22
N SER A 793 -34.40 45.63 -5.74
CA SER A 793 -35.54 44.98 -5.04
C SER A 793 -35.53 43.48 -5.30
N PRO A 794 -36.35 42.68 -4.59
CA PRO A 794 -36.34 41.25 -4.79
C PRO A 794 -36.71 40.92 -6.25
N VAL A 795 -36.00 39.96 -6.81
CA VAL A 795 -36.16 39.47 -8.21
C VAL A 795 -36.20 37.96 -8.18
N THR A 796 -36.82 37.40 -9.23
CA THR A 796 -36.68 36.01 -9.59
C THR A 796 -35.89 35.93 -10.90
N MSE A 797 -34.88 35.06 -10.93
CA MSE A 797 -34.13 34.73 -12.12
C MSE A 797 -34.67 33.41 -12.67
O MSE A 797 -34.94 32.52 -11.91
CB MSE A 797 -32.61 34.60 -11.89
CG MSE A 797 -31.85 34.32 -13.16
SE MSE A 797 -29.92 34.16 -12.63
CE MSE A 797 -30.09 32.43 -12.02
N LEU A 798 -34.95 33.39 -13.97
CA LEU A 798 -35.62 32.26 -14.58
C LEU A 798 -34.57 31.43 -15.32
N VAL A 799 -34.47 30.15 -14.94
CA VAL A 799 -33.49 29.20 -15.52
C VAL A 799 -34.19 28.03 -16.20
N ALA A 800 -33.76 27.77 -17.41
CA ALA A 800 -34.26 26.67 -18.25
C ALA A 800 -33.35 25.44 -18.10
N TYR A 801 -33.92 24.35 -17.60
CA TYR A 801 -33.29 22.99 -17.57
C TYR A 801 -34.03 22.12 -18.60
N PHE A 802 -33.27 21.49 -19.46
CA PHE A 802 -33.77 20.71 -20.63
C PHE A 802 -34.19 19.30 -20.15
N LYS A 803 -35.26 18.78 -20.76
CA LYS A 803 -35.89 17.48 -20.44
C LYS A 803 -35.25 16.44 -21.37
N ASP A 804 -33.97 16.13 -21.16
CA ASP A 804 -33.18 15.19 -22.01
C ASP A 804 -32.14 14.61 -21.06
N ASP A 805 -32.02 13.29 -21.06
CA ASP A 805 -31.15 12.49 -20.14
C ASP A 805 -29.67 12.63 -20.54
N HIS A 806 -29.35 13.03 -21.76
CA HIS A 806 -27.93 13.24 -22.18
C HIS A 806 -27.17 14.02 -21.10
N ARG A 807 -25.96 13.58 -20.78
CA ARG A 807 -25.13 14.22 -19.73
C ARG A 807 -24.68 15.62 -20.15
N LYS A 808 -24.83 16.00 -21.42
CA LYS A 808 -24.46 17.37 -21.86
C LYS A 808 -25.37 18.42 -21.16
N PHE A 809 -26.58 18.06 -20.73
CA PHE A 809 -27.55 19.00 -20.10
C PHE A 809 -27.31 19.15 -18.60
N ALA A 810 -27.26 20.41 -18.14
CA ALA A 810 -27.30 20.68 -16.68
C ALA A 810 -28.54 19.97 -16.14
N LYS A 811 -28.40 19.32 -14.98
CA LYS A 811 -29.51 18.61 -14.29
C LYS A 811 -30.26 19.59 -13.40
N ALA A 812 -31.58 19.49 -13.41
CA ALA A 812 -32.51 20.29 -12.60
C ALA A 812 -32.23 19.98 -11.13
N PRO A 813 -32.55 20.92 -10.24
CA PRO A 813 -32.35 20.76 -8.80
C PRO A 813 -32.93 19.46 -8.25
N ARG A 814 -32.17 18.73 -7.46
CA ARG A 814 -32.68 17.45 -6.93
C ARG A 814 -32.34 17.31 -5.44
N LEU A 815 -33.31 17.58 -4.58
CA LEU A 815 -33.06 17.64 -3.11
C LEU A 815 -32.52 16.29 -2.58
N GLU A 816 -32.89 15.19 -3.21
CA GLU A 816 -32.53 13.83 -2.70
C GLU A 816 -31.01 13.63 -2.78
N SER A 817 -30.32 14.33 -3.69
CA SER A 817 -28.85 14.14 -3.82
C SER A 817 -28.11 15.45 -3.60
N ASP A 818 -28.81 16.51 -3.17
CA ASP A 818 -28.21 17.85 -3.02
C ASP A 818 -29.02 18.69 -2.05
N ALA A 819 -28.57 18.80 -0.81
CA ALA A 819 -29.26 19.53 0.25
C ALA A 819 -29.35 21.03 -0.09
N SER A 820 -28.54 21.54 -1.04
CA SER A 820 -28.57 22.98 -1.44
C SER A 820 -29.57 23.29 -2.56
N ALA A 821 -30.30 22.27 -3.07
CA ALA A 821 -31.18 22.38 -4.26
C ALA A 821 -32.41 23.26 -4.00
N ASN A 822 -32.62 23.79 -2.78
CA ASN A 822 -33.71 24.77 -2.51
C ASN A 822 -33.17 26.05 -1.88
N ASP A 823 -31.86 26.32 -1.95
CA ASP A 823 -31.29 27.51 -1.28
C ASP A 823 -31.86 28.79 -1.91
N TYR A 824 -32.27 28.76 -3.18
CA TYR A 824 -32.84 29.93 -3.92
C TYR A 824 -34.33 29.72 -4.18
N GLY A 825 -34.94 28.78 -3.48
CA GLY A 825 -36.35 28.43 -3.73
C GLY A 825 -36.51 27.75 -5.07
N GLN A 826 -35.49 27.08 -5.60
CA GLN A 826 -35.52 26.55 -6.98
C GLN A 826 -35.95 25.07 -7.07
N ALA A 827 -36.35 24.40 -5.98
CA ALA A 827 -36.52 22.94 -5.97
C ALA A 827 -37.62 22.52 -6.94
N GLU A 828 -38.65 23.35 -7.15
CA GLU A 828 -39.86 23.02 -7.98
C GLU A 828 -39.89 23.93 -9.21
N PRO A 829 -40.21 23.41 -10.41
CA PRO A 829 -40.38 24.27 -11.57
C PRO A 829 -41.57 25.22 -11.44
N VAL A 830 -41.56 26.36 -12.11
CA VAL A 830 -42.73 27.27 -12.11
C VAL A 830 -43.49 27.14 -13.43
N LEU A 831 -42.79 26.96 -14.53
CA LEU A 831 -43.44 26.82 -15.86
C LEU A 831 -42.90 25.55 -16.48
N THR A 832 -43.75 24.54 -16.69
CA THR A 832 -43.34 23.26 -17.31
C THR A 832 -43.64 23.28 -18.80
N ASN A 833 -42.81 22.56 -19.57
CA ASN A 833 -42.98 22.36 -21.03
C ASN A 833 -43.06 23.74 -21.71
N ALA A 834 -42.20 24.66 -21.31
CA ALA A 834 -42.40 26.12 -21.46
C ALA A 834 -41.49 26.72 -22.53
N LEU A 835 -40.46 25.98 -22.96
CA LEU A 835 -39.45 26.48 -23.93
C LEU A 835 -38.99 25.33 -24.82
N HIS A 836 -38.83 25.57 -26.11
CA HIS A 836 -38.20 24.62 -27.05
C HIS A 836 -37.17 25.37 -27.86
N VAL A 837 -35.96 24.80 -27.94
CA VAL A 837 -34.89 25.33 -28.83
C VAL A 837 -34.65 24.28 -29.92
N LYS A 838 -34.77 24.71 -31.18
CA LYS A 838 -34.61 23.91 -32.41
C LYS A 838 -33.26 23.16 -32.34
N GLY A 839 -33.28 21.84 -32.54
CA GLY A 839 -32.09 20.97 -32.52
C GLY A 839 -31.64 20.67 -31.10
N VAL A 840 -32.38 21.11 -30.08
CA VAL A 840 -31.98 20.84 -28.68
C VAL A 840 -33.03 19.96 -28.01
N ALA A 841 -33.99 20.54 -27.29
CA ALA A 841 -34.99 19.81 -26.48
C ALA A 841 -36.03 20.81 -25.94
N LEU A 842 -37.02 20.26 -25.27
CA LEU A 842 -38.00 20.98 -24.44
C LEU A 842 -37.37 21.27 -23.09
N ALA A 843 -37.74 22.38 -22.43
CA ALA A 843 -37.21 22.76 -21.11
C ALA A 843 -38.36 23.14 -20.19
N ASP A 844 -38.12 22.95 -18.89
CA ASP A 844 -38.92 23.50 -17.77
C ASP A 844 -38.14 24.68 -17.20
N ILE A 845 -38.85 25.62 -16.58
CA ILE A 845 -38.28 26.90 -16.04
C ILE A 845 -38.38 26.82 -14.54
N TYR A 846 -37.26 26.99 -13.86
CA TYR A 846 -37.08 26.98 -12.41
C TYR A 846 -36.78 28.41 -11.94
N PRO A 847 -37.36 28.79 -10.80
CA PRO A 847 -37.19 30.12 -10.23
C PRO A 847 -36.02 30.11 -9.25
N TYR A 848 -35.12 31.07 -9.40
CA TYR A 848 -34.09 31.39 -8.37
C TYR A 848 -34.44 32.73 -7.77
N LYS A 849 -34.72 32.77 -6.48
CA LYS A 849 -35.25 33.99 -5.79
C LYS A 849 -34.15 34.67 -4.96
N PHE A 850 -34.10 35.99 -5.05
CA PHE A 850 -33.11 36.87 -4.40
C PHE A 850 -33.83 38.05 -3.75
N LYS A 851 -33.41 38.37 -2.54
CA LYS A 851 -33.72 39.66 -1.90
C LYS A 851 -32.86 40.71 -2.62
N ALA A 852 -33.13 42.00 -2.36
CA ALA A 852 -32.33 43.12 -2.90
C ALA A 852 -30.91 42.94 -2.39
N GLY A 853 -29.90 43.21 -3.22
CA GLY A 853 -28.50 42.95 -2.86
C GLY A 853 -27.62 42.70 -4.07
N ARG A 854 -26.41 42.21 -3.78
CA ARG A 854 -25.32 41.85 -4.72
CA ARG A 854 -25.43 41.83 -4.81
C ARG A 854 -25.17 40.33 -4.62
N HIS A 855 -25.21 39.59 -5.73
CA HIS A 855 -25.35 38.12 -5.72
C HIS A 855 -24.38 37.49 -6.72
N THR A 856 -23.95 36.27 -6.43
CA THR A 856 -23.13 35.43 -7.34
C THR A 856 -23.67 34.01 -7.16
N LEU A 857 -23.95 33.34 -8.26
CA LEU A 857 -24.65 32.03 -8.35
C LEU A 857 -23.83 31.23 -9.37
N ILE A 858 -23.44 30.01 -9.04
CA ILE A 858 -22.89 29.06 -10.04
C ILE A 858 -23.94 27.99 -10.30
N LEU A 859 -24.41 27.92 -11.54
CA LEU A 859 -25.39 26.90 -11.95
C LEU A 859 -24.60 25.64 -12.31
N PRO A 860 -25.27 24.47 -12.38
CA PRO A 860 -24.57 23.22 -12.67
C PRO A 860 -23.92 23.26 -14.04
N LYS A 861 -22.81 22.52 -14.20
CA LYS A 861 -22.17 22.30 -15.50
C LYS A 861 -23.20 21.71 -16.45
N GLY A 862 -23.12 22.10 -17.72
CA GLY A 862 -23.94 21.56 -18.82
C GLY A 862 -24.84 22.62 -19.42
N TYR A 863 -25.42 22.31 -20.56
CA TYR A 863 -26.26 23.24 -21.34
C TYR A 863 -27.44 23.62 -20.43
N CYS A 864 -27.69 24.89 -20.29
CA CYS A 864 -28.94 25.41 -19.65
C CYS A 864 -29.14 26.85 -20.12
N GLY A 865 -30.33 27.41 -19.89
CA GLY A 865 -30.65 28.78 -20.34
C GLY A 865 -30.92 29.64 -19.13
N VAL A 866 -30.47 30.88 -19.16
CA VAL A 866 -30.82 31.91 -18.14
C VAL A 866 -31.65 32.94 -18.91
N LEU A 867 -32.95 33.01 -18.63
CA LEU A 867 -33.89 33.71 -19.55
C LEU A 867 -34.17 35.14 -19.09
N GLY A 868 -33.81 35.48 -17.86
CA GLY A 868 -33.93 36.87 -17.37
C GLY A 868 -34.44 36.94 -15.95
N PHE A 869 -34.91 38.12 -15.58
CA PHE A 869 -35.22 38.52 -14.21
C PHE A 869 -36.55 39.25 -14.18
N THR A 870 -37.33 39.03 -13.12
CA THR A 870 -38.59 39.77 -12.92
C THR A 870 -38.86 39.99 -11.43
N GLU A 871 -39.45 41.14 -11.11
CA GLU A 871 -39.93 41.43 -9.74
C GLU A 871 -41.36 40.88 -9.62
N ASP A 872 -41.96 40.40 -10.72
CA ASP A 872 -43.42 40.04 -10.77
C ASP A 872 -43.65 38.72 -10.05
N LYS A 873 -44.86 38.59 -9.50
CA LYS A 873 -45.40 37.29 -9.03
C LYS A 873 -45.49 36.37 -10.24
N ILE A 874 -44.94 35.18 -10.11
CA ILE A 874 -45.04 34.19 -11.20
C ILE A 874 -46.17 33.22 -10.87
N LYS A 875 -47.09 33.04 -11.79
CA LYS A 875 -48.17 32.02 -11.66
C LYS A 875 -47.78 30.70 -12.34
N GLU A 876 -47.67 29.64 -11.57
CA GLU A 876 -47.30 28.27 -12.00
C GLU A 876 -48.19 27.80 -13.15
N ARG A 877 -47.64 27.14 -14.13
CA ARG A 877 -48.45 26.66 -15.28
C ARG A 877 -47.71 25.51 -15.98
N ASP A 878 -48.43 24.46 -16.35
CA ASP A 878 -48.04 23.51 -17.41
C ASP A 878 -48.38 24.10 -18.78
N VAL A 879 -47.35 24.58 -19.48
CA VAL A 879 -47.52 25.27 -20.79
C VAL A 879 -48.02 24.27 -21.85
N ALA A 880 -47.76 22.96 -21.72
CA ALA A 880 -48.25 21.99 -22.73
C ALA A 880 -49.79 21.89 -22.77
N LEU A 881 -50.52 22.34 -21.75
CA LEU A 881 -52.02 22.22 -21.69
C LEU A 881 -52.70 23.27 -22.58
N ASP A 886 -56.35 22.18 -16.53
CA ASP A 886 -56.81 20.93 -17.21
C ASP A 886 -56.08 19.70 -16.62
N ALA A 887 -55.10 19.85 -15.71
CA ALA A 887 -54.71 18.73 -14.81
C ALA A 887 -55.86 18.48 -13.81
N PRO A 888 -56.08 17.25 -13.33
CA PRO A 888 -57.22 16.95 -12.45
C PRO A 888 -57.26 17.62 -11.07
N ASP A 889 -56.16 18.25 -10.62
CA ASP A 889 -56.05 18.95 -9.30
C ASP A 889 -56.44 20.44 -9.33
N TRP A 890 -56.90 21.01 -10.46
CA TRP A 890 -57.32 22.45 -10.49
C TRP A 890 -58.40 22.73 -9.42
N LEU A 891 -59.18 21.73 -9.00
CA LEU A 891 -60.31 21.86 -8.03
C LEU A 891 -59.88 22.23 -6.59
N PHE A 892 -58.59 22.12 -6.25
CA PHE A 892 -58.03 22.37 -4.90
C PHE A 892 -57.18 23.66 -4.91
N TYR A 893 -57.43 24.56 -5.86
CA TYR A 893 -56.70 25.84 -5.99
C TYR A 893 -57.75 26.98 -6.05
N VAL B 2 9.98 31.76 -20.60
CA VAL B 2 10.53 30.61 -21.38
C VAL B 2 9.38 29.68 -21.80
N ASN B 3 9.33 29.30 -23.07
CA ASN B 3 8.42 28.23 -23.57
C ASN B 3 9.21 26.92 -23.70
N VAL B 4 8.59 25.80 -23.33
CA VAL B 4 9.14 24.41 -23.46
C VAL B 4 8.15 23.66 -24.35
N VAL B 5 8.56 23.39 -25.59
CA VAL B 5 7.69 22.87 -26.69
C VAL B 5 8.16 21.46 -27.03
N MSE B 6 7.23 20.50 -26.95
CA MSE B 6 7.53 19.10 -27.10
C MSE B 6 6.92 18.59 -28.41
O MSE B 6 5.73 18.72 -28.62
CB MSE B 6 7.01 18.37 -25.86
CG MSE B 6 7.78 18.73 -24.58
SE MSE B 6 7.13 17.77 -22.98
CE MSE B 6 5.37 18.64 -22.71
N THR B 7 7.78 18.05 -29.29
CA THR B 7 7.41 17.63 -30.64
C THR B 7 7.88 16.20 -30.91
N GLY B 8 7.15 15.46 -31.75
CA GLY B 8 7.47 14.10 -32.21
C GLY B 8 6.58 13.06 -31.56
N ASP B 9 7.04 11.80 -31.49
CA ASP B 9 6.29 10.69 -30.82
C ASP B 9 6.17 11.04 -29.34
N MSE B 10 4.93 11.20 -28.88
CA MSE B 10 4.62 11.59 -27.50
C MSE B 10 4.75 10.37 -26.60
O MSE B 10 3.77 9.69 -26.30
CB MSE B 10 3.21 12.20 -27.41
CG MSE B 10 2.94 13.37 -28.35
SE MSE B 10 4.35 14.77 -28.44
CE MSE B 10 3.68 16.09 -29.76
N THR B 11 5.98 10.08 -26.19
CA THR B 11 6.25 8.95 -25.32
C THR B 11 6.23 9.49 -23.85
N THR B 12 6.33 8.46 -22.92
CA THR B 12 6.58 8.70 -21.46
C THR B 12 7.96 9.37 -21.29
N ARG B 13 8.95 9.01 -22.12
CA ARG B 13 10.35 9.49 -21.98
C ARG B 13 10.41 10.96 -22.41
N LEU B 14 9.75 11.32 -23.52
CA LEU B 14 9.64 12.76 -23.92
C LEU B 14 8.99 13.54 -22.76
N ALA B 15 7.88 13.02 -22.23
CA ALA B 15 7.09 13.59 -21.11
C ALA B 15 8.03 13.81 -19.92
N PHE B 16 8.78 12.77 -19.53
CA PHE B 16 9.65 12.87 -18.33
C PHE B 16 10.70 14.00 -18.54
N ALA B 17 11.34 14.04 -19.72
CA ALA B 17 12.45 14.97 -20.06
C ALA B 17 11.93 16.42 -19.95
N GLY B 18 10.74 16.64 -20.51
CA GLY B 18 10.01 17.93 -20.44
C GLY B 18 9.90 18.38 -18.99
N GLU B 19 9.20 17.50 -18.18
CA GLU B 19 8.92 17.82 -16.75
C GLU B 19 10.24 18.10 -16.04
N GLN B 20 11.29 17.35 -16.35
CA GLN B 20 12.63 17.58 -15.76
C GLN B 20 13.10 18.99 -16.13
N LEU B 21 13.09 19.34 -17.42
CA LEU B 21 13.62 20.65 -17.89
C LEU B 21 12.77 21.77 -17.29
N LYS B 22 11.44 21.67 -17.38
CA LYS B 22 10.47 22.63 -16.80
C LYS B 22 10.82 22.88 -15.32
N GLN B 23 11.05 21.82 -14.56
CA GLN B 23 11.20 21.87 -13.08
C GLN B 23 12.56 22.48 -12.73
N ALA B 24 13.58 22.27 -13.57
CA ALA B 24 14.95 22.82 -13.38
C ALA B 24 14.95 24.31 -13.71
N LEU B 25 14.11 24.73 -14.65
CA LEU B 25 13.97 26.15 -15.05
C LEU B 25 13.30 26.96 -13.92
N VAL B 26 12.25 26.44 -13.28
CA VAL B 26 11.47 27.23 -12.27
C VAL B 26 12.27 27.23 -10.96
N GLU B 27 12.97 26.14 -10.65
CA GLU B 27 14.00 26.04 -9.59
C GLU B 27 14.96 27.24 -9.65
N LYS B 28 15.22 27.79 -10.84
CA LYS B 28 16.21 28.89 -11.07
C LYS B 28 15.50 30.23 -11.29
N GLY B 29 14.20 30.31 -10.96
CA GLY B 29 13.40 31.54 -11.05
C GLY B 29 13.13 31.93 -12.49
N TYR B 30 12.35 31.11 -13.19
CA TYR B 30 11.75 31.38 -14.53
C TYR B 30 10.29 30.98 -14.47
N GLU B 31 9.46 31.44 -15.41
CA GLU B 31 8.08 30.94 -15.68
C GLU B 31 8.07 30.24 -17.05
N VAL B 32 7.32 29.14 -17.19
CA VAL B 32 7.51 28.14 -18.29
C VAL B 32 6.16 27.68 -18.87
N ASN B 33 5.99 27.76 -20.20
CA ASN B 33 4.84 27.15 -20.93
C ASN B 33 5.38 26.11 -21.92
N LYS B 45 9.00 35.62 -26.38
CA LYS B 45 9.58 34.91 -25.22
C LYS B 45 10.56 33.82 -25.69
N ARG B 46 11.76 33.79 -25.09
CA ARG B 46 12.79 32.72 -25.26
C ARG B 46 12.12 31.34 -25.19
N SER B 47 12.38 30.43 -26.15
CA SER B 47 11.76 29.07 -26.18
C SER B 47 12.77 27.92 -26.43
N ILE B 48 12.40 26.71 -25.97
CA ILE B 48 13.22 25.45 -26.07
C ILE B 48 12.37 24.29 -26.62
N TYR B 49 12.67 23.88 -27.87
CA TYR B 49 11.95 22.82 -28.63
C TYR B 49 12.63 21.47 -28.33
N LEU B 50 11.88 20.54 -27.74
CA LEU B 50 12.28 19.12 -27.50
C LEU B 50 11.63 18.26 -28.59
N ASN B 51 12.44 17.80 -29.54
CA ASN B 51 11.98 17.03 -30.73
C ASN B 51 12.50 15.59 -30.62
N LEU B 52 11.60 14.60 -30.67
CA LEU B 52 11.96 13.15 -30.66
C LEU B 52 11.73 12.52 -32.05
N LEU B 53 12.78 12.04 -32.69
CA LEU B 53 12.70 11.21 -33.93
C LEU B 53 12.34 9.77 -33.54
N ASN B 54 12.21 8.86 -34.52
CA ASN B 54 11.80 7.43 -34.33
C ASN B 54 12.23 6.91 -32.95
N LYS B 59 22.74 2.22 -33.49
CA LYS B 59 23.36 3.06 -34.56
C LYS B 59 23.54 4.50 -34.06
N ASN B 60 22.44 5.13 -33.58
CA ASN B 60 22.38 6.49 -32.99
C ASN B 60 21.71 6.42 -31.61
N LYS B 61 21.77 5.26 -30.96
CA LYS B 61 21.12 4.97 -29.64
C LYS B 61 21.63 5.98 -28.60
N GLU B 62 20.70 6.53 -27.83
CA GLU B 62 20.92 7.46 -26.69
C GLU B 62 21.59 8.77 -27.16
N ARG B 63 21.55 9.10 -28.46
CA ARG B 63 22.19 10.31 -29.05
C ARG B 63 21.26 11.52 -29.02
N PHE B 64 21.82 12.72 -28.82
CA PHE B 64 21.09 13.99 -28.99
C PHE B 64 22.00 15.02 -29.66
N ASP B 65 21.38 15.95 -30.38
CA ASP B 65 21.96 17.20 -30.91
C ASP B 65 21.29 18.38 -30.20
N ILE B 66 22.07 19.35 -29.71
CA ILE B 66 21.53 20.67 -29.26
C ILE B 66 22.12 21.72 -30.21
N SER B 67 21.25 22.54 -30.78
CA SER B 67 21.62 23.73 -31.60
C SER B 67 20.85 24.94 -31.07
N THR B 68 21.34 26.15 -31.36
CA THR B 68 20.66 27.43 -31.02
C THR B 68 20.60 28.31 -32.28
N LYS B 69 19.57 29.12 -32.41
CA LYS B 69 19.39 30.18 -33.44
C LYS B 69 18.70 31.37 -32.79
N GLY B 70 19.49 32.39 -32.38
CA GLY B 70 19.03 33.55 -31.61
C GLY B 70 18.57 33.20 -30.20
N LYS B 71 17.25 33.10 -30.02
CA LYS B 71 16.55 32.93 -28.71
C LYS B 71 15.83 31.57 -28.67
N ASN B 72 16.02 30.73 -29.69
CA ASN B 72 15.40 29.39 -29.83
C ASN B 72 16.52 28.35 -29.70
N THR B 73 16.34 27.40 -28.78
CA THR B 73 17.20 26.21 -28.57
C THR B 73 16.41 24.97 -29.01
N TYR B 74 17.02 24.16 -29.91
CA TYR B 74 16.45 22.92 -30.48
C TYR B 74 17.21 21.71 -29.94
N VAL B 75 16.49 20.80 -29.27
CA VAL B 75 17.05 19.53 -28.72
C VAL B 75 16.47 18.38 -29.53
N THR B 76 17.31 17.73 -30.35
CA THR B 76 16.96 16.55 -31.17
C THR B 76 17.39 15.28 -30.43
N GLY B 77 16.43 14.49 -29.93
CA GLY B 77 16.67 13.12 -29.46
C GLY B 77 16.44 12.11 -30.56
N TYR B 78 17.38 11.18 -30.76
CA TYR B 78 17.31 10.09 -31.75
C TYR B 78 16.42 8.98 -31.21
N ASP B 79 16.34 8.85 -29.87
CA ASP B 79 15.44 7.93 -29.13
C ASP B 79 15.18 8.54 -27.74
N GLY B 80 14.21 7.88 -27.03
CA GLY B 80 13.67 8.35 -25.74
C GLY B 80 14.80 8.67 -24.77
N ASN B 81 15.83 7.83 -24.74
CA ASN B 81 17.01 8.06 -23.86
C ASN B 81 17.81 9.30 -24.29
N GLY B 82 18.02 9.52 -25.59
CA GLY B 82 18.63 10.75 -26.13
C GLY B 82 17.90 12.02 -25.70
N ILE B 83 16.55 12.07 -25.76
CA ILE B 83 15.82 13.34 -25.41
C ILE B 83 15.97 13.61 -23.91
N ILE B 84 16.00 12.53 -23.08
CA ILE B 84 16.22 12.68 -21.62
C ILE B 84 17.65 13.22 -21.39
N TYR B 85 18.65 12.63 -22.08
CA TYR B 85 20.10 13.00 -21.93
C TYR B 85 20.35 14.41 -22.49
N GLY B 86 19.67 14.79 -23.58
CA GLY B 86 19.73 16.17 -24.13
C GLY B 86 19.31 17.20 -23.08
N CYS B 87 18.19 16.91 -22.39
CA CYS B 87 17.62 17.78 -21.34
C CYS B 87 18.55 17.80 -20.12
N ARG B 88 19.18 16.67 -19.78
CA ARG B 88 20.21 16.62 -18.71
C ARG B 88 21.33 17.60 -19.08
N GLU B 89 21.76 17.58 -20.36
CA GLU B 89 22.90 18.39 -20.86
C GLU B 89 22.51 19.87 -20.77
N LEU B 90 21.28 20.22 -21.10
CA LEU B 90 20.73 21.59 -20.90
C LEU B 90 20.76 21.92 -19.40
N ILE B 91 20.23 21.04 -18.54
CA ILE B 91 20.19 21.26 -17.06
C ILE B 91 21.63 21.42 -16.52
N ASP B 92 22.58 20.64 -17.02
CA ASP B 92 24.01 20.66 -16.55
C ASP B 92 24.66 22.01 -16.90
N GLN B 93 24.45 22.51 -18.12
CA GLN B 93 24.91 23.85 -18.58
C GLN B 93 24.25 24.92 -17.69
N LEU B 94 22.94 24.83 -17.49
CA LEU B 94 22.14 25.75 -16.65
C LEU B 94 22.68 25.81 -15.20
N ASP B 95 23.39 24.78 -14.73
CA ASP B 95 24.03 24.75 -13.38
C ASP B 95 25.46 25.30 -13.43
N GLN B 96 26.32 24.60 -14.19
CA GLN B 96 27.75 24.92 -14.39
C GLN B 96 27.95 26.45 -14.47
N SER B 97 27.03 27.19 -15.12
CA SER B 97 27.03 28.68 -15.17
C SER B 97 25.60 29.21 -15.34
N GLY B 98 25.22 30.24 -14.55
CA GLY B 98 23.83 30.68 -14.29
C GLY B 98 23.01 31.02 -15.52
N THR B 99 23.65 31.52 -16.61
CA THR B 99 22.96 32.06 -17.81
C THR B 99 22.14 30.95 -18.49
N MSE B 100 21.18 31.33 -19.34
CA MSE B 100 20.37 30.40 -20.20
C MSE B 100 20.90 30.48 -21.64
O MSE B 100 20.07 30.33 -22.59
CB MSE B 100 18.89 30.77 -20.14
CG MSE B 100 17.97 29.58 -20.03
SE MSE B 100 16.24 30.02 -20.33
CE MSE B 100 16.12 29.74 -22.09
N ASP B 101 22.21 30.69 -21.81
CA ASP B 101 22.92 30.73 -23.11
C ASP B 101 23.62 29.38 -23.31
N PHE B 102 23.10 28.56 -24.22
CA PHE B 102 23.45 27.12 -24.36
C PHE B 102 24.46 26.93 -25.49
N LYS B 103 25.56 26.22 -25.19
CA LYS B 103 26.53 25.77 -26.22
C LYS B 103 25.84 24.68 -27.03
N PRO B 104 25.97 24.65 -28.38
CA PRO B 104 25.59 23.48 -29.15
C PRO B 104 26.52 22.33 -28.76
N VAL B 105 25.93 21.15 -28.58
CA VAL B 105 26.62 19.89 -28.21
C VAL B 105 25.94 18.78 -29.02
N SER B 106 26.73 17.89 -29.62
CA SER B 106 26.22 16.65 -30.24
C SER B 106 26.90 15.45 -29.60
N ASP B 107 26.16 14.62 -28.86
CA ASP B 107 26.75 13.62 -27.93
C ASP B 107 25.92 12.33 -27.87
N ALA B 108 26.60 11.23 -27.52
CA ALA B 108 26.08 9.87 -27.27
C ALA B 108 27.01 9.19 -26.27
N PRO B 109 26.56 8.22 -25.46
CA PRO B 109 27.47 7.48 -24.58
C PRO B 109 28.46 6.59 -25.35
N GLU B 110 29.65 6.38 -24.78
CA GLU B 110 30.64 5.38 -25.29
C GLU B 110 30.18 3.97 -24.90
N MSE B 111 29.83 3.76 -23.62
CA MSE B 111 29.34 2.46 -23.18
C MSE B 111 27.81 2.40 -23.33
O MSE B 111 27.14 3.36 -22.97
CB MSE B 111 29.78 2.20 -21.74
CG MSE B 111 31.28 1.92 -21.64
SE MSE B 111 31.84 1.50 -19.84
CE MSE B 111 33.42 0.34 -20.27
N VAL B 112 27.31 1.24 -23.78
CA VAL B 112 25.92 1.08 -24.19
C VAL B 112 25.00 0.68 -23.03
N LEU B 113 25.48 -0.09 -22.04
CA LEU B 113 24.74 -0.30 -20.77
C LEU B 113 25.60 0.24 -19.65
N ARG B 114 24.99 0.98 -18.73
CA ARG B 114 25.69 1.76 -17.67
C ARG B 114 24.80 1.74 -16.44
N GLY B 115 25.21 1.05 -15.39
CA GLY B 115 24.25 0.80 -14.30
C GLY B 115 24.87 0.24 -13.04
N ALA B 116 24.01 0.12 -12.03
CA ALA B 116 24.40 -0.28 -10.67
C ALA B 116 23.46 -1.38 -10.20
N CYS B 117 23.89 -2.03 -9.12
CA CYS B 117 23.18 -3.18 -8.53
C CYS B 117 22.77 -2.82 -7.11
N ILE B 118 21.69 -3.45 -6.67
CA ILE B 118 21.22 -3.48 -5.27
C ILE B 118 21.01 -4.95 -4.94
N GLY B 119 21.57 -5.41 -3.80
CA GLY B 119 21.38 -6.77 -3.32
C GLY B 119 20.19 -6.87 -2.41
N LEU B 120 19.22 -7.70 -2.78
CA LEU B 120 18.20 -8.21 -1.86
C LEU B 120 18.81 -9.42 -1.15
N GLN B 121 19.75 -9.09 -0.24
CA GLN B 121 20.72 -9.99 0.42
C GLN B 121 21.01 -9.41 1.81
N LYS B 122 21.61 -10.18 2.72
CA LYS B 122 21.83 -9.76 4.13
C LYS B 122 23.23 -10.17 4.59
N THR B 123 23.74 -9.49 5.65
CA THR B 123 25.12 -9.67 6.18
C THR B 123 25.35 -11.16 6.52
N THR B 124 24.25 -11.93 6.75
CA THR B 124 24.23 -13.35 7.20
C THR B 124 22.93 -14.04 6.73
N TYR B 125 22.89 -15.38 6.80
CA TYR B 125 21.83 -16.23 6.20
C TYR B 125 20.57 -15.99 7.01
N LEU B 126 19.43 -16.41 6.46
CA LEU B 126 18.09 -16.32 7.05
C LEU B 126 17.75 -17.65 7.73
N PRO B 127 17.11 -17.63 8.93
CA PRO B 127 16.57 -18.84 9.55
C PRO B 127 15.93 -19.85 8.59
N GLY B 128 16.53 -21.04 8.49
CA GLY B 128 16.03 -22.19 7.69
C GLY B 128 16.43 -22.10 6.22
N HIS B 129 17.28 -21.14 5.83
CA HIS B 129 17.66 -20.92 4.41
C HIS B 129 19.17 -21.09 4.29
N ALA B 130 19.64 -21.37 3.09
CA ALA B 130 21.09 -21.45 2.74
C ALA B 130 21.54 -20.12 2.14
N VAL B 131 22.80 -20.07 1.72
CA VAL B 131 23.42 -18.82 1.24
C VAL B 131 22.65 -18.27 0.02
N TYR B 132 22.48 -16.94 -0.03
CA TYR B 132 21.86 -16.09 -1.09
C TYR B 132 20.33 -16.16 -1.08
N GLU B 133 19.69 -17.02 -0.29
CA GLU B 133 18.20 -17.20 -0.34
C GLU B 133 17.55 -16.17 0.60
N TYR B 134 16.81 -15.21 0.05
CA TYR B 134 16.05 -14.21 0.83
C TYR B 134 14.75 -13.90 0.08
N PRO B 135 13.61 -14.46 0.53
CA PRO B 135 12.32 -14.09 -0.05
C PRO B 135 12.16 -12.55 -0.02
N TYR B 136 11.52 -11.98 -1.04
CA TYR B 136 11.17 -10.54 -1.08
C TYR B 136 10.07 -10.26 -0.03
N THR B 137 10.42 -9.72 1.16
CA THR B 137 9.42 -9.39 2.22
C THR B 137 9.73 -8.03 2.85
N PRO B 138 8.69 -7.29 3.30
CA PRO B 138 8.86 -6.08 4.10
C PRO B 138 9.66 -6.32 5.39
N GLU B 139 9.49 -7.51 5.99
CA GLU B 139 10.24 -7.97 7.20
C GLU B 139 11.75 -7.90 6.92
N SER B 140 12.24 -8.50 5.83
CA SER B 140 13.69 -8.50 5.49
C SER B 140 14.14 -7.17 4.85
N PHE B 141 13.34 -6.57 3.96
CA PHE B 141 13.74 -5.43 3.10
C PHE B 141 12.67 -4.34 3.14
N PRO B 142 12.47 -3.60 4.25
CA PRO B 142 11.41 -2.59 4.34
C PRO B 142 11.62 -1.49 3.29
N TRP B 143 12.87 -1.16 3.01
CA TRP B 143 13.27 -0.12 2.04
C TRP B 143 12.78 -0.43 0.61
N PHE B 144 12.53 -1.70 0.29
CA PHE B 144 12.17 -2.14 -1.09
C PHE B 144 10.73 -1.70 -1.43
N TYR B 145 9.89 -1.47 -0.41
CA TYR B 145 8.46 -1.11 -0.52
C TYR B 145 8.28 0.41 -0.38
N ASP B 146 9.36 1.18 -0.28
CA ASP B 146 9.28 2.66 -0.09
C ASP B 146 9.37 3.31 -1.47
N LYS B 147 8.25 3.77 -2.00
CA LYS B 147 8.19 4.30 -3.39
C LYS B 147 9.17 5.52 -3.49
N GLU B 148 9.08 6.38 -2.46
CA GLU B 148 9.72 7.72 -2.48
C GLU B 148 11.24 7.46 -2.46
N ARG B 149 11.68 6.42 -1.74
CA ARG B 149 13.12 6.05 -1.78
C ARG B 149 13.49 5.67 -3.22
N TRP B 150 12.63 4.88 -3.90
CA TRP B 150 12.87 4.42 -5.29
C TRP B 150 12.92 5.61 -6.26
N ILE B 151 12.06 6.62 -6.11
CA ILE B 151 12.02 7.77 -7.06
C ILE B 151 13.35 8.54 -6.98
N LYS B 152 13.88 8.74 -5.76
CA LYS B 152 15.16 9.46 -5.49
C LYS B 152 16.34 8.67 -6.11
N TYR B 153 16.32 7.35 -5.99
CA TYR B 153 17.40 6.48 -6.54
C TYR B 153 17.34 6.54 -8.07
N LEU B 154 16.15 6.39 -8.67
CA LEU B 154 16.01 6.38 -10.15
C LEU B 154 16.36 7.77 -10.73
N ASP B 155 16.03 8.85 -10.00
CA ASP B 155 16.34 10.25 -10.38
C ASP B 155 17.86 10.45 -10.36
N MSE B 156 18.54 9.87 -9.36
CA MSE B 156 19.99 9.91 -9.26
C MSE B 156 20.64 9.15 -10.41
O MSE B 156 21.64 9.60 -10.94
CB MSE B 156 20.47 9.32 -7.95
CG MSE B 156 21.96 9.52 -7.75
SE MSE B 156 22.66 8.67 -6.13
CE MSE B 156 22.11 10.07 -4.85
N MSE B 157 20.08 8.02 -10.84
CA MSE B 157 20.58 7.32 -12.00
C MSE B 157 20.48 8.17 -13.27
O MSE B 157 21.48 8.26 -14.01
CB MSE B 157 19.82 6.01 -12.20
CG MSE B 157 20.29 4.88 -11.29
SE MSE B 157 19.60 3.17 -11.98
CE MSE B 157 20.12 3.01 -13.84
N VAL B 158 19.31 8.80 -13.50
CA VAL B 158 19.14 9.70 -14.63
C VAL B 158 20.29 10.76 -14.58
N GLU B 159 20.46 11.39 -13.42
CA GLU B 159 21.38 12.54 -13.21
C GLU B 159 22.81 12.10 -13.59
N ASN B 160 23.13 10.81 -13.38
CA ASN B 160 24.42 10.15 -13.75
C ASN B 160 24.34 9.44 -15.12
N ARG B 161 23.19 9.53 -15.84
CA ARG B 161 22.94 9.02 -17.23
C ARG B 161 23.04 7.47 -17.33
N MSE B 162 22.72 6.81 -16.20
CA MSE B 162 22.77 5.36 -16.11
C MSE B 162 21.43 4.82 -16.65
O MSE B 162 20.37 5.44 -16.42
CB MSE B 162 23.06 4.91 -14.67
CG MSE B 162 24.47 5.21 -14.20
SE MSE B 162 24.73 4.45 -12.41
CE MSE B 162 26.59 5.12 -12.29
N ASN B 163 21.50 3.72 -17.41
CA ASN B 163 20.34 3.23 -18.14
C ASN B 163 20.02 1.78 -17.71
N SER B 164 20.55 1.32 -16.57
CA SER B 164 20.33 -0.09 -16.11
C SER B 164 20.43 -0.22 -14.58
N LEU B 165 19.47 -0.95 -13.99
CA LEU B 165 19.38 -1.25 -12.54
C LEU B 165 19.25 -2.76 -12.38
N TYR B 166 20.14 -3.37 -11.60
CA TYR B 166 20.17 -4.83 -11.41
C TYR B 166 19.82 -5.18 -9.97
N LEU B 167 18.93 -6.16 -9.82
CA LEU B 167 18.47 -6.68 -8.52
C LEU B 167 19.08 -8.08 -8.35
N TRP B 168 19.91 -8.27 -7.34
CA TRP B 168 20.64 -9.54 -7.07
C TRP B 168 19.93 -10.31 -5.95
N ASN B 169 19.63 -11.57 -6.22
CA ASN B 169 18.90 -12.48 -5.31
C ASN B 169 19.16 -13.92 -5.72
N GLY B 170 19.16 -14.83 -4.74
CA GLY B 170 19.38 -16.27 -5.01
C GLY B 170 18.27 -16.87 -5.86
N HIS B 171 17.05 -16.84 -5.34
CA HIS B 171 15.83 -17.41 -5.98
C HIS B 171 14.63 -16.47 -5.85
N PRO B 172 14.57 -15.40 -6.68
CA PRO B 172 13.47 -14.43 -6.60
C PRO B 172 12.09 -14.93 -7.05
N PHE B 173 12.04 -15.93 -7.93
CA PHE B 173 10.82 -16.39 -8.63
C PHE B 173 9.74 -16.80 -7.62
N ALA B 174 10.11 -17.42 -6.49
CA ALA B 174 9.12 -17.90 -5.49
C ALA B 174 8.54 -16.74 -4.64
N SER B 175 8.96 -15.48 -4.87
CA SER B 175 8.39 -14.27 -4.22
C SER B 175 7.49 -13.50 -5.23
N LEU B 176 7.45 -13.94 -6.50
CA LEU B 176 7.03 -13.08 -7.65
C LEU B 176 6.04 -13.74 -8.60
N VAL B 177 5.99 -15.08 -8.66
CA VAL B 177 5.10 -15.84 -9.59
C VAL B 177 4.45 -16.99 -8.83
N LYS B 178 3.29 -17.38 -9.29
CA LYS B 178 2.51 -18.54 -8.79
C LYS B 178 2.43 -19.55 -9.93
N LEU B 179 2.74 -20.82 -9.66
CA LEU B 179 2.70 -21.87 -10.70
C LEU B 179 1.55 -22.81 -10.36
N LYS B 180 0.69 -23.07 -11.36
CA LYS B 180 -0.47 -23.99 -11.25
C LYS B 180 -0.04 -25.36 -10.73
N ASP B 181 1.07 -25.89 -11.25
CA ASP B 181 1.60 -27.25 -10.95
C ASP B 181 2.30 -27.30 -9.60
N TYR B 182 2.76 -26.16 -9.08
CA TYR B 182 3.55 -26.13 -7.81
C TYR B 182 3.04 -24.99 -6.93
N PRO B 183 1.74 -24.99 -6.58
CA PRO B 183 1.16 -23.90 -5.80
C PRO B 183 1.84 -23.74 -4.43
N PHE B 184 2.44 -24.81 -3.89
CA PHE B 184 3.07 -24.84 -2.54
C PHE B 184 4.45 -24.20 -2.58
N ALA B 185 4.97 -23.88 -3.78
CA ALA B 185 6.35 -23.37 -3.95
C ALA B 185 6.45 -21.93 -3.43
N LEU B 186 5.33 -21.19 -3.35
CA LEU B 186 5.37 -19.74 -3.05
C LEU B 186 5.98 -19.49 -1.66
N GLU B 187 6.88 -18.52 -1.51
CA GLU B 187 7.72 -18.34 -0.28
C GLU B 187 7.22 -17.16 0.57
N VAL B 188 6.12 -16.53 0.17
CA VAL B 188 5.59 -15.29 0.82
C VAL B 188 4.07 -15.46 0.93
N ASP B 189 3.47 -14.92 1.98
CA ASP B 189 2.00 -14.96 2.16
C ASP B 189 1.34 -14.10 1.09
N GLU B 190 0.02 -14.17 1.04
CA GLU B 190 -0.82 -13.62 -0.06
C GLU B 190 -0.70 -12.08 -0.13
N GLU B 191 -0.76 -11.39 1.02
CA GLU B 191 -0.57 -9.92 1.15
C GLU B 191 0.80 -9.51 0.58
N THR B 192 1.84 -10.26 0.92
CA THR B 192 3.21 -9.88 0.51
C THR B 192 3.37 -10.05 -1.00
N PHE B 193 2.86 -11.16 -1.55
CA PHE B 193 2.83 -11.42 -3.01
C PHE B 193 2.24 -10.19 -3.73
N LYS B 194 1.09 -9.69 -3.25
CA LYS B 194 0.37 -8.53 -3.86
C LYS B 194 1.23 -7.25 -3.79
N LYS B 195 1.90 -7.04 -2.64
CA LYS B 195 2.83 -5.90 -2.45
C LYS B 195 4.00 -6.02 -3.44
N ASN B 196 4.54 -7.24 -3.63
CA ASN B 196 5.65 -7.58 -4.57
C ASN B 196 5.19 -7.29 -6.01
N GLU B 197 3.98 -7.71 -6.42
CA GLU B 197 3.41 -7.34 -7.74
C GLU B 197 3.33 -5.81 -7.89
N GLU B 198 2.82 -5.10 -6.89
CA GLU B 198 2.74 -3.61 -6.87
C GLU B 198 4.13 -3.04 -7.17
N MSE B 199 5.13 -3.52 -6.39
CA MSE B 199 6.43 -2.87 -6.41
C MSE B 199 7.08 -3.05 -7.77
O MSE B 199 7.73 -2.13 -8.28
CB MSE B 199 7.31 -3.36 -5.26
CG MSE B 199 6.89 -2.87 -3.87
SE MSE B 199 6.37 -0.94 -3.82
CE MSE B 199 7.95 -0.13 -4.69
N PHE B 200 6.96 -4.26 -8.36
CA PHE B 200 7.61 -4.52 -9.64
C PHE B 200 6.91 -3.71 -10.76
N SER B 201 5.60 -3.56 -10.66
CA SER B 201 4.77 -2.77 -11.63
C SER B 201 5.07 -1.24 -11.56
N PHE B 202 5.21 -0.71 -10.34
CA PHE B 202 5.78 0.64 -9.99
C PHE B 202 7.21 0.78 -10.54
N LEU B 203 8.12 -0.15 -10.20
CA LEU B 203 9.56 -0.05 -10.55
C LEU B 203 9.75 -0.10 -12.09
N THR B 204 9.04 -0.97 -12.80
CA THR B 204 9.14 -1.05 -14.28
C THR B 204 8.61 0.24 -14.91
N THR B 205 7.49 0.78 -14.41
CA THR B 205 6.88 2.04 -14.92
C THR B 205 7.86 3.22 -14.65
N GLU B 206 8.27 3.39 -13.39
CA GLU B 206 9.10 4.56 -12.97
C GLU B 206 10.47 4.50 -13.70
N ALA B 207 10.97 3.30 -13.96
CA ALA B 207 12.27 3.09 -14.66
C ALA B 207 12.08 3.38 -16.16
N GLU B 208 11.04 2.80 -16.75
CA GLU B 208 10.84 2.89 -18.22
C GLU B 208 10.72 4.37 -18.72
N LYS B 209 10.07 5.25 -17.93
CA LYS B 209 9.92 6.69 -18.32
C LYS B 209 11.26 7.44 -18.11
N ARG B 210 12.22 6.84 -17.40
CA ARG B 210 13.56 7.40 -17.11
C ARG B 210 14.62 6.77 -18.03
N GLY B 211 14.20 5.88 -18.93
CA GLY B 211 15.07 5.16 -19.88
C GLY B 211 15.99 4.17 -19.18
N ILE B 212 15.52 3.53 -18.11
CA ILE B 212 16.25 2.55 -17.29
C ILE B 212 15.68 1.13 -17.50
N PHE B 213 16.54 0.24 -17.98
CA PHE B 213 16.32 -1.22 -18.14
C PHE B 213 16.53 -1.89 -16.78
N VAL B 214 15.47 -2.51 -16.24
CA VAL B 214 15.51 -3.25 -14.93
C VAL B 214 15.84 -4.72 -15.20
N ILE B 215 16.75 -5.30 -14.43
CA ILE B 215 17.29 -6.66 -14.68
C ILE B 215 17.29 -7.42 -13.35
N GLN B 216 16.66 -8.60 -13.37
CA GLN B 216 16.64 -9.54 -12.23
C GLN B 216 17.77 -10.53 -12.44
N MSE B 217 18.67 -10.59 -11.45
CA MSE B 217 19.77 -11.54 -11.41
C MSE B 217 19.33 -12.72 -10.55
O MSE B 217 18.65 -12.51 -9.54
CB MSE B 217 20.99 -10.88 -10.77
CG MSE B 217 22.23 -11.75 -10.72
SE MSE B 217 22.22 -12.83 -9.05
CE MSE B 217 23.71 -13.95 -9.72
N PHE B 218 19.67 -13.95 -10.97
CA PHE B 218 19.43 -15.13 -10.15
C PHE B 218 20.61 -16.09 -10.19
N TYR B 219 20.84 -16.79 -9.06
CA TYR B 219 21.81 -17.91 -8.96
C TYR B 219 21.12 -19.23 -9.32
N ASN B 220 21.91 -20.26 -9.64
CA ASN B 220 21.44 -21.63 -9.97
C ASN B 220 22.38 -22.66 -9.32
N ILE B 221 21.88 -23.87 -8.96
CA ILE B 221 20.49 -24.29 -9.04
C ILE B 221 19.90 -24.11 -7.63
N ILE B 222 18.85 -23.30 -7.49
CA ILE B 222 18.18 -23.07 -6.18
C ILE B 222 16.67 -23.22 -6.36
N VAL B 223 16.00 -23.89 -5.43
CA VAL B 223 14.52 -24.05 -5.39
C VAL B 223 14.01 -23.41 -4.08
N SER B 224 12.74 -23.07 -4.01
CA SER B 224 12.14 -22.45 -2.81
C SER B 224 12.17 -23.45 -1.66
N LYS B 225 12.19 -22.93 -0.43
CA LYS B 225 12.17 -23.74 0.81
C LYS B 225 10.92 -24.60 0.85
N PRO B 226 9.70 -24.05 0.63
CA PRO B 226 8.47 -24.86 0.62
C PRO B 226 8.40 -25.90 -0.52
N PHE B 227 8.93 -25.61 -1.71
CA PHE B 227 9.10 -26.65 -2.77
C PHE B 227 10.01 -27.77 -2.23
N ALA B 228 11.17 -27.42 -1.69
CA ALA B 228 12.19 -28.38 -1.18
C ALA B 228 11.61 -29.29 -0.08
N ASP B 229 11.00 -28.70 0.96
CA ASP B 229 10.32 -29.39 2.09
C ASP B 229 9.22 -30.33 1.56
N HIS B 230 8.47 -29.95 0.52
CA HIS B 230 7.36 -30.78 -0.02
C HIS B 230 7.95 -32.09 -0.58
N TYR B 231 9.05 -31.99 -1.32
CA TYR B 231 9.67 -33.14 -2.04
C TYR B 231 10.74 -33.81 -1.19
N GLY B 232 11.05 -33.28 0.00
CA GLY B 232 12.10 -33.83 0.87
C GLY B 232 13.50 -33.63 0.32
N ILE B 233 13.80 -32.53 -0.37
CA ILE B 233 15.15 -32.28 -0.97
C ILE B 233 15.69 -30.99 -0.34
N LYS B 234 16.92 -30.62 -0.68
CA LYS B 234 17.59 -29.37 -0.22
C LYS B 234 17.19 -28.23 -1.16
N THR B 235 17.18 -26.99 -0.70
CA THR B 235 16.98 -25.81 -1.59
C THR B 235 18.11 -25.79 -2.64
N GLN B 236 19.34 -26.09 -2.22
CA GLN B 236 20.52 -26.04 -3.12
C GLN B 236 21.54 -27.06 -2.63
N ASP B 237 22.29 -27.68 -3.55
CA ASP B 237 23.37 -28.66 -3.21
C ASP B 237 24.29 -28.71 -4.43
N ARG B 238 25.46 -28.09 -4.35
CA ARG B 238 26.26 -27.83 -5.57
C ARG B 238 26.36 -29.09 -6.44
N ASN B 239 26.72 -30.22 -5.84
CA ASN B 239 27.11 -31.43 -6.62
C ASN B 239 25.90 -32.32 -6.93
N ARG B 240 24.72 -32.00 -6.42
CA ARG B 240 23.44 -32.67 -6.76
C ARG B 240 23.26 -32.58 -8.28
N PRO B 241 22.96 -33.69 -9.00
CA PRO B 241 22.70 -33.60 -10.43
C PRO B 241 21.38 -32.87 -10.76
N ILE B 242 21.24 -32.54 -12.04
CA ILE B 242 19.99 -32.01 -12.64
C ILE B 242 18.95 -33.14 -12.59
N THR B 243 17.75 -32.91 -12.04
CA THR B 243 16.61 -33.86 -12.09
C THR B 243 15.50 -33.29 -12.98
N PRO B 244 14.73 -34.15 -13.67
CA PRO B 244 13.57 -33.69 -14.44
C PRO B 244 12.65 -32.76 -13.62
N LEU B 245 12.40 -33.13 -12.35
CA LEU B 245 11.59 -32.31 -11.41
C LEU B 245 12.16 -30.88 -11.22
N ILE B 246 13.42 -30.70 -10.86
CA ILE B 246 13.96 -29.34 -10.56
C ILE B 246 14.01 -28.53 -11.88
N SER B 247 14.19 -29.22 -13.00
CA SER B 247 14.21 -28.62 -14.36
C SER B 247 12.81 -28.06 -14.69
N ASP B 248 11.77 -28.82 -14.40
CA ASP B 248 10.37 -28.50 -14.76
C ASP B 248 9.93 -27.30 -13.91
N TYR B 249 10.23 -27.31 -12.60
CA TYR B 249 9.92 -26.17 -11.68
C TYR B 249 10.65 -24.90 -12.17
N THR B 250 11.93 -25.03 -12.53
CA THR B 250 12.77 -23.88 -12.92
C THR B 250 12.26 -23.32 -14.26
N ARG B 251 12.02 -24.20 -15.23
CA ARG B 251 11.63 -23.78 -16.60
C ARG B 251 10.32 -22.99 -16.50
N LYS B 252 9.38 -23.52 -15.71
CA LYS B 252 8.05 -22.93 -15.54
C LYS B 252 8.16 -21.62 -14.76
N SER B 253 9.07 -21.57 -13.76
CA SER B 253 9.33 -20.35 -12.95
C SER B 253 9.82 -19.23 -13.88
N VAL B 254 10.80 -19.55 -14.74
CA VAL B 254 11.38 -18.62 -15.73
C VAL B 254 10.32 -18.15 -16.74
N ALA B 255 9.54 -19.08 -17.33
CA ALA B 255 8.46 -18.76 -18.30
C ALA B 255 7.41 -17.82 -17.66
N ALA B 256 7.04 -18.08 -16.39
CA ALA B 256 5.98 -17.31 -15.68
C ALA B 256 6.49 -15.87 -15.42
N PHE B 257 7.76 -15.73 -15.06
CA PHE B 257 8.40 -14.40 -14.79
C PHE B 257 8.41 -13.54 -16.08
N ILE B 258 8.91 -14.12 -17.18
CA ILE B 258 9.01 -13.46 -18.51
C ILE B 258 7.62 -12.96 -18.91
N GLU B 259 6.60 -13.81 -18.81
CA GLU B 259 5.21 -13.45 -19.19
C GLU B 259 4.65 -12.34 -18.27
N LYS B 260 4.92 -12.44 -16.95
CA LYS B 260 4.28 -11.59 -15.92
C LYS B 260 4.99 -10.22 -15.83
N TYR B 261 6.30 -10.16 -16.05
CA TYR B 261 7.14 -8.95 -15.91
C TYR B 261 7.88 -8.76 -17.24
N PRO B 262 7.15 -8.46 -18.34
CA PRO B 262 7.71 -8.49 -19.68
C PRO B 262 8.89 -7.55 -19.99
N ASN B 263 9.08 -6.45 -19.27
CA ASN B 263 10.19 -5.53 -19.65
C ASN B 263 11.41 -5.73 -18.75
N VAL B 264 11.38 -6.71 -17.86
CA VAL B 264 12.47 -6.96 -16.87
C VAL B 264 13.44 -8.00 -17.46
N GLY B 265 14.72 -7.64 -17.61
CA GLY B 265 15.72 -8.57 -18.16
C GLY B 265 16.16 -9.60 -17.10
N LEU B 266 16.88 -10.61 -17.57
CA LEU B 266 17.43 -11.70 -16.73
C LEU B 266 18.96 -11.65 -16.78
N LEU B 267 19.61 -11.63 -15.61
CA LEU B 267 21.07 -11.86 -15.49
C LEU B 267 21.26 -13.24 -14.84
N VAL B 268 21.78 -14.18 -15.63
CA VAL B 268 21.94 -15.61 -15.23
C VAL B 268 23.33 -15.85 -14.68
N CYS B 269 23.44 -16.34 -13.44
CA CYS B 269 24.68 -17.00 -12.96
C CYS B 269 24.50 -18.52 -13.05
N LEU B 270 25.36 -19.19 -13.81
CA LEU B 270 25.39 -20.67 -13.86
C LEU B 270 26.24 -21.14 -12.69
N GLY B 271 25.75 -20.81 -11.49
CA GLY B 271 26.43 -21.07 -10.21
C GLY B 271 25.71 -20.35 -9.09
N GLU B 272 26.13 -20.58 -7.83
CA GLU B 272 27.31 -21.40 -7.54
C GLU B 272 26.89 -22.80 -7.12
N ALA B 273 25.65 -23.22 -7.37
CA ALA B 273 25.16 -24.56 -6.99
C ALA B 273 24.91 -25.41 -8.23
N ILE B 274 25.91 -25.51 -9.11
CA ILE B 274 25.97 -26.48 -10.25
C ILE B 274 27.36 -27.16 -10.22
N GLY B 275 27.38 -28.48 -10.45
CA GLY B 275 28.50 -29.34 -10.09
C GLY B 275 29.66 -29.20 -11.06
N THR B 276 29.37 -29.25 -12.35
CA THR B 276 30.38 -29.35 -13.44
C THR B 276 30.03 -28.36 -14.54
N TYR B 277 31.00 -28.06 -15.41
CA TYR B 277 30.78 -27.19 -16.59
C TYR B 277 29.73 -27.81 -17.54
N GLU B 278 29.73 -29.14 -17.70
CA GLU B 278 28.78 -29.89 -18.59
C GLU B 278 27.32 -29.71 -18.10
N GLU B 279 27.10 -29.71 -16.78
CA GLU B 279 25.78 -29.44 -16.14
C GLU B 279 25.42 -27.94 -16.31
N ASP B 280 26.40 -27.02 -16.28
CA ASP B 280 26.15 -25.56 -16.54
C ASP B 280 25.54 -25.42 -17.93
N VAL B 281 26.19 -26.04 -18.93
CA VAL B 281 25.73 -26.04 -20.36
C VAL B 281 24.33 -26.64 -20.44
N GLU B 282 24.09 -27.82 -19.86
CA GLU B 282 22.79 -28.52 -19.92
C GLU B 282 21.70 -27.68 -19.22
N TRP B 283 21.97 -27.10 -18.06
CA TRP B 283 20.99 -26.25 -17.33
C TRP B 283 20.63 -25.03 -18.19
N PHE B 284 21.64 -24.36 -18.74
CA PHE B 284 21.41 -23.09 -19.49
C PHE B 284 20.66 -23.40 -20.79
N THR B 285 21.02 -24.47 -21.50
CA THR B 285 20.52 -24.74 -22.87
C THR B 285 19.24 -25.57 -22.83
N LYS B 286 18.96 -26.36 -21.78
CA LYS B 286 17.78 -27.27 -21.78
C LYS B 286 16.71 -26.87 -20.76
N THR B 287 16.98 -25.93 -19.86
CA THR B 287 16.04 -25.50 -18.79
C THR B 287 15.86 -23.98 -18.91
N ILE B 288 16.93 -23.19 -18.79
CA ILE B 288 16.74 -21.70 -18.69
C ILE B 288 16.27 -21.11 -20.03
N ILE B 289 17.01 -21.32 -21.12
CA ILE B 289 16.69 -20.71 -22.44
C ILE B 289 15.31 -21.16 -22.93
N PRO B 290 14.96 -22.47 -22.93
CA PRO B 290 13.61 -22.88 -23.30
C PRO B 290 12.53 -22.22 -22.43
N GLY B 291 12.82 -21.97 -21.15
CA GLY B 291 11.92 -21.23 -20.24
C GLY B 291 11.73 -19.78 -20.69
N ILE B 292 12.82 -19.11 -21.06
CA ILE B 292 12.74 -17.73 -21.60
C ILE B 292 11.94 -17.73 -22.91
N LYS B 293 12.27 -18.60 -23.87
CA LYS B 293 11.54 -18.63 -25.15
C LYS B 293 10.06 -18.95 -24.89
N ASP B 294 9.75 -19.83 -23.92
CA ASP B 294 8.34 -20.21 -23.66
C ASP B 294 7.60 -18.89 -23.37
N GLY B 295 8.18 -18.05 -22.51
CA GLY B 295 7.56 -16.78 -22.09
C GLY B 295 7.46 -15.82 -23.26
N LEU B 296 8.52 -15.71 -24.06
CA LEU B 296 8.55 -14.76 -25.20
C LEU B 296 7.46 -15.17 -26.20
N LYS B 297 7.24 -16.47 -26.38
CA LYS B 297 6.26 -16.98 -27.38
C LYS B 297 4.85 -16.63 -26.87
N VAL B 298 4.58 -16.82 -25.58
CA VAL B 298 3.26 -16.43 -24.97
C VAL B 298 3.04 -14.94 -25.24
N LEU B 299 4.07 -14.08 -25.08
CA LEU B 299 3.94 -12.62 -25.30
C LEU B 299 3.89 -12.25 -26.79
N GLY B 300 4.32 -13.14 -27.69
CA GLY B 300 4.59 -12.86 -29.11
C GLY B 300 5.69 -11.81 -29.25
N ARG B 301 6.66 -11.74 -28.32
CA ARG B 301 7.76 -10.77 -28.38
C ARG B 301 8.76 -11.25 -29.45
N THR B 302 8.96 -10.43 -30.48
CA THR B 302 9.80 -10.75 -31.65
C THR B 302 11.05 -9.87 -31.72
N ASP B 303 11.28 -8.97 -30.77
CA ASP B 303 12.39 -7.97 -30.81
C ASP B 303 13.70 -8.57 -30.29
N GLU B 304 13.71 -9.86 -29.90
CA GLU B 304 14.94 -10.66 -29.61
C GLU B 304 15.71 -9.98 -28.47
N PRO B 305 15.08 -9.83 -27.29
CA PRO B 305 15.68 -9.09 -26.17
C PRO B 305 16.85 -9.87 -25.63
N PRO B 306 17.84 -9.16 -25.07
CA PRO B 306 19.08 -9.79 -24.62
C PRO B 306 18.86 -10.67 -23.39
N VAL B 307 19.60 -11.78 -23.31
CA VAL B 307 19.78 -12.57 -22.05
C VAL B 307 21.20 -12.30 -21.56
N LEU B 308 21.39 -11.88 -20.31
CA LEU B 308 22.75 -11.57 -19.78
C LEU B 308 23.25 -12.79 -19.01
N VAL B 309 24.51 -13.20 -19.25
CA VAL B 309 25.17 -14.39 -18.70
C VAL B 309 26.49 -13.97 -18.04
N ARG B 310 26.63 -14.31 -16.78
CA ARG B 310 27.90 -14.08 -16.02
C ARG B 310 28.93 -15.16 -16.44
N ALA B 311 30.18 -14.78 -16.56
CA ALA B 311 31.30 -15.74 -16.79
C ALA B 311 31.64 -16.42 -15.45
N HIS B 312 31.12 -15.95 -14.31
CA HIS B 312 31.49 -16.42 -12.95
C HIS B 312 31.21 -17.91 -12.80
N ASP B 313 32.21 -18.68 -12.31
CA ASP B 313 32.08 -20.09 -11.90
C ASP B 313 31.54 -20.96 -13.05
N THR B 314 31.90 -20.68 -14.29
CA THR B 314 31.49 -21.52 -15.45
C THR B 314 32.60 -21.50 -16.49
N ASP B 315 32.38 -22.21 -17.60
CA ASP B 315 33.25 -22.23 -18.81
C ASP B 315 32.51 -21.45 -19.92
N CYS B 316 32.85 -20.17 -20.09
CA CYS B 316 32.16 -19.25 -21.02
C CYS B 316 32.16 -19.83 -22.43
N LYS B 317 33.31 -20.29 -22.90
CA LYS B 317 33.51 -20.87 -24.25
C LYS B 317 32.44 -21.94 -24.47
N MSE B 318 32.37 -22.94 -23.59
CA MSE B 318 31.42 -24.02 -23.76
C MSE B 318 29.98 -23.47 -23.71
O MSE B 318 29.14 -23.88 -24.50
CB MSE B 318 31.64 -25.13 -22.73
CG MSE B 318 32.46 -26.29 -23.25
SE MSE B 318 32.90 -27.46 -21.73
CE MSE B 318 31.24 -28.03 -20.86
N VAL B 319 29.72 -22.53 -22.78
CA VAL B 319 28.36 -22.07 -22.57
C VAL B 319 27.89 -21.28 -23.80
N ILE B 320 28.68 -20.29 -24.24
CA ILE B 320 28.38 -19.37 -25.37
C ILE B 320 28.29 -20.16 -26.68
N ASP B 321 29.26 -21.04 -26.97
CA ASP B 321 29.24 -21.97 -28.14
C ASP B 321 27.94 -22.77 -28.19
N ALA B 322 27.51 -23.36 -27.06
CA ALA B 322 26.33 -24.26 -27.05
C ALA B 322 25.03 -23.44 -27.10
N ALA B 323 25.06 -22.20 -26.60
CA ALA B 323 23.88 -21.34 -26.39
C ALA B 323 23.53 -20.51 -27.65
N LEU B 324 24.53 -20.05 -28.41
CA LEU B 324 24.35 -19.04 -29.49
C LEU B 324 23.45 -19.58 -30.60
N PRO B 325 23.54 -20.88 -30.98
CA PRO B 325 22.58 -21.45 -31.93
C PRO B 325 21.13 -21.37 -31.43
N LEU B 326 20.89 -21.36 -30.12
CA LEU B 326 19.54 -21.52 -29.52
C LEU B 326 18.93 -20.15 -29.20
N TYR B 327 19.75 -19.18 -28.82
CA TYR B 327 19.35 -17.79 -28.45
C TYR B 327 20.45 -16.86 -28.93
N LYS B 328 20.19 -16.09 -29.97
CA LYS B 328 21.24 -15.31 -30.69
C LYS B 328 21.71 -14.10 -29.85
N ASN B 329 20.85 -13.48 -29.05
CA ASN B 329 21.16 -12.20 -28.36
C ASN B 329 21.60 -12.48 -26.92
N LEU B 330 22.90 -12.74 -26.73
CA LEU B 330 23.54 -13.04 -25.42
C LEU B 330 24.56 -11.96 -25.09
N TYR B 331 24.40 -11.34 -23.94
CA TYR B 331 25.39 -10.38 -23.36
C TYR B 331 26.20 -11.15 -22.30
N THR B 332 27.47 -10.82 -22.17
CA THR B 332 28.38 -11.43 -21.16
C THR B 332 28.77 -10.38 -20.13
N MSE B 333 29.12 -10.85 -18.94
CA MSE B 333 29.49 -10.03 -17.80
C MSE B 333 30.66 -10.72 -17.11
O MSE B 333 30.64 -11.94 -16.95
CB MSE B 333 28.32 -9.88 -16.81
CG MSE B 333 28.75 -9.17 -15.55
SE MSE B 333 27.45 -8.72 -14.19
CE MSE B 333 26.28 -7.52 -15.24
N HIS B 334 31.68 -9.95 -16.69
CA HIS B 334 32.82 -10.53 -15.99
C HIS B 334 33.47 -9.48 -15.07
N LYS B 335 33.96 -9.92 -13.91
CA LYS B 335 34.53 -9.08 -12.85
C LYS B 335 35.70 -8.29 -13.40
N TYR B 336 35.77 -6.99 -13.11
CA TYR B 336 36.87 -6.10 -13.55
C TYR B 336 38.20 -6.49 -12.86
N ASN B 337 38.23 -6.50 -11.53
CA ASN B 337 39.42 -6.91 -10.71
C ASN B 337 38.96 -7.94 -9.65
N GLY B 338 38.37 -9.05 -10.06
CA GLY B 338 37.73 -10.04 -9.16
C GLY B 338 36.75 -9.32 -8.25
N GLU B 339 36.86 -9.49 -6.94
CA GLU B 339 35.88 -8.93 -5.98
C GLU B 339 36.45 -7.68 -5.31
N SER B 340 37.38 -7.01 -5.95
CA SER B 340 38.10 -5.84 -5.37
C SER B 340 38.24 -4.80 -6.47
N LEU B 341 38.92 -3.70 -6.14
CA LEU B 341 39.40 -2.68 -7.09
C LEU B 341 40.88 -2.53 -6.81
N THR B 342 41.72 -2.99 -7.71
CA THR B 342 43.17 -3.15 -7.49
C THR B 342 43.98 -2.29 -8.46
N THR B 343 43.51 -2.03 -9.68
CA THR B 343 44.40 -1.49 -10.72
C THR B 343 43.65 -0.84 -11.89
N TYR B 344 44.30 0.16 -12.51
CA TYR B 344 43.94 0.68 -13.86
C TYR B 344 44.99 0.20 -14.88
N GLU B 345 45.82 -0.79 -14.54
CA GLU B 345 46.72 -1.47 -15.51
C GLU B 345 46.54 -2.98 -15.39
N PRO B 346 45.33 -3.51 -15.68
CA PRO B 346 45.11 -4.96 -15.66
C PRO B 346 45.88 -5.62 -16.80
N ARG B 347 46.23 -6.92 -16.66
CA ARG B 347 46.95 -7.67 -17.73
C ARG B 347 46.70 -9.19 -17.55
N GLY B 348 47.48 -10.05 -18.22
CA GLY B 348 47.60 -11.48 -17.90
C GLY B 348 46.35 -12.30 -18.23
N PRO B 349 46.18 -13.49 -17.62
CA PRO B 349 45.16 -14.43 -18.06
C PRO B 349 43.74 -13.88 -17.87
N TRP B 350 43.52 -13.06 -16.84
CA TRP B 350 42.17 -12.52 -16.59
C TRP B 350 41.80 -11.50 -17.66
N ALA B 351 42.77 -10.69 -18.13
CA ALA B 351 42.60 -9.78 -19.29
C ALA B 351 42.25 -10.60 -20.54
N LYS B 352 42.91 -11.75 -20.75
CA LYS B 352 42.67 -12.64 -21.91
C LYS B 352 41.20 -13.07 -21.89
N ILE B 353 40.66 -13.42 -20.71
CA ILE B 353 39.25 -13.87 -20.58
C ILE B 353 38.32 -12.73 -21.06
N HIS B 354 38.53 -11.50 -20.60
CA HIS B 354 37.72 -10.31 -21.00
C HIS B 354 37.79 -10.12 -22.52
N LYS B 355 39.00 -10.19 -23.09
CA LYS B 355 39.30 -10.00 -24.53
C LYS B 355 38.57 -11.06 -25.34
N ASP B 356 38.66 -12.33 -24.95
CA ASP B 356 37.94 -13.46 -25.60
C ASP B 356 36.44 -13.18 -25.60
N LEU B 357 35.90 -12.69 -24.47
CA LEU B 357 34.45 -12.43 -24.37
C LEU B 357 34.06 -11.24 -25.26
N SER B 358 34.86 -10.18 -25.27
CA SER B 358 34.62 -8.94 -26.05
C SER B 358 34.62 -9.24 -27.54
N SER B 359 35.40 -10.23 -27.98
CA SER B 359 35.62 -10.50 -29.43
C SER B 359 34.38 -11.18 -30.05
N LEU B 360 33.35 -11.50 -29.26
CA LEU B 360 32.08 -12.07 -29.77
C LEU B 360 31.30 -11.02 -30.56
N GLY B 361 31.69 -9.75 -30.46
CA GLY B 361 31.13 -8.63 -31.23
C GLY B 361 29.74 -8.31 -30.76
N SER B 362 29.47 -8.46 -29.46
CA SER B 362 28.16 -8.19 -28.84
C SER B 362 28.34 -7.21 -27.68
N VAL B 363 27.68 -7.34 -26.54
CA VAL B 363 27.87 -6.44 -25.37
C VAL B 363 28.60 -7.23 -24.28
N HIS B 364 29.76 -6.72 -23.85
CA HIS B 364 30.57 -7.33 -22.75
C HIS B 364 30.62 -6.32 -21.62
N ILE B 365 30.04 -6.67 -20.46
CA ILE B 365 29.78 -5.81 -19.29
C ILE B 365 30.91 -6.02 -18.26
N SER B 366 31.65 -4.98 -17.95
CA SER B 366 32.63 -4.99 -16.84
C SER B 366 31.87 -4.82 -15.52
N ASN B 367 32.06 -5.76 -14.57
CA ASN B 367 31.40 -5.79 -13.25
C ASN B 367 32.45 -5.34 -12.22
N VAL B 368 32.26 -4.15 -11.65
CA VAL B 368 33.05 -3.66 -10.47
C VAL B 368 32.36 -4.28 -9.26
N HIS B 369 32.95 -5.36 -8.74
CA HIS B 369 32.21 -6.38 -7.93
C HIS B 369 32.67 -6.35 -6.47
N ILE B 370 31.71 -6.11 -5.54
CA ILE B 370 31.76 -6.34 -4.06
C ILE B 370 32.68 -5.32 -3.36
N LEU B 371 33.88 -5.06 -3.87
CA LEU B 371 34.88 -4.09 -3.31
C LEU B 371 35.34 -4.48 -1.90
N ALA B 372 35.77 -5.72 -1.77
CA ALA B 372 36.19 -6.33 -0.48
C ALA B 372 37.30 -5.47 0.15
N ASN B 373 38.17 -4.90 -0.67
CA ASN B 373 39.38 -4.20 -0.17
C ASN B 373 39.12 -2.73 0.21
N LEU B 374 37.95 -2.16 -0.13
CA LEU B 374 37.60 -0.74 0.17
C LEU B 374 36.73 -0.65 1.43
N GLU B 375 36.21 -1.78 1.90
CA GLU B 375 35.17 -1.77 2.96
C GLU B 375 35.86 -1.47 4.28
N PRO B 376 35.34 -0.55 5.14
CA PRO B 376 34.10 0.19 4.87
C PRO B 376 34.21 1.68 4.52
N TRP B 377 35.45 2.16 4.47
CA TRP B 377 35.71 3.62 4.48
C TRP B 377 35.27 4.24 3.15
N ARG B 378 35.20 5.57 3.12
CA ARG B 378 34.87 6.33 1.88
C ARG B 378 35.96 6.08 0.84
N TRP B 379 35.52 5.96 -0.40
CA TRP B 379 36.41 5.82 -1.56
C TRP B 379 35.67 6.39 -2.77
N SER B 380 36.27 7.34 -3.47
CA SER B 380 35.72 7.85 -4.77
C SER B 380 36.78 8.75 -5.40
N SER B 381 37.74 8.12 -6.08
CA SER B 381 38.84 8.80 -6.79
C SER B 381 38.47 8.97 -8.25
N PRO B 382 38.16 10.21 -8.74
CA PRO B 382 37.85 10.43 -10.15
C PRO B 382 39.02 9.94 -11.02
N ASP B 383 40.25 10.25 -10.64
CA ASP B 383 41.45 9.85 -11.43
C ASP B 383 41.48 8.32 -11.62
N PHE B 384 41.33 7.57 -10.52
CA PHE B 384 41.44 6.08 -10.49
C PHE B 384 40.27 5.52 -11.31
N ILE B 385 39.09 6.10 -11.14
CA ILE B 385 37.86 5.64 -11.86
C ILE B 385 38.03 5.91 -13.35
N GLN B 386 38.51 7.09 -13.74
CA GLN B 386 38.66 7.39 -15.19
C GLN B 386 39.71 6.45 -15.82
N LYS B 387 40.83 6.23 -15.15
CA LYS B 387 41.88 5.33 -15.69
C LYS B 387 41.36 3.89 -15.75
N SER B 388 40.50 3.50 -14.79
CA SER B 388 39.89 2.15 -14.77
C SER B 388 38.98 2.01 -16.01
N VAL B 389 38.17 3.03 -16.34
CA VAL B 389 37.25 2.89 -17.52
C VAL B 389 38.08 2.86 -18.80
N LYS B 390 39.16 3.64 -18.88
CA LYS B 390 40.06 3.61 -20.06
C LYS B 390 40.64 2.21 -20.24
N ALA B 391 41.04 1.53 -19.17
CA ALA B 391 41.56 0.15 -19.21
C ALA B 391 40.45 -0.81 -19.64
N MSE B 392 39.20 -0.61 -19.16
CA MSE B 392 38.11 -1.50 -19.55
C MSE B 392 37.97 -1.53 -21.07
O MSE B 392 37.71 -2.61 -21.61
CB MSE B 392 36.77 -1.07 -18.92
CG MSE B 392 36.72 -1.31 -17.45
SE MSE B 392 35.18 -0.44 -16.62
CE MSE B 392 35.54 -0.80 -14.73
N HIS B 393 38.14 -0.36 -21.71
CA HIS B 393 38.11 -0.24 -23.16
C HIS B 393 39.38 -0.81 -23.78
N SER B 394 40.54 -0.34 -23.35
CA SER B 394 41.82 -0.56 -24.08
C SER B 394 42.38 -1.96 -23.78
N VAL B 395 42.11 -2.52 -22.60
CA VAL B 395 42.70 -3.84 -22.24
C VAL B 395 41.63 -4.93 -22.36
N HIS B 396 40.44 -4.72 -21.78
CA HIS B 396 39.40 -5.76 -21.66
C HIS B 396 38.50 -5.76 -22.90
N GLY B 397 38.42 -4.66 -23.65
CA GLY B 397 37.41 -4.48 -24.71
C GLY B 397 35.95 -4.46 -24.22
N ALA B 398 35.66 -4.14 -22.95
CA ALA B 398 34.28 -4.00 -22.41
C ALA B 398 33.61 -2.75 -23.00
N ASN B 399 32.33 -2.84 -23.33
CA ASN B 399 31.55 -1.72 -23.91
C ASN B 399 30.34 -1.42 -23.00
N ALA B 400 30.35 -1.92 -21.78
CA ALA B 400 29.29 -1.72 -20.75
C ALA B 400 29.88 -1.84 -19.35
N LEU B 401 29.14 -1.33 -18.37
CA LEU B 401 29.58 -1.27 -16.96
C LEU B 401 28.44 -1.59 -16.01
N HIS B 402 28.77 -2.42 -14.99
CA HIS B 402 27.91 -2.80 -13.85
C HIS B 402 28.69 -2.53 -12.56
N ILE B 403 28.25 -1.58 -11.74
CA ILE B 403 28.95 -1.23 -10.47
C ILE B 403 28.11 -1.73 -9.29
N TYR B 404 28.83 -2.31 -8.34
CA TYR B 404 28.37 -2.52 -6.96
C TYR B 404 28.39 -1.18 -6.23
N PRO B 405 27.68 -1.14 -5.09
CA PRO B 405 27.85 -0.10 -4.09
C PRO B 405 29.33 -0.03 -3.69
N GLN B 406 29.77 1.16 -3.32
CA GLN B 406 31.20 1.41 -3.01
C GLN B 406 31.66 0.46 -1.88
N ALA B 407 30.79 0.21 -0.89
CA ALA B 407 31.00 -0.62 0.32
C ALA B 407 29.65 -1.03 0.89
N ASN B 408 29.62 -2.13 1.65
CA ASN B 408 28.48 -2.45 2.54
C ASN B 408 27.34 -3.01 1.69
N TYR B 409 27.66 -3.69 0.59
CA TYR B 409 26.68 -4.30 -0.34
C TYR B 409 25.62 -5.10 0.42
N TRP B 410 26.06 -5.91 1.39
CA TRP B 410 25.19 -6.87 2.08
C TRP B 410 24.24 -6.15 3.06
N ASP B 411 24.35 -4.82 3.23
CA ASP B 411 23.63 -4.07 4.28
C ASP B 411 22.90 -2.85 3.68
N TRP B 412 22.49 -2.93 2.41
CA TRP B 412 21.65 -1.92 1.72
C TRP B 412 20.51 -1.59 2.68
N PRO B 413 20.09 -0.31 2.84
CA PRO B 413 20.61 0.84 2.10
C PRO B 413 21.62 1.69 2.88
N TYR B 414 22.22 1.12 3.95
CA TYR B 414 23.04 1.88 4.93
C TYR B 414 24.53 1.56 4.73
N THR B 415 25.36 2.53 5.06
CA THR B 415 26.83 2.39 5.16
C THR B 415 27.11 1.79 6.53
N ALA B 416 28.36 1.49 6.79
CA ALA B 416 28.84 0.95 8.09
C ALA B 416 29.04 2.07 9.13
N ASP B 417 28.82 3.34 8.78
CA ASP B 417 29.10 4.50 9.66
C ASP B 417 28.25 4.37 10.92
N LYS B 418 28.86 4.60 12.09
CA LYS B 418 28.14 4.75 13.36
C LYS B 418 27.90 6.25 13.59
N LEU B 419 26.64 6.65 13.60
CA LEU B 419 26.20 8.03 13.90
C LEU B 419 25.61 8.08 15.31
N ALA B 420 25.69 9.25 15.96
CA ALA B 420 24.95 9.58 17.20
C ALA B 420 23.51 9.08 17.06
N ASN B 421 23.08 8.23 17.99
CA ASN B 421 21.66 7.93 18.40
C ASN B 421 21.21 6.61 17.77
N GLY B 422 22.10 5.95 17.03
CA GLY B 422 21.76 4.76 16.24
C GLY B 422 21.15 5.15 14.92
N GLU B 423 21.30 6.43 14.52
CA GLU B 423 21.00 6.88 13.13
C GLU B 423 21.95 6.12 12.19
N ARG B 424 21.42 5.56 11.10
CA ARG B 424 22.22 4.90 10.04
C ARG B 424 22.42 5.93 8.92
N GLU B 425 23.58 5.93 8.27
CA GLU B 425 23.85 6.78 7.09
C GLU B 425 23.39 6.04 5.83
N GLU B 426 22.75 6.79 4.91
CA GLU B 426 22.30 6.32 3.58
C GLU B 426 23.50 6.19 2.63
N GLN B 427 23.58 5.09 1.88
CA GLN B 427 24.63 4.88 0.85
C GLN B 427 24.46 5.92 -0.27
N VAL B 428 23.23 6.25 -0.69
CA VAL B 428 23.01 7.20 -1.83
C VAL B 428 23.47 8.61 -1.43
N TYR B 429 23.43 8.93 -0.13
CA TYR B 429 23.96 10.19 0.44
C TYR B 429 25.51 10.10 0.52
N ARG B 430 26.08 9.10 1.20
CA ARG B 430 27.55 9.02 1.43
C ARG B 430 28.29 8.93 0.10
N ASP B 431 27.86 8.03 -0.79
CA ASP B 431 28.70 7.53 -1.91
C ASP B 431 28.29 8.21 -3.22
N TRP B 432 27.75 9.44 -3.17
CA TRP B 432 27.25 10.20 -4.36
C TRP B 432 28.35 10.34 -5.42
N ALA B 433 29.60 10.64 -5.03
CA ALA B 433 30.72 10.84 -5.98
C ALA B 433 31.09 9.52 -6.67
N TRP B 434 30.92 8.41 -5.97
CA TRP B 434 31.16 7.06 -6.56
C TRP B 434 30.22 6.84 -7.76
N TYR B 435 28.91 6.94 -7.54
CA TYR B 435 27.94 6.74 -8.66
C TYR B 435 28.18 7.77 -9.79
N LYS B 436 28.35 9.04 -9.41
CA LYS B 436 28.62 10.11 -10.42
C LYS B 436 29.90 9.84 -11.27
N ALA B 437 31.04 9.45 -10.66
CA ALA B 437 32.32 9.22 -11.40
C ALA B 437 32.23 8.04 -12.38
N TRP B 438 31.71 6.89 -11.91
CA TRP B 438 31.48 5.72 -12.80
C TRP B 438 30.54 6.12 -13.95
N GLY B 439 29.43 6.80 -13.66
CA GLY B 439 28.47 7.29 -14.67
C GLY B 439 29.14 8.24 -15.65
N ARG B 440 29.94 9.17 -15.14
CA ARG B 440 30.60 10.21 -15.99
C ARG B 440 31.58 9.54 -16.97
N TYR B 441 32.42 8.60 -16.53
CA TYR B 441 33.49 8.04 -17.39
C TYR B 441 32.95 6.88 -18.26
N ALA B 442 31.89 6.22 -17.78
CA ALA B 442 31.14 5.25 -18.62
C ALA B 442 30.48 6.00 -19.78
N TRP B 443 30.04 7.24 -19.56
CA TRP B 443 29.49 8.07 -20.67
C TRP B 443 30.59 8.41 -21.68
N LYS B 444 31.72 8.93 -21.17
CA LYS B 444 32.90 9.32 -21.98
C LYS B 444 34.17 9.23 -21.10
N ALA B 445 35.08 8.34 -21.46
CA ALA B 445 36.32 8.04 -20.70
C ALA B 445 37.40 9.09 -20.95
N ASP B 446 37.64 9.45 -22.22
CA ASP B 446 38.71 10.38 -22.68
C ASP B 446 38.20 11.81 -22.54
N ARG B 447 38.41 12.41 -21.37
CA ARG B 447 38.06 13.80 -21.02
C ARG B 447 39.36 14.41 -20.49
N ASN B 448 39.60 15.66 -20.86
CA ASN B 448 40.83 16.39 -20.50
C ASN B 448 40.95 16.42 -18.97
N ARG B 449 42.13 16.08 -18.48
CA ARG B 449 42.28 15.85 -17.04
C ARG B 449 42.24 17.16 -16.26
N LEU B 450 42.83 18.24 -16.79
CA LEU B 450 42.73 19.57 -16.15
C LEU B 450 41.25 20.00 -16.04
N GLU B 451 40.46 19.82 -17.11
CA GLU B 451 39.00 20.14 -17.05
C GLU B 451 38.33 19.23 -16.01
N GLU B 452 38.74 17.97 -15.90
CA GLU B 452 38.11 17.04 -14.94
C GLU B 452 38.36 17.56 -13.53
N ILE B 453 39.53 18.10 -13.24
CA ILE B 453 39.86 18.60 -11.88
C ILE B 453 38.98 19.83 -11.57
N LYS B 454 38.76 20.70 -12.55
CA LYS B 454 37.86 21.88 -12.40
C LYS B 454 36.43 21.39 -12.15
N TYR B 455 35.94 20.46 -12.96
CA TYR B 455 34.61 19.84 -12.74
C TYR B 455 34.50 19.32 -11.30
N TRP B 456 35.39 18.42 -10.85
CA TRP B 456 35.28 17.76 -9.51
C TRP B 456 35.43 18.78 -8.38
N ASP B 457 36.35 19.74 -8.55
CA ASP B 457 36.53 20.83 -7.56
C ASP B 457 35.18 21.53 -7.35
N LYS B 458 34.44 21.80 -8.42
CA LYS B 458 33.13 22.49 -8.29
C LYS B 458 32.12 21.55 -7.64
N GLN B 459 32.18 20.25 -7.95
CA GLN B 459 31.20 19.25 -7.42
C GLN B 459 31.38 19.16 -5.89
N PHE B 460 32.63 19.06 -5.41
CA PHE B 460 32.91 18.94 -3.96
C PHE B 460 32.58 20.27 -3.26
N GLY B 461 32.95 21.40 -3.87
CA GLY B 461 32.68 22.74 -3.34
C GLY B 461 31.18 23.01 -3.21
N ASP B 462 30.40 22.67 -4.24
CA ASP B 462 28.92 22.81 -4.23
C ASP B 462 28.31 21.95 -3.11
N PHE B 463 28.82 20.74 -2.89
CA PHE B 463 28.28 19.80 -1.88
C PHE B 463 28.57 20.31 -0.46
N TYR B 464 29.77 20.86 -0.20
CA TYR B 464 30.13 21.33 1.17
C TYR B 464 29.95 22.85 1.31
N GLY B 465 29.47 23.54 0.27
CA GLY B 465 29.30 25.02 0.26
C GLY B 465 30.60 25.77 0.48
N ILE B 466 31.63 25.40 -0.29
CA ILE B 466 33.04 25.88 -0.18
C ILE B 466 33.43 26.33 -1.58
N PRO B 467 34.20 27.43 -1.74
CA PRO B 467 34.80 27.78 -3.03
C PRO B 467 35.52 26.60 -3.69
N ALA B 468 35.38 26.47 -5.01
CA ALA B 468 35.93 25.37 -5.85
C ALA B 468 37.44 25.22 -5.59
N GLU B 469 38.18 26.32 -5.52
CA GLU B 469 39.65 26.33 -5.29
C GLU B 469 39.99 25.75 -3.92
N MSE B 470 39.25 26.11 -2.86
CA MSE B 470 39.45 25.48 -1.56
C MSE B 470 39.12 23.98 -1.64
O MSE B 470 39.82 23.17 -1.05
CB MSE B 470 38.59 26.14 -0.47
CG MSE B 470 38.96 27.58 -0.15
SE MSE B 470 40.55 27.70 1.01
CE MSE B 470 41.31 25.98 1.64
N ALA B 471 38.08 23.63 -2.40
CA ALA B 471 37.58 22.26 -2.45
C ALA B 471 38.55 21.34 -3.20
N ASP B 472 39.49 21.89 -3.97
CA ASP B 472 40.55 21.08 -4.64
C ASP B 472 41.23 20.15 -3.62
N ASN B 473 41.29 20.55 -2.35
CA ASN B 473 41.89 19.80 -1.21
C ASN B 473 41.07 18.52 -0.95
N ILE B 474 39.76 18.60 -1.08
CA ILE B 474 38.87 17.41 -1.01
C ILE B 474 39.23 16.45 -2.15
N ARG B 475 39.37 16.93 -3.40
CA ARG B 475 39.73 16.04 -4.53
C ARG B 475 41.08 15.34 -4.25
N ILE B 476 42.09 16.07 -3.75
CA ILE B 476 43.44 15.50 -3.49
C ILE B 476 43.31 14.42 -2.41
N ALA B 477 42.52 14.67 -1.36
CA ALA B 477 42.31 13.72 -0.25
C ALA B 477 41.75 12.40 -0.81
N TYR B 478 40.80 12.45 -1.75
CA TYR B 478 40.17 11.25 -2.36
C TYR B 478 41.15 10.58 -3.33
N GLU B 479 41.99 11.34 -4.04
CA GLU B 479 42.85 10.77 -5.13
C GLU B 479 44.11 10.14 -4.52
N GLU B 480 44.64 10.72 -3.44
CA GLU B 480 45.81 10.21 -2.70
C GLU B 480 45.38 8.99 -1.88
N SER B 481 44.35 9.11 -1.02
CA SER B 481 43.85 7.99 -0.18
C SER B 481 43.39 6.83 -1.08
N GLY B 482 42.83 7.15 -2.27
CA GLY B 482 42.22 6.19 -3.21
C GLY B 482 43.23 5.16 -3.74
N GLU B 483 44.53 5.43 -3.66
CA GLU B 483 45.56 4.51 -4.21
C GLU B 483 45.97 3.45 -3.16
N ILE B 484 45.61 3.63 -1.89
CA ILE B 484 46.19 2.82 -0.76
C ILE B 484 45.64 1.40 -0.82
N ALA B 485 44.32 1.24 -0.77
CA ALA B 485 43.73 -0.12 -0.71
C ALA B 485 44.05 -0.88 -1.99
N PRO B 486 43.98 -0.27 -3.21
CA PRO B 486 44.37 -0.98 -4.43
C PRO B 486 45.85 -1.45 -4.43
N LYS B 487 46.77 -0.58 -4.01
CA LYS B 487 48.23 -0.89 -4.02
C LYS B 487 48.54 -2.01 -3.02
N LEU B 488 48.02 -1.91 -1.82
CA LEU B 488 48.35 -2.88 -0.76
C LEU B 488 47.73 -4.23 -1.11
N LEU B 489 46.48 -4.29 -1.59
CA LEU B 489 45.91 -5.62 -1.91
C LEU B 489 46.71 -6.30 -3.03
N ARG B 490 47.06 -5.58 -4.09
CA ARG B 490 47.67 -6.25 -5.26
C ARG B 490 49.10 -6.69 -4.94
N ARG B 491 49.78 -6.05 -4.00
CA ARG B 491 51.23 -6.33 -3.73
C ARG B 491 51.38 -7.31 -2.55
N PHE B 492 50.40 -7.39 -1.63
CA PHE B 492 50.48 -8.14 -0.33
C PHE B 492 49.28 -9.05 -0.07
N GLY B 493 48.19 -8.90 -0.82
CA GLY B 493 46.94 -9.61 -0.48
C GLY B 493 47.00 -11.10 -0.73
N ILE B 494 46.13 -11.84 -0.05
CA ILE B 494 45.93 -13.31 -0.30
C ILE B 494 45.00 -13.50 -1.49
N THR B 495 43.95 -12.70 -1.59
CA THR B 495 42.93 -12.88 -2.64
C THR B 495 42.23 -11.55 -2.94
N GLU B 496 41.64 -11.47 -4.12
CA GLU B 496 40.74 -10.33 -4.49
C GLU B 496 39.32 -10.64 -4.07
N GLY B 497 39.09 -11.82 -3.49
CA GLY B 497 37.78 -12.27 -2.99
C GLY B 497 37.39 -11.61 -1.69
N ASN B 498 36.10 -11.59 -1.33
CA ASN B 498 35.70 -11.04 -0.02
C ASN B 498 36.02 -12.09 1.06
N ARG B 499 36.64 -13.19 0.65
CA ARG B 499 37.34 -14.10 1.61
C ARG B 499 38.29 -13.28 2.48
N GLN B 500 38.82 -12.16 1.97
CA GLN B 500 39.72 -11.25 2.71
C GLN B 500 39.03 -9.90 3.00
N THR B 501 39.24 -9.33 4.20
CA THR B 501 38.88 -7.93 4.55
C THR B 501 40.17 -7.14 4.75
N LEU B 502 40.67 -6.51 3.71
CA LEU B 502 42.04 -5.92 3.75
C LEU B 502 42.15 -4.91 4.91
N LEU B 503 41.14 -4.08 5.13
CA LEU B 503 41.31 -2.90 6.03
C LEU B 503 41.21 -3.27 7.52
N LEU B 504 40.99 -4.53 7.86
CA LEU B 504 41.24 -5.04 9.22
C LEU B 504 42.72 -5.39 9.44
N GLY B 505 43.54 -5.41 8.38
CA GLY B 505 44.98 -5.70 8.52
C GLY B 505 45.29 -7.17 8.21
N MSE B 506 46.56 -7.54 8.39
CA MSE B 506 47.06 -8.88 8.13
C MSE B 506 47.99 -9.33 9.26
O MSE B 506 48.71 -8.51 9.82
CB MSE B 506 47.76 -8.88 6.77
CG MSE B 506 46.77 -8.69 5.60
SE MSE B 506 47.66 -8.84 3.83
CE MSE B 506 48.02 -10.72 3.96
N PHE B 507 48.02 -10.64 9.56
CA PHE B 507 49.00 -11.22 10.49
C PHE B 507 50.36 -11.37 9.83
N MSE B 508 51.43 -11.43 10.63
CA MSE B 508 52.79 -11.62 10.15
C MSE B 508 52.89 -12.92 9.36
O MSE B 508 53.57 -12.98 8.33
CB MSE B 508 53.72 -11.68 11.36
CG MSE B 508 53.78 -10.39 12.11
SE MSE B 508 54.99 -9.22 11.18
CE MSE B 508 56.68 -10.24 11.17
N SER B 509 52.21 -13.97 9.86
CA SER B 509 52.05 -15.25 9.19
C SER B 509 51.64 -15.08 7.72
N GLN B 510 50.76 -14.13 7.42
CA GLN B 510 50.15 -13.96 6.08
C GLN B 510 51.13 -13.20 5.16
N PHE B 511 52.10 -12.48 5.74
CA PHE B 511 53.25 -11.83 5.04
C PHE B 511 54.41 -12.81 4.79
N VAL B 512 54.77 -13.66 5.76
CA VAL B 512 55.99 -14.50 5.66
C VAL B 512 55.64 -15.86 5.05
N ASN B 513 54.37 -16.25 5.06
CA ASN B 513 53.95 -17.57 4.51
C ASN B 513 52.63 -17.41 3.77
N PRO B 514 52.55 -16.49 2.80
CA PRO B 514 51.25 -16.25 2.14
C PRO B 514 50.62 -17.47 1.46
N TYR B 515 51.45 -18.37 0.92
CA TYR B 515 50.92 -19.51 0.12
C TYR B 515 50.17 -20.46 1.05
N LYS B 516 50.46 -20.50 2.36
CA LYS B 516 49.67 -21.33 3.30
C LYS B 516 48.18 -20.92 3.30
N TYR B 517 47.84 -19.67 2.92
CA TYR B 517 46.47 -19.10 3.04
C TYR B 517 45.70 -19.28 1.73
N THR B 518 46.28 -20.00 0.75
CA THR B 518 45.72 -20.36 -0.58
C THR B 518 45.72 -19.13 -1.50
N ILE B 519 46.69 -19.03 -2.40
CA ILE B 519 46.69 -17.96 -3.44
C ILE B 519 46.43 -18.63 -4.79
N HIS B 520 45.38 -18.21 -5.47
CA HIS B 520 44.96 -18.76 -6.78
C HIS B 520 45.79 -18.16 -7.91
N TYR B 521 46.22 -19.00 -8.85
CA TYR B 521 46.86 -18.56 -10.11
C TYR B 521 45.89 -17.59 -10.81
N GLY B 522 46.40 -16.48 -11.33
CA GLY B 522 45.56 -15.49 -12.04
C GLY B 522 45.56 -14.16 -11.32
N PHE B 523 45.51 -14.15 -9.97
CA PHE B 523 45.36 -12.89 -9.18
C PHE B 523 46.61 -12.01 -9.35
N TYR B 524 47.79 -12.50 -8.93
CA TYR B 524 49.03 -11.69 -9.02
C TYR B 524 49.43 -11.53 -10.50
N GLU B 525 49.03 -12.47 -11.38
CA GLU B 525 49.41 -12.44 -12.82
C GLU B 525 48.54 -11.42 -13.57
N SER B 526 47.43 -10.95 -12.98
CA SER B 526 46.43 -10.15 -13.74
C SER B 526 46.23 -8.76 -13.14
N CYS B 527 46.29 -8.61 -11.81
CA CYS B 527 45.54 -7.57 -11.05
C CYS B 527 46.40 -6.33 -10.80
N GLY B 528 47.39 -6.11 -11.65
CA GLY B 528 48.18 -4.87 -11.69
C GLY B 528 49.51 -5.11 -12.41
N PRO B 529 50.44 -4.14 -12.34
CA PRO B 529 51.74 -4.27 -12.97
C PRO B 529 52.44 -5.51 -12.38
N GLY B 530 53.20 -6.23 -13.19
CA GLY B 530 53.99 -7.39 -12.72
C GLY B 530 54.95 -6.94 -11.65
N GLY B 531 55.22 -7.81 -10.68
CA GLY B 531 56.01 -7.41 -9.51
C GLY B 531 56.36 -8.60 -8.66
N GLU B 532 56.86 -8.31 -7.47
CA GLU B 532 57.33 -9.33 -6.52
C GLU B 532 56.49 -9.27 -5.24
N LYS B 533 56.14 -10.44 -4.71
CA LYS B 533 55.67 -10.59 -3.31
C LYS B 533 56.83 -10.24 -2.37
N LEU B 534 56.54 -9.91 -1.11
CA LEU B 534 57.63 -9.76 -0.09
C LEU B 534 58.50 -11.04 -0.06
N ILE B 535 57.91 -12.24 -0.04
CA ILE B 535 58.76 -13.48 0.01
C ILE B 535 59.66 -13.58 -1.23
N GLU B 536 59.20 -13.13 -2.40
CA GLU B 536 60.02 -13.26 -3.65
C GLU B 536 61.14 -12.23 -3.58
N TYR B 537 60.85 -11.02 -3.11
CA TYR B 537 61.83 -9.93 -2.98
C TYR B 537 62.96 -10.38 -2.06
N VAL B 538 62.62 -10.89 -0.87
CA VAL B 538 63.68 -11.22 0.14
C VAL B 538 64.52 -12.40 -0.41
N GLU B 539 63.90 -13.38 -1.05
CA GLU B 539 64.58 -14.59 -1.57
C GLU B 539 65.61 -14.14 -2.63
N LYS B 540 65.23 -13.20 -3.50
CA LYS B 540 66.15 -12.66 -4.54
C LYS B 540 67.32 -11.89 -3.91
N GLU B 541 67.04 -11.07 -2.87
CA GLU B 541 68.09 -10.38 -2.07
C GLU B 541 69.15 -11.41 -1.64
N TRP B 542 68.71 -12.51 -1.05
CA TRP B 542 69.61 -13.53 -0.44
C TRP B 542 70.30 -14.34 -1.56
N LYS B 543 69.67 -14.51 -2.71
CA LYS B 543 70.25 -15.25 -3.86
C LYS B 543 70.94 -14.32 -4.85
N LYS B 544 71.01 -13.03 -4.55
CA LYS B 544 71.67 -12.00 -5.41
C LYS B 544 71.11 -12.02 -6.85
N GLN B 545 69.80 -12.05 -6.99
CA GLN B 545 69.13 -12.04 -8.32
C GLN B 545 68.47 -10.70 -8.57
N PRO B 546 68.42 -10.22 -9.84
CA PRO B 546 67.78 -8.95 -10.18
C PRO B 546 66.30 -8.89 -9.78
N HIS B 547 65.87 -7.71 -9.35
CA HIS B 547 64.45 -7.40 -9.04
C HIS B 547 63.75 -6.93 -10.33
N VAL B 548 62.51 -7.37 -10.56
CA VAL B 548 61.72 -7.05 -11.79
C VAL B 548 60.37 -6.45 -11.36
N GLY B 549 59.96 -5.36 -12.01
CA GLY B 549 58.58 -4.81 -11.91
C GLY B 549 58.34 -4.11 -10.57
N GLU B 550 57.11 -4.11 -10.06
CA GLU B 550 56.67 -3.38 -8.84
C GLU B 550 57.17 -4.10 -7.56
N LEU B 551 57.90 -3.39 -6.70
CA LEU B 551 58.60 -3.95 -5.50
C LEU B 551 57.85 -3.57 -4.23
N PRO B 552 57.78 -4.52 -3.27
CA PRO B 552 56.99 -4.32 -2.06
C PRO B 552 57.50 -3.12 -1.22
N LEU B 553 58.80 -2.85 -1.20
CA LEU B 553 59.33 -1.75 -0.33
C LEU B 553 58.97 -0.38 -0.96
N ASP B 554 58.96 -0.30 -2.29
CA ASP B 554 58.49 0.89 -3.05
C ASP B 554 57.01 1.17 -2.71
N ILE B 555 56.15 0.15 -2.72
CA ILE B 555 54.70 0.29 -2.47
C ILE B 555 54.44 0.80 -1.04
N ILE B 556 55.01 0.21 0.02
CA ILE B 556 54.75 0.72 1.39
C ILE B 556 55.23 2.19 1.49
N ASN B 557 56.33 2.55 0.82
CA ASN B 557 56.85 3.95 0.78
C ASN B 557 55.78 4.84 0.12
N GLN B 558 55.25 4.42 -1.02
CA GLN B 558 54.23 5.22 -1.74
C GLN B 558 52.98 5.39 -0.87
N VAL B 559 52.59 4.31 -0.20
CA VAL B 559 51.33 4.26 0.59
C VAL B 559 51.43 5.20 1.81
N ILE B 560 52.57 5.30 2.51
CA ILE B 560 52.67 6.27 3.64
C ILE B 560 52.60 7.70 3.07
N GLU B 561 53.16 7.95 1.89
CA GLU B 561 53.13 9.27 1.23
C GLU B 561 51.67 9.60 0.84
N HIS B 562 50.90 8.61 0.37
CA HIS B 562 49.47 8.75 0.03
C HIS B 562 48.73 9.17 1.30
N GLY B 563 49.02 8.52 2.44
CA GLY B 563 48.32 8.74 3.72
C GLY B 563 48.58 10.13 4.27
N ASP B 564 49.87 10.51 4.29
CA ASP B 564 50.32 11.83 4.79
C ASP B 564 49.67 12.96 3.97
N LYS B 565 49.65 12.84 2.65
CA LYS B 565 49.11 13.88 1.74
C LYS B 565 47.61 14.01 1.91
N ALA B 566 46.90 12.89 2.07
CA ALA B 566 45.43 12.86 2.15
C ALA B 566 45.06 13.54 3.45
N VAL B 567 45.75 13.24 4.54
CA VAL B 567 45.53 13.91 5.87
C VAL B 567 45.85 15.39 5.75
N ALA B 568 47.02 15.79 5.23
CA ALA B 568 47.41 17.22 5.08
C ALA B 568 46.33 18.01 4.28
N ALA B 569 45.80 17.44 3.19
CA ALA B 569 44.84 18.12 2.30
C ALA B 569 43.50 18.30 3.04
N ILE B 570 42.95 17.23 3.61
CA ILE B 570 41.60 17.26 4.25
C ILE B 570 41.66 18.18 5.48
N ASP B 571 42.76 18.16 6.26
CA ASP B 571 42.85 18.96 7.51
C ASP B 571 42.73 20.47 7.21
N LYS B 572 43.15 20.94 6.03
CA LYS B 572 43.15 22.37 5.61
C LYS B 572 41.74 22.91 5.35
N VAL B 573 40.75 22.06 5.07
CA VAL B 573 39.42 22.49 4.55
C VAL B 573 38.30 22.08 5.53
N VAL B 574 38.49 21.06 6.36
CA VAL B 574 37.37 20.42 7.13
C VAL B 574 36.57 21.55 7.79
N SER B 575 37.30 22.51 8.34
CA SER B 575 36.89 23.71 9.13
C SER B 575 35.88 24.60 8.38
N SER B 576 35.97 24.73 7.05
CA SER B 576 35.35 25.83 6.26
C SER B 576 34.01 25.42 5.62
N ALA B 577 33.50 24.22 5.86
CA ALA B 577 32.24 23.70 5.26
C ALA B 577 31.02 24.53 5.70
N LYS B 578 30.16 24.95 4.77
CA LYS B 578 28.90 25.68 5.09
C LYS B 578 27.68 24.76 4.93
N LYS B 579 27.86 23.57 4.35
CA LYS B 579 26.81 22.52 4.22
C LYS B 579 27.47 21.15 4.46
N ASN B 580 26.69 20.15 4.84
CA ASN B 580 27.15 18.74 5.03
C ASN B 580 28.42 18.75 5.87
N SER B 581 28.46 19.59 6.90
CA SER B 581 29.65 19.76 7.77
C SER B 581 30.00 18.42 8.45
N ASP B 582 28.99 17.75 9.01
CA ASP B 582 29.13 16.44 9.72
C ASP B 582 29.79 15.41 8.81
N GLU B 583 29.39 15.35 7.55
CA GLU B 583 29.90 14.40 6.52
C GLU B 583 31.37 14.73 6.18
N LEU B 584 31.74 16.00 6.13
CA LEU B 584 33.15 16.40 5.94
C LEU B 584 33.95 15.95 7.17
N ARG B 585 33.40 15.98 8.38
CA ARG B 585 34.15 15.55 9.58
C ARG B 585 34.37 14.03 9.55
N ARG B 586 33.40 13.26 9.04
CA ARG B 586 33.57 11.78 8.84
C ARG B 586 34.61 11.53 7.73
N LEU B 587 34.62 12.32 6.65
CA LEU B 587 35.62 12.16 5.57
C LEU B 587 37.00 12.46 6.15
N GLN B 588 37.10 13.53 6.94
CA GLN B 588 38.34 13.81 7.69
C GLN B 588 38.73 12.55 8.50
N ASN B 589 37.81 11.99 9.28
CA ASN B 589 38.14 10.84 10.15
C ASN B 589 38.65 9.67 9.28
N ASP B 590 37.99 9.39 8.15
CA ASP B 590 38.34 8.30 7.21
C ASP B 590 39.77 8.50 6.73
N MSE B 591 40.18 9.74 6.46
CA MSE B 591 41.52 9.98 5.96
C MSE B 591 42.55 9.70 7.06
O MSE B 591 43.63 9.17 6.78
CB MSE B 591 41.72 11.39 5.42
CG MSE B 591 40.85 11.78 4.27
SE MSE B 591 40.97 10.67 2.67
CE MSE B 591 39.65 9.27 3.03
N HIS B 592 42.19 10.03 8.30
CA HIS B 592 43.06 9.73 9.42
C HIS B 592 43.16 8.20 9.60
N CYS B 593 42.07 7.46 9.38
CA CYS B 593 42.06 5.97 9.46
C CYS B 593 43.01 5.37 8.42
N TYR B 594 42.89 5.80 7.16
CA TYR B 594 43.76 5.40 6.02
C TYR B 594 45.22 5.69 6.39
N ARG B 595 45.51 6.84 6.99
CA ARG B 595 46.94 7.16 7.30
C ARG B 595 47.45 6.21 8.40
N GLU B 596 46.69 5.97 9.47
CA GLU B 596 47.11 5.06 10.56
C GLU B 596 47.29 3.64 10.01
N TYR B 597 46.33 3.19 9.20
CA TYR B 597 46.38 1.88 8.50
C TYR B 597 47.70 1.77 7.71
N ALA B 598 48.02 2.74 6.85
CA ALA B 598 49.23 2.78 6.00
C ALA B 598 50.51 2.67 6.86
N TYR B 599 50.58 3.38 7.99
CA TYR B 599 51.74 3.35 8.92
C TYR B 599 51.82 1.99 9.62
N ALA B 600 50.71 1.45 10.12
CA ALA B 600 50.65 0.10 10.74
C ALA B 600 51.18 -0.92 9.72
N PHE B 601 50.71 -0.83 8.47
CA PHE B 601 51.09 -1.75 7.38
C PHE B 601 52.58 -1.63 7.06
N TYR B 602 53.10 -0.42 6.92
CA TYR B 602 54.52 -0.12 6.66
C TYR B 602 55.41 -0.86 7.68
N TYR B 603 55.16 -0.66 8.97
CA TYR B 603 56.02 -1.20 10.05
C TYR B 603 55.93 -2.73 10.09
N LYS B 604 54.75 -3.28 9.84
CA LYS B 604 54.54 -4.74 9.85
C LYS B 604 55.28 -5.37 8.66
N VAL B 605 55.25 -4.75 7.47
CA VAL B 605 56.01 -5.29 6.30
C VAL B 605 57.50 -5.23 6.60
N LYS B 606 58.00 -4.14 7.19
CA LYS B 606 59.45 -4.04 7.56
C LYS B 606 59.79 -5.13 8.58
N ALA B 607 58.88 -5.42 9.52
CA ALA B 607 59.10 -6.51 10.50
C ALA B 607 59.19 -7.86 9.78
N ALA B 608 58.25 -8.12 8.86
CA ALA B 608 58.19 -9.39 8.08
C ALA B 608 59.46 -9.57 7.26
N GLN B 609 60.03 -8.49 6.74
CA GLN B 609 61.32 -8.56 6.00
C GLN B 609 62.41 -9.09 6.95
N HIS B 610 62.52 -8.56 8.16
CA HIS B 610 63.50 -9.06 9.17
C HIS B 610 63.26 -10.56 9.45
N VAL B 611 62.01 -10.98 9.62
CA VAL B 611 61.68 -12.41 9.90
C VAL B 611 62.04 -13.27 8.68
N LEU B 612 61.80 -12.80 7.47
CA LEU B 612 62.29 -13.52 6.27
C LEU B 612 63.83 -13.49 6.17
N ASN B 613 64.48 -12.40 6.55
CA ASN B 613 65.98 -12.43 6.67
C ASN B 613 66.41 -13.55 7.62
N TYR B 614 65.69 -13.76 8.72
CA TYR B 614 66.01 -14.84 9.70
C TYR B 614 65.81 -16.20 9.01
N HIS B 615 64.72 -16.35 8.26
CA HIS B 615 64.45 -17.62 7.55
C HIS B 615 65.69 -18.00 6.69
N TRP B 616 66.23 -17.07 5.90
CA TRP B 616 67.33 -17.33 4.93
C TRP B 616 68.70 -17.44 5.63
N GLY B 617 69.09 -16.48 6.47
CA GLY B 617 70.44 -16.44 7.07
C GLY B 617 70.57 -16.98 8.49
N LYS B 618 69.47 -17.14 9.24
CA LYS B 618 69.41 -17.74 10.60
C LYS B 618 70.22 -16.89 11.60
N ASN B 619 70.30 -15.57 11.38
CA ASN B 619 70.89 -14.60 12.34
C ASN B 619 69.80 -14.12 13.29
N MSE B 620 69.90 -14.49 14.57
CA MSE B 620 68.87 -14.16 15.56
C MSE B 620 68.71 -12.65 15.77
O MSE B 620 67.62 -12.21 16.15
CB MSE B 620 69.10 -14.91 16.87
CG MSE B 620 67.89 -15.76 17.30
SE MSE B 620 68.45 -17.10 18.63
CE MSE B 620 70.38 -17.47 18.51
N ASP B 621 69.77 -11.84 15.47
CA ASP B 621 69.68 -10.38 15.50
C ASP B 621 68.54 -9.86 14.60
N GLU B 622 68.17 -10.58 13.53
CA GLU B 622 67.02 -10.20 12.66
C GLU B 622 65.68 -10.24 13.43
N LEU B 623 65.49 -11.23 14.31
CA LEU B 623 64.25 -11.38 15.10
C LEU B 623 64.19 -10.26 16.14
N ASP B 624 65.31 -9.92 16.74
CA ASP B 624 65.44 -8.75 17.66
C ASP B 624 65.00 -7.47 16.93
N LYS B 625 65.41 -7.26 15.68
CA LYS B 625 65.04 -6.07 14.86
C LYS B 625 63.55 -6.05 14.51
N ALA B 626 62.89 -7.20 14.35
CA ALA B 626 61.44 -7.30 14.08
C ALA B 626 60.59 -6.78 15.26
N VAL B 627 61.04 -6.94 16.51
CA VAL B 627 60.22 -6.61 17.71
C VAL B 627 59.83 -5.13 17.76
N PRO B 628 60.77 -4.14 17.83
CA PRO B 628 60.37 -2.72 17.83
C PRO B 628 59.51 -2.30 16.61
N LEU B 629 59.67 -2.94 15.45
CA LEU B 629 58.82 -2.60 14.27
C LEU B 629 57.40 -3.10 14.48
N MSE B 630 57.26 -4.29 15.07
CA MSE B 630 55.91 -4.77 15.32
C MSE B 630 55.30 -3.88 16.40
O MSE B 630 54.13 -3.53 16.31
CB MSE B 630 55.90 -6.23 15.74
CG MSE B 630 56.33 -7.16 14.64
SE MSE B 630 56.51 -9.01 15.30
CE MSE B 630 54.68 -9.49 15.80
N GLU B 631 56.11 -3.48 17.41
CA GLU B 631 55.55 -2.66 18.46
C GLU B 631 55.05 -1.34 17.85
N GLU B 632 55.82 -0.75 16.94
CA GLU B 632 55.48 0.52 16.25
C GLU B 632 54.21 0.30 15.44
N SER B 633 54.12 -0.79 14.69
CA SER B 633 52.89 -1.19 13.96
C SER B 633 51.68 -1.21 14.90
N LEU B 634 51.78 -1.89 16.06
CA LEU B 634 50.67 -1.97 17.06
C LEU B 634 50.33 -0.58 17.63
N LYS B 635 51.32 0.32 17.76
CA LYS B 635 51.05 1.71 18.24
C LYS B 635 50.03 2.36 17.29
N HIS B 636 50.28 2.26 15.98
CA HIS B 636 49.42 2.87 14.93
C HIS B 636 48.10 2.11 14.83
N TYR B 637 48.10 0.79 15.01
CA TYR B 637 46.84 0.00 14.97
C TYR B 637 45.97 0.39 16.16
N THR B 638 46.55 0.61 17.34
CA THR B 638 45.81 1.04 18.55
C THR B 638 45.11 2.37 18.26
N LYS B 639 45.82 3.28 17.60
CA LYS B 639 45.30 4.61 17.19
C LYS B 639 44.16 4.43 16.18
N LEU B 640 44.26 3.48 15.25
CA LEU B 640 43.16 3.19 14.29
C LEU B 640 41.94 2.69 15.06
N VAL B 641 42.14 1.94 16.13
CA VAL B 641 41.03 1.41 16.97
C VAL B 641 40.32 2.60 17.61
N ASP B 642 41.09 3.60 18.07
CA ASP B 642 40.56 4.81 18.75
C ASP B 642 39.79 5.67 17.76
N LEU B 643 40.20 5.70 16.49
CA LEU B 643 39.50 6.43 15.39
C LEU B 643 38.26 5.71 14.87
N THR B 644 38.12 4.39 15.08
CA THR B 644 37.03 3.55 14.49
C THR B 644 36.00 3.12 15.53
N LYS B 645 36.39 3.03 16.81
CA LYS B 645 35.55 2.35 17.86
C LYS B 645 34.20 3.07 18.01
N ASP B 646 34.17 4.40 17.84
CA ASP B 646 32.97 5.26 18.01
C ASP B 646 32.37 5.68 16.65
N THR B 647 33.01 5.39 15.51
CA THR B 647 32.64 5.97 14.17
C THR B 647 32.24 4.89 13.17
N TYR B 648 32.50 3.60 13.42
CA TYR B 648 32.06 2.49 12.53
C TYR B 648 31.47 1.36 13.35
N LEU B 649 30.50 0.67 12.78
CA LEU B 649 29.84 -0.51 13.37
C LEU B 649 30.72 -1.76 13.19
N PHE B 650 31.52 -1.80 12.13
CA PHE B 650 32.21 -3.01 11.61
C PHE B 650 32.91 -2.64 10.31
N ALA B 651 33.82 -3.51 9.85
CA ALA B 651 34.55 -3.38 8.59
C ALA B 651 33.81 -4.17 7.50
N ASN B 652 33.89 -5.50 7.54
CA ASN B 652 33.26 -6.40 6.52
C ASN B 652 31.73 -6.41 6.70
N SER B 653 31.00 -6.28 5.58
CA SER B 653 29.53 -6.47 5.55
C SER B 653 29.16 -7.95 5.35
N MSE B 654 30.07 -8.77 4.82
CA MSE B 654 29.86 -10.22 4.79
CA MSE B 654 29.85 -10.22 4.79
C MSE B 654 30.42 -10.81 6.08
O MSE B 654 31.65 -10.94 6.21
CB MSE B 654 30.50 -10.84 3.55
CB MSE B 654 30.47 -10.86 3.54
CG MSE B 654 30.02 -12.24 3.27
CG MSE B 654 29.77 -12.16 3.15
SE MSE B 654 31.14 -13.57 4.17
SE MSE B 654 30.93 -13.41 2.17
CE MSE B 654 32.76 -13.68 3.08
CE MSE B 654 32.69 -13.17 3.05
N GLN B 655 29.53 -11.13 7.03
CA GLN B 655 29.95 -11.40 8.39
C GLN B 655 29.72 -12.88 8.74
N THR B 656 30.23 -13.79 7.89
CA THR B 656 30.09 -15.26 8.05
C THR B 656 31.45 -15.96 7.96
N ALA B 657 31.45 -17.29 8.10
CA ALA B 657 32.65 -18.16 8.11
C ALA B 657 33.29 -18.22 6.72
N GLN B 658 32.64 -17.68 5.68
CA GLN B 658 33.26 -17.55 4.32
C GLN B 658 34.40 -16.50 4.34
N ARG B 659 34.42 -15.59 5.32
CA ARG B 659 35.49 -14.58 5.52
C ARG B 659 36.64 -15.25 6.30
N ARG B 660 37.79 -15.46 5.65
CA ARG B 660 38.93 -16.26 6.21
C ARG B 660 40.12 -15.36 6.58
N ILE B 661 40.34 -14.24 5.87
CA ILE B 661 41.56 -13.39 6.07
C ILE B 661 41.14 -12.00 6.55
N PRO B 662 41.68 -11.45 7.66
CA PRO B 662 42.84 -12.00 8.36
C PRO B 662 42.56 -13.20 9.25
N ILE B 663 41.28 -13.39 9.65
CA ILE B 663 40.84 -14.50 10.55
C ILE B 663 39.39 -14.82 10.25
N GLY B 664 38.90 -15.96 10.75
CA GLY B 664 37.50 -16.39 10.55
C GLY B 664 36.52 -15.29 10.96
N GLY B 665 35.52 -15.01 10.11
CA GLY B 665 34.44 -14.08 10.44
C GLY B 665 33.18 -14.82 10.88
N ASP B 666 33.33 -16.08 11.30
CA ASP B 666 32.27 -17.01 11.78
C ASP B 666 31.35 -16.26 12.76
N ASP B 667 30.04 -16.31 12.45
CA ASP B 667 28.91 -15.84 13.31
C ASP B 667 29.04 -14.33 13.60
N GLY B 668 29.60 -13.55 12.66
CA GLY B 668 29.82 -12.09 12.83
C GLY B 668 30.95 -11.75 13.79
N ASN B 669 31.85 -12.70 14.09
CA ASN B 669 33.01 -12.45 14.98
C ASN B 669 34.09 -11.75 14.15
N ASN B 670 34.96 -10.99 14.79
CA ASN B 670 36.19 -10.45 14.15
C ASN B 670 35.82 -9.53 12.99
N LYS B 671 34.86 -8.64 13.20
CA LYS B 671 34.43 -7.67 12.16
C LYS B 671 34.81 -6.24 12.56
N THR B 672 35.56 -6.04 13.64
CA THR B 672 35.96 -4.68 14.11
C THR B 672 37.47 -4.66 14.38
N TRP B 673 38.07 -3.48 14.26
CA TRP B 673 39.51 -3.24 14.57
C TRP B 673 39.75 -3.51 16.06
N SER B 674 38.80 -3.17 16.95
CA SER B 674 38.82 -3.51 18.41
C SER B 674 39.16 -5.00 18.59
N GLU B 675 38.40 -5.85 17.94
CA GLU B 675 38.49 -7.34 18.06
C GLU B 675 39.85 -7.81 17.57
N MSE B 676 40.30 -7.24 16.44
CA MSE B 676 41.55 -7.63 15.80
C MSE B 676 42.74 -7.23 16.66
O MSE B 676 43.74 -7.95 16.74
CB MSE B 676 41.63 -6.97 14.42
CG MSE B 676 40.60 -7.44 13.39
SE MSE B 676 40.50 -9.41 13.26
CE MSE B 676 42.38 -9.96 12.94
N LEU B 677 42.68 -6.06 17.33
CA LEU B 677 43.77 -5.60 18.17
C LEU B 677 44.12 -6.65 19.23
N VAL B 678 43.14 -7.39 19.74
CA VAL B 678 43.37 -8.47 20.75
C VAL B 678 44.28 -9.57 20.15
N HIS B 679 43.98 -10.03 18.95
CA HIS B 679 44.76 -11.04 18.18
C HIS B 679 46.16 -10.53 17.86
N TYR B 680 46.30 -9.23 17.50
CA TYR B 680 47.58 -8.63 17.09
C TYR B 680 48.48 -8.49 18.34
N LYS B 681 47.92 -8.17 19.51
CA LYS B 681 48.69 -8.19 20.78
C LYS B 681 49.17 -9.62 21.11
N ALA B 682 48.29 -10.61 20.98
CA ALA B 682 48.60 -12.04 21.26
C ALA B 682 49.74 -12.49 20.32
N GLU B 683 49.67 -12.09 19.05
CA GLU B 683 50.71 -12.33 18.03
C GLU B 683 52.08 -11.84 18.56
N LEU B 684 52.19 -10.58 18.97
CA LEU B 684 53.46 -9.99 19.47
C LEU B 684 53.91 -10.68 20.77
N TYR B 685 52.96 -10.95 21.69
CA TYR B 685 53.15 -11.78 22.90
C TYR B 685 53.82 -13.12 22.56
N ASN B 686 53.22 -13.90 21.66
CA ASN B 686 53.74 -15.23 21.22
C ASN B 686 55.17 -15.10 20.65
N PHE B 687 55.40 -14.09 19.80
CA PHE B 687 56.70 -13.87 19.11
C PHE B 687 57.81 -13.62 20.13
N LYS B 688 57.54 -12.75 21.10
CA LYS B 688 58.53 -12.38 22.16
C LYS B 688 58.87 -13.60 23.03
N GLU B 689 57.86 -14.34 23.45
CA GLU B 689 57.99 -15.64 24.17
C GLU B 689 58.83 -16.63 23.35
N ASN B 690 58.55 -16.76 22.06
CA ASN B 690 59.24 -17.76 21.19
C ASN B 690 60.69 -17.33 21.03
N ILE B 691 60.92 -16.02 20.91
CA ILE B 691 62.28 -15.39 20.85
C ILE B 691 63.05 -15.75 22.13
N GLU B 692 62.42 -15.65 23.32
CA GLU B 692 63.10 -15.92 24.62
C GLU B 692 63.48 -17.40 24.69
N MSE B 693 62.59 -18.27 24.21
CA MSE B 693 62.82 -19.70 24.28
C MSE B 693 63.95 -20.10 23.34
O MSE B 693 64.74 -20.99 23.66
CB MSE B 693 61.55 -20.48 23.94
CG MSE B 693 61.74 -21.98 23.87
SE MSE B 693 60.17 -22.86 23.05
CE MSE B 693 59.76 -22.25 21.20
N LEU B 694 64.03 -19.44 22.18
CA LEU B 694 65.08 -19.71 21.21
C LEU B 694 66.42 -19.27 21.78
N LYS B 695 66.49 -18.08 22.35
CA LYS B 695 67.75 -17.56 22.95
C LYS B 695 68.22 -18.48 24.08
N ASP B 696 67.32 -18.93 24.94
CA ASP B 696 67.64 -19.72 26.15
C ASP B 696 67.95 -21.19 25.81
N LYS B 697 67.11 -21.82 25.01
CA LYS B 697 67.03 -23.30 24.85
C LYS B 697 67.37 -23.78 23.43
N LYS B 698 67.15 -22.92 22.41
CA LYS B 698 67.45 -23.23 20.98
C LYS B 698 66.53 -24.35 20.51
N VAL B 699 65.25 -24.29 20.92
CA VAL B 699 64.23 -25.30 20.52
C VAL B 699 62.96 -24.59 20.05
N ARG B 700 62.32 -25.16 19.04
CA ARG B 700 61.03 -24.68 18.50
C ARG B 700 60.09 -25.88 18.54
N LYS B 701 58.81 -25.62 18.30
CA LYS B 701 57.75 -26.65 18.22
C LYS B 701 57.73 -27.14 16.78
N CYS B 702 57.73 -28.44 16.56
CA CYS B 702 57.42 -29.01 15.23
C CYS B 702 56.50 -30.22 15.33
N VAL B 703 55.95 -30.66 14.20
CA VAL B 703 54.93 -31.74 14.15
C VAL B 703 55.55 -33.09 14.50
N GLU B 704 54.94 -33.79 15.45
CA GLU B 704 55.20 -35.24 15.67
C GLU B 704 54.23 -36.00 14.76
N VAL B 705 54.76 -36.78 13.83
CA VAL B 705 54.00 -37.50 12.78
C VAL B 705 53.58 -38.87 13.33
N THR B 706 52.28 -39.10 13.51
CA THR B 706 51.71 -40.39 14.02
C THR B 706 50.47 -40.74 13.19
N PRO B 707 50.16 -42.05 13.02
CA PRO B 707 48.89 -42.50 12.43
C PRO B 707 47.68 -41.95 13.20
N LEU B 708 46.74 -41.37 12.46
CA LEU B 708 45.44 -40.89 12.98
C LEU B 708 44.60 -42.09 13.46
N LYS B 709 44.02 -41.96 14.66
CA LYS B 709 43.17 -43.04 15.24
C LYS B 709 41.83 -43.04 14.49
N GLU B 710 41.44 -44.21 14.01
CA GLU B 710 40.24 -44.42 13.18
C GLU B 710 38.98 -44.28 14.05
N ALA B 711 38.01 -43.50 13.61
CA ALA B 711 36.73 -43.24 14.32
C ALA B 711 35.75 -44.40 14.16
N ASP B 712 34.93 -44.65 15.19
CA ASP B 712 33.76 -45.57 15.20
C ASP B 712 32.61 -44.89 14.44
N VAL B 713 32.56 -45.09 13.12
CA VAL B 713 31.50 -44.52 12.25
C VAL B 713 30.70 -45.69 11.67
N LYS B 714 29.39 -45.51 11.46
CA LYS B 714 28.56 -46.54 10.78
C LYS B 714 28.24 -46.02 9.38
N ILE B 715 28.69 -46.71 8.36
CA ILE B 715 28.43 -46.32 6.95
C ILE B 715 27.05 -46.87 6.56
N LEU B 716 26.19 -46.05 5.98
CA LEU B 716 24.74 -46.33 5.83
C LEU B 716 24.40 -46.67 4.37
N ASN B 717 25.24 -46.34 3.39
CA ASN B 717 24.93 -46.56 1.95
C ASN B 717 25.86 -47.62 1.30
N ASN B 718 26.31 -48.64 2.02
CA ASN B 718 26.95 -49.85 1.38
C ASN B 718 28.06 -49.39 0.41
N LEU B 719 29.15 -48.86 0.96
CA LEU B 719 30.36 -48.53 0.18
C LEU B 719 31.33 -49.71 0.36
N THR B 720 32.27 -49.93 -0.57
CA THR B 720 33.29 -51.00 -0.44
C THR B 720 34.48 -50.47 0.38
N LYS B 721 34.83 -51.15 1.46
CA LYS B 721 35.91 -50.70 2.40
C LYS B 721 37.27 -51.26 1.94
N VAL B 722 38.34 -50.46 2.08
CA VAL B 722 39.75 -50.89 1.84
C VAL B 722 40.67 -50.28 2.91
N LYS B 723 41.63 -51.05 3.42
CA LYS B 723 42.65 -50.53 4.35
C LYS B 723 43.62 -49.65 3.53
N ILE B 724 43.81 -48.41 3.97
CA ILE B 724 44.73 -47.41 3.36
C ILE B 724 46.17 -47.74 3.83
N GLU B 725 46.99 -48.20 2.90
CA GLU B 725 48.42 -48.57 3.08
C GLU B 725 49.07 -48.54 1.69
N LYS B 726 50.38 -48.76 1.60
CA LYS B 726 51.08 -48.90 0.30
C LYS B 726 50.48 -50.12 -0.41
N GLY B 727 50.23 -50.01 -1.73
CA GLY B 727 49.74 -51.13 -2.56
C GLY B 727 48.23 -51.16 -2.68
N ALA B 728 47.49 -50.50 -1.78
CA ALA B 728 46.01 -50.52 -1.76
C ALA B 728 45.47 -49.90 -3.06
N LYS B 729 44.44 -50.50 -3.66
CA LYS B 729 43.73 -49.94 -4.85
C LYS B 729 42.47 -49.18 -4.40
N ILE B 730 42.52 -47.84 -4.29
CA ILE B 730 41.32 -46.99 -3.99
C ILE B 730 40.52 -46.78 -5.28
N PHE B 731 41.00 -47.31 -6.41
CA PHE B 731 40.32 -47.30 -7.73
C PHE B 731 40.21 -48.72 -8.27
N SER B 732 38.98 -49.24 -8.36
CA SER B 732 38.66 -50.61 -8.83
C SER B 732 38.86 -50.77 -10.34
N ASN B 733 39.11 -49.66 -11.07
CA ASN B 733 39.15 -49.58 -12.55
C ASN B 733 40.58 -49.37 -13.07
N ILE B 734 41.60 -49.41 -12.21
CA ILE B 734 43.03 -49.37 -12.66
C ILE B 734 43.81 -50.52 -12.01
N ASP B 735 45.07 -50.71 -12.42
CA ASP B 735 46.03 -51.67 -11.82
C ASP B 735 46.74 -50.94 -10.67
N GLY B 736 47.03 -49.65 -10.87
CA GLY B 736 47.80 -48.80 -9.95
C GLY B 736 47.21 -48.81 -8.55
N GLY B 737 48.09 -48.89 -7.54
CA GLY B 737 47.74 -48.77 -6.12
C GLY B 737 48.51 -47.63 -5.50
N ILE B 738 48.28 -47.38 -4.21
CA ILE B 738 48.97 -46.34 -3.40
C ILE B 738 50.47 -46.68 -3.35
N ASP B 739 51.36 -45.75 -3.70
CA ASP B 739 52.83 -46.01 -3.63
C ASP B 739 53.57 -44.84 -2.97
N ALA B 740 52.88 -43.91 -2.32
CA ALA B 740 53.48 -42.88 -1.45
C ALA B 740 52.37 -42.28 -0.57
N ILE B 741 52.57 -42.20 0.74
CA ILE B 741 51.45 -41.97 1.69
C ILE B 741 51.95 -41.39 3.01
N ALA B 742 51.44 -40.21 3.39
CA ALA B 742 51.59 -39.64 4.74
C ALA B 742 51.32 -40.73 5.78
N LYS B 743 52.24 -40.92 6.74
CA LYS B 743 52.07 -41.89 7.85
C LYS B 743 50.73 -41.63 8.59
N GLU B 744 50.33 -40.37 8.77
CA GLU B 744 49.04 -39.91 9.39
C GLU B 744 47.81 -40.70 8.88
N ILE B 745 47.82 -41.09 7.60
CA ILE B 745 46.69 -41.76 6.87
C ILE B 745 46.81 -43.28 7.00
N THR B 746 48.02 -43.81 7.23
CA THR B 746 48.28 -45.27 7.31
C THR B 746 47.48 -45.87 8.51
N GLY B 747 46.83 -47.02 8.19
CA GLY B 747 45.93 -47.73 9.11
C GLY B 747 44.46 -47.30 8.97
N LEU B 748 44.11 -46.16 8.37
CA LEU B 748 42.67 -45.79 8.22
C LEU B 748 41.97 -46.76 7.27
N THR B 749 40.65 -46.96 7.47
CA THR B 749 39.74 -47.66 6.52
C THR B 749 39.06 -46.61 5.65
N GLY B 750 39.35 -46.67 4.36
CA GLY B 750 38.80 -45.77 3.34
C GLY B 750 37.85 -46.54 2.46
N PHE B 751 37.64 -46.07 1.23
CA PHE B 751 36.68 -46.64 0.27
C PHE B 751 37.30 -46.84 -1.12
N VAL B 752 36.71 -47.82 -1.83
CA VAL B 752 37.08 -48.22 -3.22
C VAL B 752 35.97 -47.72 -4.13
N PHE B 753 36.35 -46.95 -5.15
CA PHE B 753 35.46 -46.42 -6.21
C PHE B 753 36.02 -46.74 -7.60
N ASN B 754 35.14 -46.85 -8.60
CA ASN B 754 35.51 -46.84 -10.04
C ASN B 754 35.54 -45.37 -10.47
N GLY B 755 36.69 -44.86 -10.91
CA GLY B 755 36.89 -43.45 -11.30
C GLY B 755 35.94 -43.02 -12.42
N GLU B 756 35.74 -43.87 -13.43
CA GLU B 756 34.86 -43.56 -14.60
C GLU B 756 33.42 -43.34 -14.09
N LYS B 757 32.94 -44.20 -13.20
CA LYS B 757 31.60 -44.02 -12.57
C LYS B 757 31.62 -42.74 -11.73
N GLN B 758 32.73 -42.43 -11.04
CA GLN B 758 32.82 -41.14 -10.30
C GLN B 758 32.59 -39.97 -11.27
N ARG B 759 33.14 -40.05 -12.49
CA ARG B 759 33.02 -38.99 -13.55
C ARG B 759 31.55 -38.77 -13.91
N ASP B 760 30.70 -39.80 -13.84
CA ASP B 760 29.26 -39.75 -14.23
C ASP B 760 28.38 -39.45 -13.01
N ASP B 761 28.59 -40.14 -11.88
CA ASP B 761 27.61 -40.18 -10.75
C ASP B 761 28.08 -39.39 -9.53
N ALA B 762 29.35 -38.98 -9.49
CA ALA B 762 29.94 -38.29 -8.31
C ALA B 762 30.09 -39.32 -7.19
N THR B 763 30.30 -38.86 -5.95
CA THR B 763 30.50 -39.77 -4.80
C THR B 763 29.58 -39.30 -3.65
N THR B 764 28.64 -40.16 -3.26
CA THR B 764 27.76 -39.93 -2.08
C THR B 764 28.27 -40.78 -0.90
N ILE B 765 28.44 -40.15 0.26
CA ILE B 765 28.79 -40.80 1.56
C ILE B 765 27.68 -40.48 2.57
N GLU B 766 27.14 -41.52 3.18
CA GLU B 766 26.11 -41.44 4.26
C GLU B 766 26.56 -42.29 5.43
N PHE B 767 26.48 -41.73 6.64
CA PHE B 767 27.09 -42.29 7.85
C PHE B 767 26.50 -41.62 9.09
N GLU B 768 26.62 -42.27 10.24
CA GLU B 768 26.32 -41.67 11.55
C GLU B 768 27.53 -41.88 12.45
N CYS B 769 27.74 -40.92 13.35
CA CYS B 769 28.85 -40.89 14.34
C CYS B 769 28.27 -40.38 15.66
N SER B 770 28.82 -40.80 16.80
CA SER B 770 28.28 -40.50 18.15
C SER B 770 29.22 -39.51 18.87
N SER B 771 30.20 -38.98 18.17
CA SER B 771 31.00 -37.80 18.56
C SER B 771 31.61 -37.19 17.30
N PRO B 772 32.19 -35.96 17.36
CA PRO B 772 32.64 -35.29 16.16
C PRO B 772 33.75 -36.09 15.45
N VAL B 773 33.73 -36.07 14.11
CA VAL B 773 34.73 -36.74 13.25
C VAL B 773 35.15 -35.81 12.10
N THR B 774 36.35 -36.06 11.55
CA THR B 774 36.84 -35.53 10.27
C THR B 774 36.95 -36.68 9.28
N MSE B 775 36.31 -36.50 8.12
CA MSE B 775 36.53 -37.37 6.97
C MSE B 775 37.65 -36.79 6.14
O MSE B 775 37.66 -35.58 5.91
CB MSE B 775 35.24 -37.47 6.13
CG MSE B 775 35.18 -38.71 5.27
SE MSE B 775 33.54 -38.59 4.14
CE MSE B 775 33.93 -37.07 3.05
N LEU B 776 38.53 -37.66 5.62
CA LEU B 776 39.71 -37.26 4.85
C LEU B 776 39.45 -37.49 3.36
N VAL B 777 39.50 -36.44 2.54
CA VAL B 777 39.25 -36.53 1.08
C VAL B 777 40.51 -36.11 0.32
N ALA B 778 40.95 -36.97 -0.58
CA ALA B 778 42.10 -36.78 -1.49
C ALA B 778 41.62 -36.12 -2.79
N TYR B 779 42.02 -34.87 -3.04
CA TYR B 779 41.78 -34.21 -4.35
C TYR B 779 43.12 -34.12 -5.10
N PHE B 780 43.21 -34.75 -6.27
CA PHE B 780 44.47 -34.89 -7.03
C PHE B 780 44.86 -33.53 -7.64
N LYS B 781 46.16 -33.27 -7.78
CA LYS B 781 46.75 -32.03 -8.34
C LYS B 781 47.03 -32.27 -9.85
N ASP B 782 46.00 -32.16 -10.67
CA ASP B 782 46.08 -32.27 -12.15
C ASP B 782 44.87 -31.53 -12.74
N ASP B 783 45.10 -30.66 -13.73
CA ASP B 783 44.10 -29.71 -14.30
C ASP B 783 42.99 -30.43 -15.07
N HIS B 784 43.27 -31.64 -15.59
CA HIS B 784 42.34 -32.43 -16.44
C HIS B 784 41.02 -32.68 -15.69
N ARG B 785 39.88 -32.38 -16.31
CA ARG B 785 38.55 -32.28 -15.64
C ARG B 785 38.06 -33.66 -15.20
N LYS B 786 38.73 -34.71 -15.68
CA LYS B 786 38.65 -36.11 -15.22
C LYS B 786 38.78 -36.16 -13.68
N PHE B 787 39.50 -35.21 -13.09
CA PHE B 787 39.75 -35.14 -11.62
C PHE B 787 38.77 -34.17 -10.95
N ALA B 788 38.17 -34.61 -9.83
CA ALA B 788 37.29 -33.76 -9.01
C ALA B 788 38.17 -32.60 -8.50
N LYS B 789 37.64 -31.38 -8.49
CA LYS B 789 38.40 -30.18 -8.08
C LYS B 789 38.10 -29.85 -6.61
N ALA B 790 39.12 -29.41 -5.90
CA ALA B 790 39.04 -29.05 -4.48
C ALA B 790 38.08 -27.88 -4.32
N PRO B 791 37.44 -27.75 -3.14
CA PRO B 791 36.53 -26.64 -2.88
C PRO B 791 37.25 -25.28 -3.00
N ARG B 792 36.55 -24.26 -3.50
CA ARG B 792 37.12 -22.92 -3.70
C ARG B 792 36.10 -21.84 -3.33
N LEU B 793 36.35 -21.09 -2.25
CA LEU B 793 35.36 -20.13 -1.67
C LEU B 793 35.03 -19.00 -2.67
N GLU B 794 35.97 -18.60 -3.52
CA GLU B 794 35.76 -17.45 -4.44
C GLU B 794 34.66 -17.78 -5.46
N SER B 795 34.56 -19.05 -5.88
CA SER B 795 33.54 -19.49 -6.88
C SER B 795 32.47 -20.41 -6.25
N ASP B 796 32.39 -20.51 -4.93
CA ASP B 796 31.48 -21.47 -4.24
C ASP B 796 31.31 -21.05 -2.77
N ALA B 797 30.24 -20.31 -2.44
CA ALA B 797 29.98 -19.84 -1.07
C ALA B 797 29.82 -21.04 -0.12
N SER B 798 29.60 -22.26 -0.62
CA SER B 798 29.43 -23.48 0.22
C SER B 798 30.77 -24.21 0.47
N ALA B 799 31.92 -23.72 -0.05
CA ALA B 799 33.21 -24.46 -0.02
C ALA B 799 33.79 -24.58 1.40
N ASN B 800 33.14 -24.02 2.42
CA ASN B 800 33.60 -24.10 3.83
C ASN B 800 32.45 -24.56 4.72
N ASP B 801 31.40 -25.18 4.19
CA ASP B 801 30.28 -25.70 5.02
C ASP B 801 30.80 -26.82 5.93
N TYR B 802 31.85 -27.56 5.57
CA TYR B 802 32.42 -28.66 6.40
C TYR B 802 33.85 -28.31 6.83
N GLY B 803 34.19 -27.01 6.85
CA GLY B 803 35.56 -26.54 7.13
C GLY B 803 36.53 -27.14 6.14
N GLN B 804 36.10 -27.45 4.91
CA GLN B 804 36.97 -28.08 3.88
C GLN B 804 37.67 -27.06 2.96
N ALA B 805 37.57 -25.74 3.23
CA ALA B 805 38.05 -24.66 2.33
C ALA B 805 39.58 -24.76 2.11
N GLU B 806 40.34 -25.28 3.09
CA GLU B 806 41.83 -25.37 3.02
C GLU B 806 42.28 -26.82 3.27
N PRO B 807 43.27 -27.34 2.51
CA PRO B 807 43.83 -28.66 2.74
C PRO B 807 44.50 -28.73 4.13
N VAL B 808 44.60 -29.94 4.68
CA VAL B 808 45.32 -30.18 5.98
C VAL B 808 46.66 -30.85 5.69
N LEU B 809 46.73 -31.73 4.70
CA LEU B 809 47.99 -32.46 4.39
C LEU B 809 48.25 -32.31 2.88
N THR B 810 49.19 -31.43 2.52
CA THR B 810 49.52 -31.11 1.10
C THR B 810 50.56 -32.13 0.67
N ASN B 811 50.52 -32.55 -0.60
CA ASN B 811 51.55 -33.46 -1.20
C ASN B 811 51.62 -34.76 -0.40
N ALA B 812 50.46 -35.33 -0.02
CA ALA B 812 50.32 -36.32 1.07
C ALA B 812 50.04 -37.71 0.53
N LEU B 813 49.85 -37.85 -0.78
CA LEU B 813 49.41 -39.15 -1.34
C LEU B 813 49.68 -39.16 -2.83
N HIS B 814 50.20 -40.28 -3.32
CA HIS B 814 50.42 -40.58 -4.75
C HIS B 814 49.82 -41.95 -5.03
N VAL B 815 49.19 -42.13 -6.19
CA VAL B 815 48.66 -43.43 -6.70
C VAL B 815 49.29 -43.64 -8.09
N LYS B 816 49.66 -44.90 -8.39
CA LYS B 816 50.49 -45.27 -9.56
C LYS B 816 49.70 -45.19 -10.87
N GLY B 817 50.20 -44.38 -11.80
CA GLY B 817 49.60 -44.14 -13.12
C GLY B 817 48.37 -43.26 -12.98
N VAL B 818 48.37 -42.40 -11.96
CA VAL B 818 47.29 -41.43 -11.64
C VAL B 818 47.92 -40.06 -11.34
N ALA B 819 48.21 -39.73 -10.09
CA ALA B 819 48.75 -38.40 -9.74
C ALA B 819 48.98 -38.27 -8.23
N LEU B 820 49.35 -37.06 -7.81
CA LEU B 820 49.61 -36.60 -6.43
C LEU B 820 48.37 -35.87 -5.89
N ALA B 821 47.99 -36.12 -4.64
CA ALA B 821 46.82 -35.46 -4.00
C ALA B 821 47.21 -34.72 -2.73
N ASP B 822 46.45 -33.67 -2.46
CA ASP B 822 46.32 -32.98 -1.16
C ASP B 822 45.08 -33.55 -0.45
N ILE B 823 45.15 -33.65 0.88
CA ILE B 823 44.04 -34.16 1.72
C ILE B 823 43.34 -32.96 2.32
N TYR B 824 42.02 -32.96 2.19
CA TYR B 824 41.12 -31.92 2.71
C TYR B 824 40.26 -32.53 3.81
N PRO B 825 39.99 -31.79 4.91
CA PRO B 825 39.16 -32.28 6.00
C PRO B 825 37.69 -31.92 5.74
N TYR B 826 36.79 -32.87 6.00
CA TYR B 826 35.33 -32.64 6.03
C TYR B 826 34.92 -32.89 7.47
N LYS B 827 34.47 -31.83 8.17
CA LYS B 827 34.29 -31.82 9.64
C LYS B 827 32.81 -31.96 9.96
N PHE B 828 32.47 -32.80 10.94
CA PHE B 828 31.08 -33.16 11.32
C PHE B 828 30.96 -33.22 12.83
N LYS B 829 29.87 -32.67 13.37
CA LYS B 829 29.38 -32.89 14.75
C LYS B 829 28.78 -34.30 14.85
N ALA B 830 28.61 -34.82 16.06
CA ALA B 830 27.88 -36.09 16.30
C ALA B 830 26.55 -36.01 15.56
N GLY B 831 26.08 -37.10 14.95
CA GLY B 831 24.78 -37.13 14.27
C GLY B 831 24.79 -37.97 13.00
N ARG B 832 23.80 -37.73 12.13
CA ARG B 832 23.53 -38.46 10.86
C ARG B 832 23.91 -37.52 9.74
N HIS B 833 24.63 -37.99 8.73
CA HIS B 833 25.19 -37.06 7.71
C HIS B 833 25.08 -37.67 6.33
N THR B 834 24.76 -36.83 5.35
CA THR B 834 24.79 -37.18 3.92
C THR B 834 25.52 -36.06 3.20
N LEU B 835 26.41 -36.39 2.27
CA LEU B 835 27.24 -35.41 1.53
C LEU B 835 27.49 -35.97 0.13
N ILE B 836 27.30 -35.16 -0.92
CA ILE B 836 27.75 -35.48 -2.31
C ILE B 836 29.05 -34.73 -2.58
N LEU B 837 30.16 -35.46 -2.81
CA LEU B 837 31.46 -34.88 -3.24
C LEU B 837 31.43 -34.57 -4.75
N PRO B 838 32.33 -33.70 -5.25
CA PRO B 838 32.32 -33.30 -6.66
C PRO B 838 32.58 -34.50 -7.59
N LYS B 839 31.96 -34.46 -8.76
CA LYS B 839 32.18 -35.47 -9.82
C LYS B 839 33.64 -35.49 -10.26
N GLY B 840 34.15 -36.70 -10.56
CA GLY B 840 35.51 -36.96 -11.05
C GLY B 840 36.30 -37.81 -10.06
N TYR B 841 37.50 -38.21 -10.45
CA TYR B 841 38.40 -39.06 -9.64
C TYR B 841 38.67 -38.33 -8.34
N CYS B 842 38.40 -38.98 -7.21
CA CYS B 842 38.87 -38.53 -5.88
C CYS B 842 38.95 -39.71 -4.94
N GLY B 843 39.62 -39.51 -3.80
CA GLY B 843 39.76 -40.54 -2.77
C GLY B 843 39.02 -40.16 -1.50
N VAL B 844 38.39 -41.15 -0.86
CA VAL B 844 37.90 -40.99 0.54
C VAL B 844 38.67 -41.97 1.40
N LEU B 845 39.52 -41.45 2.29
CA LEU B 845 40.61 -42.24 2.95
C LEU B 845 40.16 -42.69 4.33
N GLY B 846 39.06 -42.15 4.87
CA GLY B 846 38.48 -42.64 6.13
C GLY B 846 38.19 -41.53 7.09
N PHE B 847 38.00 -41.89 8.36
CA PHE B 847 37.46 -41.00 9.41
C PHE B 847 38.33 -41.08 10.67
N THR B 848 38.53 -39.95 11.33
CA THR B 848 39.27 -39.89 12.63
C THR B 848 38.51 -38.95 13.58
N GLU B 849 38.58 -39.19 14.89
CA GLU B 849 38.05 -38.27 15.94
C GLU B 849 39.14 -37.33 16.46
N ASP B 850 40.39 -37.51 16.02
CA ASP B 850 41.56 -36.66 16.40
C ASP B 850 41.51 -35.29 15.68
N LYS B 851 42.02 -34.24 16.33
CA LYS B 851 42.52 -32.97 15.70
C LYS B 851 43.65 -33.34 14.73
N ILE B 852 43.55 -32.97 13.46
CA ILE B 852 44.60 -33.31 12.44
C ILE B 852 45.62 -32.18 12.37
N LYS B 853 46.90 -32.48 12.59
CA LYS B 853 47.97 -31.43 12.59
C LYS B 853 48.40 -31.12 11.17
N GLU B 854 48.08 -29.89 10.72
CA GLU B 854 48.41 -29.37 9.37
C GLU B 854 49.90 -29.57 9.14
N ARG B 855 50.24 -30.18 8.00
CA ARG B 855 51.62 -30.47 7.61
C ARG B 855 51.69 -30.37 6.10
N ASP B 856 52.76 -29.77 5.59
CA ASP B 856 53.15 -29.87 4.17
C ASP B 856 54.10 -31.06 4.02
N VAL B 857 53.63 -32.17 3.46
CA VAL B 857 54.38 -33.46 3.47
C VAL B 857 55.54 -33.40 2.47
N ALA B 865 58.57 -22.70 6.60
CA ALA B 865 58.38 -21.23 6.61
C ALA B 865 58.47 -20.74 8.05
N PRO B 866 58.88 -19.48 8.27
CA PRO B 866 59.14 -18.99 9.63
C PRO B 866 57.89 -18.56 10.40
N ASP B 867 56.69 -18.94 9.97
CA ASP B 867 55.45 -18.45 10.65
C ASP B 867 55.26 -19.21 11.98
N TRP B 868 55.99 -20.31 12.24
CA TRP B 868 55.91 -21.00 13.56
C TRP B 868 56.24 -20.00 14.70
N LEU B 869 56.96 -18.92 14.40
CA LEU B 869 57.36 -17.87 15.40
C LEU B 869 56.16 -17.12 16.01
N PHE B 870 54.96 -17.17 15.41
CA PHE B 870 53.79 -16.35 15.86
C PHE B 870 52.76 -17.21 16.62
N TYR B 871 53.05 -18.50 16.85
CA TYR B 871 52.11 -19.50 17.43
C TYR B 871 52.49 -19.76 18.88
N SER C . -29.48 12.96 1.53
CA SER C . -28.35 13.13 2.48
C SER C . -27.46 11.88 2.43
O SER C . -26.39 11.97 2.99
CB SER C . -28.83 13.39 3.89
OG SER C . -29.38 12.23 4.49
OXT SER C . -27.76 10.81 1.88
NA NA D . -20.83 13.59 -6.23
NA NA E . -25.21 5.37 1.34
NA NA F . 28.94 -23.35 -12.62
NA NA G . 15.21 -22.68 -9.90
NA NA H . 30.42 -11.35 -13.08
N SER I . 31.22 -14.74 -5.11
CA SER I . 29.75 -14.44 -5.25
C SER I . 29.43 -14.02 -6.69
O SER I . 30.31 -13.77 -7.54
CB SER I . 29.31 -13.38 -4.24
OG SER I . 29.83 -12.09 -4.57
OXT SER I . 28.23 -13.94 -7.03
#